data_6M20
#
_entry.id   6M20
#
_cell.length_a   120.000
_cell.length_b   68.300
_cell.length_c   175.300
_cell.angle_alpha   90.000
_cell.angle_beta   103.300
_cell.angle_gamma   90.000
#
_symmetry.space_group_name_H-M   'P 1 21 1'
#
loop_
_entity.id
_entity.type
_entity.pdbx_description
1 polymer 'Hexose transporter 1'
2 non-polymer beta-D-glucopyranose
3 non-polymer 'nonyl beta-D-glucopyranoside'
4 water water
#
_entity_poly.entity_id   1
_entity_poly.type   'polypeptide(L)'
_entity_poly.pdbx_seq_one_letter_code
;MTKSSKDICSENEGKKNGKSGFFSTSFKYVLSACIASFIFGYQVSVLNTIKNFIVVEFEWCKGEKDRLNCSNNTIQSSFL
LASVFIGAVLGCGFSGYLVQFGRRLSLLIIYNFFFLVSILTSITHHFHTILFARLLSGFGIGLVTVSVPMYISEMTHKDK
KGAYGVMHQLFITFGIFVAVMLGLAMGEGPKADSTEPLTSFAKLWWRLMFLFPSVISLIGILALVVFFKEETPYFLFEKG
RIEESKNILKKIYETDNVDEPLNAIKEAVEQNESAKKNSLSLLSALKIPSYRYVIILGCLLSGLQQFTGINVLVSNSNEL
YKEFLDSHLITILSVVMTAVNFLMTFPAIYIVEKLGRKTLLLWGCVGVLVAYLPTAIANEINRNSNFVKILSIVATFVMI
ISFAVSYGPVLWIYLHEMFPSEIKDSAASLASLVNWVCAIIVVFPSDIIIKKSPSILFIVFSVMSILTFFFIFFFIKETK
GGEIGTSPYITMEERQKHMTKSVV
;
_entity_poly.pdbx_strand_id   A,B,C,D
#
loop_
_chem_comp.id
_chem_comp.type
_chem_comp.name
_chem_comp.formula
BGC D-saccharide, beta linking beta-D-glucopyranose 'C6 H12 O6'
BNG D-saccharide 'nonyl beta-D-glucopyranoside' 'C15 H30 O6'
#
# COMPACT_ATOMS: atom_id res chain seq x y z
N PHE A 23 17.15 -20.19 -26.08
CA PHE A 23 17.13 -18.93 -25.37
C PHE A 23 15.73 -18.62 -24.83
N SER A 24 15.04 -19.66 -24.38
CA SER A 24 13.69 -19.50 -23.85
C SER A 24 13.71 -18.81 -22.49
N THR A 25 12.55 -18.72 -21.85
CA THR A 25 12.44 -18.10 -20.57
C THR A 25 13.04 -19.11 -19.65
N SER A 26 12.55 -20.35 -19.70
CA SER A 26 13.06 -21.42 -18.85
C SER A 26 14.58 -21.46 -18.91
N PHE A 27 15.14 -20.81 -19.93
CA PHE A 27 16.56 -20.76 -20.09
C PHE A 27 17.20 -19.63 -19.31
N LYS A 28 16.44 -18.61 -18.97
CA LYS A 28 16.99 -17.52 -18.22
C LYS A 28 17.02 -17.99 -16.82
N TYR A 29 16.03 -18.79 -16.50
CA TYR A 29 15.90 -19.33 -15.16
C TYR A 29 17.00 -20.33 -14.83
N VAL A 30 17.37 -21.17 -15.79
CA VAL A 30 18.42 -22.14 -15.57
C VAL A 30 19.78 -21.45 -15.54
N LEU A 31 19.89 -20.31 -16.23
CA LEU A 31 21.10 -19.50 -16.18
C LEU A 31 21.30 -18.98 -14.76
N SER A 32 20.20 -18.61 -14.11
CA SER A 32 20.24 -18.12 -12.75
C SER A 32 20.74 -19.22 -11.81
N ALA A 33 20.36 -20.46 -12.08
CA ALA A 33 20.77 -21.58 -11.27
C ALA A 33 22.20 -22.02 -11.62
N CYS A 34 22.61 -21.77 -12.86
CA CYS A 34 23.94 -22.19 -13.32
C CYS A 34 25.04 -21.26 -12.82
N ILE A 35 24.65 -20.16 -12.19
CA ILE A 35 25.61 -19.28 -11.55
C ILE A 35 26.26 -20.05 -10.39
N ALA A 36 25.45 -20.81 -9.68
CA ALA A 36 25.96 -21.67 -8.61
C ALA A 36 26.81 -22.80 -9.18
N SER A 37 26.50 -23.20 -10.42
CA SER A 37 27.28 -24.23 -11.10
C SER A 37 28.66 -23.68 -11.49
N PHE A 38 28.72 -22.38 -11.76
CA PHE A 38 29.99 -21.74 -12.10
C PHE A 38 30.88 -21.69 -10.86
N ILE A 39 30.29 -21.36 -9.72
CA ILE A 39 31.00 -21.35 -8.45
C ILE A 39 31.50 -22.76 -8.12
N PHE A 40 30.66 -23.76 -8.40
CA PHE A 40 31.01 -25.16 -8.26
C PHE A 40 32.37 -25.44 -8.90
N GLY A 41 32.43 -25.29 -10.22
CA GLY A 41 33.63 -25.55 -10.98
C GLY A 41 34.82 -24.69 -10.56
N TYR A 42 34.55 -23.44 -10.22
CA TYR A 42 35.61 -22.53 -9.79
C TYR A 42 36.24 -23.00 -8.48
N GLN A 43 35.41 -23.33 -7.50
CA GLN A 43 35.89 -23.75 -6.19
C GLN A 43 36.71 -25.03 -6.24
N VAL A 44 36.38 -25.91 -7.18
CA VAL A 44 37.06 -27.21 -7.28
C VAL A 44 38.49 -27.05 -7.79
N SER A 45 38.71 -26.09 -8.69
CA SER A 45 39.99 -25.97 -9.37
C SER A 45 40.83 -24.75 -8.96
N VAL A 46 40.26 -23.86 -8.14
CA VAL A 46 40.96 -22.62 -7.79
C VAL A 46 42.19 -22.87 -6.92
N LEU A 47 42.06 -23.74 -5.92
CA LEU A 47 43.15 -24.03 -5.00
C LEU A 47 44.29 -24.76 -5.72
N ASN A 48 43.94 -25.68 -6.59
CA ASN A 48 44.93 -26.42 -7.36
C ASN A 48 45.76 -25.50 -8.24
N THR A 49 45.14 -24.43 -8.72
CA THR A 49 45.80 -23.49 -9.62
C THR A 49 46.92 -22.71 -8.93
N ILE A 50 46.65 -22.24 -7.71
CA ILE A 50 47.59 -21.36 -7.02
C ILE A 50 48.12 -21.97 -5.70
N LYS A 51 48.14 -23.29 -5.63
CA LYS A 51 48.55 -23.97 -4.40
C LYS A 51 50.02 -23.71 -4.04
N ASN A 52 50.89 -23.84 -5.04
CA ASN A 52 52.32 -23.66 -4.84
C ASN A 52 52.69 -22.32 -4.21
N PHE A 53 51.93 -21.28 -4.57
CA PHE A 53 52.11 -19.96 -4.01
C PHE A 53 51.77 -19.95 -2.52
N ILE A 54 50.69 -20.65 -2.17
CA ILE A 54 50.28 -20.79 -0.78
C ILE A 54 51.33 -21.58 0.00
N VAL A 55 51.89 -22.60 -0.64
CA VAL A 55 52.93 -23.43 -0.04
C VAL A 55 54.14 -22.60 0.39
N VAL A 56 54.57 -21.70 -0.47
CA VAL A 56 55.72 -20.85 -0.17
C VAL A 56 55.38 -19.81 0.90
N GLU A 57 54.22 -19.18 0.76
CA GLU A 57 53.81 -18.14 1.69
C GLU A 57 53.53 -18.69 3.08
N PHE A 58 52.84 -19.83 3.15
CA PHE A 58 52.55 -20.45 4.43
C PHE A 58 53.78 -21.17 4.97
N GLU A 59 54.80 -21.29 4.13
CA GLU A 59 56.08 -21.91 4.49
C GLU A 59 55.91 -23.33 5.02
N TRP A 60 55.19 -24.15 4.28
CA TRP A 60 54.97 -25.54 4.66
C TRP A 60 56.25 -26.36 4.55
N CYS A 61 57.11 -25.99 3.60
CA CYS A 61 58.36 -26.71 3.37
C CYS A 61 59.57 -25.79 3.46
N LYS A 62 59.47 -24.77 4.32
CA LYS A 62 60.57 -23.83 4.48
C LYS A 62 61.71 -24.45 5.29
N GLY A 63 61.39 -25.49 6.04
CA GLY A 63 62.38 -26.16 6.87
C GLY A 63 63.41 -26.94 6.08
N GLU A 64 62.98 -27.59 5.01
CA GLU A 64 63.87 -28.40 4.20
C GLU A 64 64.50 -27.60 3.07
N LYS A 65 65.34 -28.27 2.27
CA LYS A 65 66.03 -27.63 1.16
C LYS A 65 65.05 -27.21 0.06
N ASP A 66 64.20 -28.15 -0.36
CA ASP A 66 63.17 -27.86 -1.35
C ASP A 66 61.96 -27.24 -0.65
N ARG A 67 61.52 -26.08 -1.14
CA ARG A 67 60.44 -25.35 -0.49
C ARG A 67 59.07 -25.66 -1.09
N LEU A 68 59.06 -26.43 -2.18
CA LEU A 68 57.81 -26.80 -2.83
C LEU A 68 57.50 -28.29 -2.70
N ASN A 69 58.53 -29.10 -2.56
CA ASN A 69 58.34 -30.55 -2.48
C ASN A 69 58.90 -31.16 -1.20
N CYS A 70 58.01 -31.47 -0.26
CA CYS A 70 58.36 -32.17 0.96
C CYS A 70 57.18 -32.99 1.45
N SER A 71 57.40 -33.78 2.50
CA SER A 71 56.37 -34.65 3.04
C SER A 71 55.21 -33.87 3.65
N ASN A 72 55.53 -32.76 4.32
CA ASN A 72 54.53 -31.94 4.99
C ASN A 72 53.51 -31.36 4.00
N ASN A 73 54.00 -30.95 2.83
CA ASN A 73 53.13 -30.41 1.79
C ASN A 73 52.18 -31.48 1.25
N THR A 74 52.71 -32.68 1.05
CA THR A 74 51.93 -33.78 0.49
C THR A 74 50.77 -34.17 1.41
N ILE A 75 51.06 -34.32 2.70
CA ILE A 75 50.06 -34.72 3.68
C ILE A 75 48.96 -33.66 3.81
N GLN A 76 49.36 -32.40 3.94
CA GLN A 76 48.41 -31.31 4.13
C GLN A 76 47.58 -31.05 2.88
N SER A 77 48.19 -31.22 1.70
CA SER A 77 47.46 -31.09 0.45
C SER A 77 46.44 -32.21 0.31
N SER A 78 46.77 -33.37 0.85
CA SER A 78 45.85 -34.50 0.85
C SER A 78 44.65 -34.20 1.73
N PHE A 79 44.89 -33.58 2.87
CA PHE A 79 43.81 -33.20 3.78
C PHE A 79 42.92 -32.13 3.16
N LEU A 80 43.53 -31.19 2.44
CA LEU A 80 42.78 -30.12 1.79
C LEU A 80 41.84 -30.68 0.73
N LEU A 81 42.33 -31.62 -0.07
CA LEU A 81 41.52 -32.26 -1.10
C LEU A 81 40.45 -33.14 -0.48
N ALA A 82 40.82 -33.87 0.57
CA ALA A 82 39.90 -34.76 1.25
C ALA A 82 38.78 -33.98 1.93
N SER A 83 39.11 -32.78 2.42
CA SER A 83 38.13 -31.94 3.09
C SER A 83 37.03 -31.49 2.14
N VAL A 84 37.38 -31.26 0.89
CA VAL A 84 36.42 -30.86 -0.13
C VAL A 84 35.48 -32.02 -0.45
N PHE A 85 36.07 -33.20 -0.64
CA PHE A 85 35.30 -34.41 -0.94
C PHE A 85 34.38 -34.79 0.22
N ILE A 86 34.92 -34.80 1.43
CA ILE A 86 34.16 -35.11 2.63
C ILE A 86 33.04 -34.08 2.82
N GLY A 87 33.38 -32.81 2.63
CA GLY A 87 32.40 -31.74 2.72
C GLY A 87 31.30 -31.90 1.71
N ALA A 88 31.67 -32.35 0.51
CA ALA A 88 30.70 -32.58 -0.56
C ALA A 88 29.74 -33.70 -0.19
N VAL A 89 30.25 -34.71 0.50
CA VAL A 89 29.43 -35.81 0.97
C VAL A 89 28.37 -35.32 1.96
N LEU A 90 28.83 -34.53 2.93
CA LEU A 90 27.93 -33.95 3.93
C LEU A 90 26.93 -32.99 3.28
N GLY A 91 27.41 -32.22 2.30
CA GLY A 91 26.58 -31.29 1.58
C GLY A 91 25.45 -31.98 0.83
N CYS A 92 25.78 -33.08 0.17
CA CYS A 92 24.78 -33.85 -0.58
C CYS A 92 23.74 -34.46 0.35
N GLY A 93 24.19 -34.97 1.50
CA GLY A 93 23.29 -35.57 2.47
C GLY A 93 22.33 -34.57 3.06
N PHE A 94 22.85 -33.41 3.45
CA PHE A 94 22.02 -32.36 4.04
C PHE A 94 21.09 -31.73 3.01
N SER A 95 21.51 -31.74 1.75
CA SER A 95 20.74 -31.14 0.66
C SER A 95 19.41 -31.86 0.48
N GLY A 96 19.39 -33.16 0.78
CA GLY A 96 18.18 -33.95 0.68
C GLY A 96 17.12 -33.47 1.65
N TYR A 97 17.58 -32.92 2.77
CA TYR A 97 16.68 -32.40 3.78
C TYR A 97 16.35 -30.92 3.53
N LEU A 98 17.32 -30.18 3.00
CA LEU A 98 17.17 -28.74 2.80
C LEU A 98 16.20 -28.39 1.67
N VAL A 99 16.27 -29.16 0.58
CA VAL A 99 15.44 -28.92 -0.59
C VAL A 99 13.95 -28.97 -0.25
N GLN A 100 13.61 -29.78 0.75
CA GLN A 100 12.24 -29.91 1.26
C GLN A 100 11.56 -28.56 1.49
N PHE A 101 12.35 -27.56 1.87
CA PHE A 101 11.81 -26.23 2.18
C PHE A 101 11.93 -25.27 0.99
N GLY A 102 12.34 -25.80 -0.17
CA GLY A 102 12.42 -25.00 -1.37
C GLY A 102 13.68 -25.21 -2.19
N ARG A 103 13.53 -25.15 -3.51
CA ARG A 103 14.67 -25.27 -4.42
C ARG A 103 15.35 -23.93 -4.60
N ARG A 104 14.55 -22.89 -4.79
CA ARG A 104 15.06 -21.53 -4.91
C ARG A 104 15.67 -21.09 -3.57
N LEU A 105 15.06 -21.55 -2.49
CA LEU A 105 15.58 -21.28 -1.15
C LEU A 105 16.96 -21.91 -0.99
N SER A 106 17.13 -23.11 -1.53
CA SER A 106 18.41 -23.80 -1.49
C SER A 106 19.48 -23.00 -2.22
N LEU A 107 19.11 -22.45 -3.37
CA LEU A 107 20.02 -21.63 -4.17
C LEU A 107 20.44 -20.36 -3.43
N LEU A 108 19.47 -19.74 -2.74
CA LEU A 108 19.75 -18.53 -1.97
C LEU A 108 20.70 -18.83 -0.81
N ILE A 109 20.45 -19.95 -0.12
CA ILE A 109 21.32 -20.36 0.98
C ILE A 109 22.73 -20.65 0.47
N ILE A 110 22.81 -21.31 -0.68
CA ILE A 110 24.10 -21.60 -1.32
C ILE A 110 24.89 -20.32 -1.60
N TYR A 111 24.21 -19.32 -2.14
CA TYR A 111 24.86 -18.05 -2.47
C TYR A 111 25.35 -17.31 -1.23
N ASN A 112 24.49 -17.20 -0.22
CA ASN A 112 24.86 -16.57 1.05
C ASN A 112 26.02 -17.31 1.72
N PHE A 113 25.98 -18.63 1.63
CA PHE A 113 27.01 -19.48 2.21
C PHE A 113 28.35 -19.26 1.51
N PHE A 114 28.34 -19.32 0.18
CA PHE A 114 29.56 -19.16 -0.60
C PHE A 114 30.14 -17.76 -0.51
N PHE A 115 29.29 -16.78 -0.17
CA PHE A 115 29.75 -15.41 -0.02
C PHE A 115 30.67 -15.27 1.18
N LEU A 116 30.29 -15.91 2.28
CA LEU A 116 31.07 -15.86 3.51
C LEU A 116 32.29 -16.77 3.44
N VAL A 117 32.10 -17.95 2.87
CA VAL A 117 33.17 -18.94 2.77
C VAL A 117 34.32 -18.45 1.90
N SER A 118 33.97 -17.79 0.79
CA SER A 118 34.98 -17.25 -0.12
C SER A 118 35.76 -16.11 0.54
N ILE A 119 35.06 -15.26 1.28
CA ILE A 119 35.70 -14.19 2.03
C ILE A 119 36.64 -14.75 3.07
N LEU A 120 36.17 -15.76 3.81
CA LEU A 120 36.96 -16.41 4.84
C LEU A 120 38.23 -17.03 4.26
N THR A 121 38.08 -17.72 3.12
CA THR A 121 39.21 -18.35 2.45
C THR A 121 40.22 -17.32 2.00
N SER A 122 39.72 -16.15 1.59
CA SER A 122 40.56 -15.07 1.09
C SER A 122 41.53 -14.53 2.15
N ILE A 123 41.17 -14.67 3.42
CA ILE A 123 41.96 -14.09 4.49
C ILE A 123 42.63 -15.12 5.40
N THR A 124 42.75 -16.34 4.92
CA THR A 124 43.39 -17.41 5.70
C THR A 124 44.91 -17.24 5.73
N HIS A 125 45.52 -17.58 6.86
CA HIS A 125 46.96 -17.45 7.01
C HIS A 125 47.60 -18.72 7.57
N HIS A 126 46.77 -19.74 7.80
CA HIS A 126 47.26 -20.99 8.35
C HIS A 126 46.59 -22.20 7.70
N PHE A 127 47.21 -23.36 7.82
CA PHE A 127 46.68 -24.59 7.26
C PHE A 127 45.32 -24.95 7.84
N HIS A 128 45.09 -24.59 9.11
CA HIS A 128 43.85 -24.95 9.79
C HIS A 128 42.67 -24.12 9.32
N THR A 129 42.87 -22.83 9.11
CA THR A 129 41.79 -21.95 8.68
C THR A 129 41.41 -22.20 7.23
N ILE A 130 42.40 -22.52 6.39
CA ILE A 130 42.12 -22.80 4.99
C ILE A 130 41.51 -24.20 4.84
N LEU A 131 41.89 -25.11 5.73
CA LEU A 131 41.30 -26.45 5.76
C LEU A 131 39.83 -26.35 6.14
N PHE A 132 39.55 -25.51 7.14
CA PHE A 132 38.19 -25.26 7.59
C PHE A 132 37.38 -24.61 6.48
N ALA A 133 38.00 -23.69 5.76
CA ALA A 133 37.34 -22.99 4.67
C ALA A 133 36.99 -23.92 3.51
N ARG A 134 37.91 -24.82 3.18
CA ARG A 134 37.69 -25.75 2.07
C ARG A 134 36.68 -26.82 2.44
N LEU A 135 36.65 -27.21 3.71
CA LEU A 135 35.65 -28.15 4.20
C LEU A 135 34.25 -27.57 4.04
N LEU A 136 34.11 -26.31 4.39
CA LEU A 136 32.85 -25.59 4.21
C LEU A 136 32.56 -25.43 2.72
N SER A 137 33.58 -25.05 1.95
CA SER A 137 33.44 -24.89 0.51
C SER A 137 32.99 -26.19 -0.13
N GLY A 138 33.43 -27.31 0.43
CA GLY A 138 32.99 -28.62 -0.03
C GLY A 138 31.52 -28.84 0.28
N PHE A 139 31.09 -28.37 1.45
CA PHE A 139 29.70 -28.51 1.87
C PHE A 139 28.78 -27.77 0.91
N GLY A 140 29.18 -26.57 0.52
CA GLY A 140 28.42 -25.78 -0.43
C GLY A 140 28.38 -26.45 -1.79
N ILE A 141 29.48 -27.11 -2.13
CA ILE A 141 29.57 -27.86 -3.38
C ILE A 141 28.57 -29.02 -3.38
N GLY A 142 28.49 -29.73 -2.26
CA GLY A 142 27.55 -30.82 -2.10
C GLY A 142 26.11 -30.35 -2.19
N LEU A 143 25.87 -29.10 -1.76
CA LEU A 143 24.54 -28.50 -1.88
C LEU A 143 24.21 -28.24 -3.34
N VAL A 144 25.18 -27.70 -4.06
CA VAL A 144 25.01 -27.39 -5.48
C VAL A 144 24.79 -28.66 -6.31
N THR A 145 25.50 -29.71 -5.94
CA THR A 145 25.41 -31.00 -6.65
C THR A 145 23.99 -31.51 -6.75
N VAL A 146 23.20 -31.30 -5.71
CA VAL A 146 21.83 -31.80 -5.67
C VAL A 146 20.80 -30.74 -6.08
N SER A 147 20.99 -29.52 -5.57
CA SER A 147 19.99 -28.46 -5.74
C SER A 147 19.84 -27.99 -7.20
N VAL A 148 20.94 -27.62 -7.83
CA VAL A 148 20.90 -27.03 -9.17
C VAL A 148 20.34 -27.98 -10.25
N PRO A 149 20.81 -29.24 -10.31
CA PRO A 149 20.20 -30.11 -11.33
C PRO A 149 18.72 -30.36 -11.08
N MET A 150 18.31 -30.32 -9.81
CA MET A 150 16.92 -30.53 -9.44
C MET A 150 16.07 -29.33 -9.82
N TYR A 151 16.65 -28.13 -9.68
CA TYR A 151 15.96 -26.90 -10.05
C TYR A 151 15.70 -26.87 -11.56
N ILE A 152 16.75 -27.14 -12.33
CA ILE A 152 16.64 -27.21 -13.79
C ILE A 152 15.64 -28.28 -14.21
N SER A 153 15.58 -29.36 -13.43
CA SER A 153 14.66 -30.46 -13.70
C SER A 153 13.20 -30.03 -13.64
N GLU A 154 12.88 -29.08 -12.77
CA GLU A 154 11.50 -28.70 -12.53
C GLU A 154 11.17 -27.33 -13.11
N MET A 155 12.08 -26.77 -13.92
CA MET A 155 11.89 -25.44 -14.48
C MET A 155 12.02 -25.43 -16.01
N THR A 156 12.01 -26.62 -16.61
CA THR A 156 12.17 -26.74 -18.06
C THR A 156 11.11 -27.64 -18.70
N HIS A 157 10.97 -27.55 -20.01
CA HIS A 157 10.08 -28.41 -20.77
C HIS A 157 10.58 -29.85 -20.71
N LYS A 158 9.67 -30.81 -20.61
CA LYS A 158 10.03 -32.22 -20.48
C LYS A 158 10.85 -32.72 -21.68
N ASP A 159 10.61 -32.13 -22.85
CA ASP A 159 11.34 -32.51 -24.05
C ASP A 159 12.68 -31.79 -24.16
N LYS A 160 12.85 -30.76 -23.33
CA LYS A 160 14.06 -29.95 -23.36
C LYS A 160 14.79 -30.00 -22.03
N LYS A 161 14.39 -30.94 -21.18
CA LYS A 161 15.03 -31.12 -19.87
C LYS A 161 16.51 -31.41 -19.99
N GLY A 162 16.85 -32.39 -20.82
CA GLY A 162 18.23 -32.81 -21.01
C GLY A 162 19.11 -31.70 -21.55
N ALA A 163 18.60 -30.99 -22.52
CA ALA A 163 19.33 -29.93 -23.15
C ALA A 163 19.73 -28.85 -22.18
N TYR A 164 18.83 -28.49 -21.29
CA TYR A 164 19.14 -27.47 -20.32
C TYR A 164 19.87 -28.08 -19.17
N GLY A 165 19.76 -29.38 -19.02
CA GLY A 165 20.44 -30.04 -17.94
C GLY A 165 21.92 -30.01 -18.18
N VAL A 166 22.31 -29.86 -19.43
CA VAL A 166 23.73 -29.80 -19.78
C VAL A 166 24.34 -28.48 -19.30
N MET A 167 23.51 -27.44 -19.27
CA MET A 167 23.94 -26.11 -18.83
C MET A 167 24.56 -26.16 -17.43
N HIS A 168 24.07 -27.07 -16.59
CA HIS A 168 24.65 -27.28 -15.27
C HIS A 168 26.10 -27.72 -15.38
N GLN A 169 26.34 -28.78 -16.14
CA GLN A 169 27.69 -29.29 -16.35
C GLN A 169 28.54 -28.30 -17.14
N LEU A 170 27.89 -27.57 -18.04
CA LEU A 170 28.57 -26.61 -18.91
C LEU A 170 29.26 -25.51 -18.11
N PHE A 171 28.54 -24.92 -17.16
CA PHE A 171 29.09 -23.84 -16.34
C PHE A 171 30.02 -24.37 -15.26
N ILE A 172 29.93 -25.67 -14.98
CA ILE A 172 30.90 -26.31 -14.09
C ILE A 172 32.26 -26.33 -14.78
N THR A 173 32.20 -26.71 -16.02
CA THR A 173 33.33 -26.83 -16.87
C THR A 173 33.94 -25.50 -17.12
N PHE A 174 33.07 -24.53 -17.25
CA PHE A 174 33.43 -23.14 -17.50
C PHE A 174 34.08 -22.53 -16.26
N GLY A 175 33.60 -22.95 -15.09
CA GLY A 175 34.17 -22.50 -13.83
C GLY A 175 35.59 -22.99 -13.65
N ILE A 176 35.82 -24.24 -14.04
CA ILE A 176 37.15 -24.83 -13.98
C ILE A 176 38.10 -24.10 -14.91
N PHE A 177 37.60 -23.69 -16.06
CA PHE A 177 38.40 -22.99 -17.06
C PHE A 177 38.77 -21.58 -16.62
N VAL A 178 37.79 -20.84 -16.10
CA VAL A 178 38.01 -19.46 -15.67
C VAL A 178 39.04 -19.37 -14.53
N ALA A 179 38.96 -20.29 -13.59
CA ALA A 179 39.90 -20.34 -12.47
C ALA A 179 41.33 -20.55 -12.95
N VAL A 180 41.49 -21.39 -13.96
CA VAL A 180 42.80 -21.64 -14.55
C VAL A 180 43.29 -20.41 -15.30
N MET A 181 42.38 -19.76 -16.02
CA MET A 181 42.71 -18.56 -16.78
C MET A 181 43.16 -17.41 -15.88
N LEU A 182 42.46 -17.23 -14.77
CA LEU A 182 42.82 -16.19 -13.80
C LEU A 182 44.17 -16.47 -13.16
N GLY A 183 44.51 -17.76 -13.06
CA GLY A 183 45.77 -18.16 -12.46
C GLY A 183 46.97 -17.91 -13.36
N LEU A 184 46.70 -17.47 -14.57
CA LEU A 184 47.78 -17.13 -15.51
C LEU A 184 48.37 -15.77 -15.19
N ALA A 185 47.62 -14.96 -14.44
CA ALA A 185 48.08 -13.65 -14.01
C ALA A 185 49.23 -13.79 -13.01
N MET A 186 49.32 -14.98 -12.42
CA MET A 186 50.45 -15.35 -11.57
C MET A 186 51.76 -15.33 -12.34
N GLY A 187 52.87 -15.40 -11.60
CA GLY A 187 54.17 -15.52 -12.21
C GLY A 187 54.45 -16.93 -12.73
N GLU A 188 53.38 -17.70 -12.92
CA GLU A 188 53.44 -19.07 -13.40
C GLU A 188 54.23 -19.97 -12.46
N GLY A 189 54.26 -19.63 -11.18
CA GLY A 189 54.85 -20.49 -10.17
C GLY A 189 56.23 -20.06 -9.70
N PRO A 190 56.53 -20.29 -8.42
CA PRO A 190 57.85 -20.05 -7.85
C PRO A 190 58.78 -21.24 -8.06
N LYS A 191 60.08 -20.98 -8.18
CA LYS A 191 61.05 -22.06 -8.34
C LYS A 191 61.18 -22.85 -7.04
N ALA A 192 61.25 -24.16 -7.15
CA ALA A 192 61.28 -25.04 -5.99
C ALA A 192 62.60 -24.96 -5.24
N ASP A 193 63.68 -24.71 -5.97
CA ASP A 193 65.01 -24.67 -5.36
C ASP A 193 65.47 -23.24 -5.07
N SER A 194 64.78 -22.26 -5.62
CA SER A 194 65.11 -20.86 -5.38
C SER A 194 64.65 -20.39 -4.00
N THR A 195 65.06 -19.18 -3.62
CA THR A 195 64.66 -18.61 -2.35
C THR A 195 64.04 -17.22 -2.56
N GLU A 196 63.80 -16.88 -3.82
CA GLU A 196 63.16 -15.61 -4.15
C GLU A 196 61.74 -15.54 -3.58
N PRO A 197 61.46 -14.47 -2.81
CA PRO A 197 60.14 -14.27 -2.23
C PRO A 197 59.09 -13.99 -3.31
N LEU A 198 57.82 -14.26 -3.02
CA LEU A 198 56.77 -14.00 -3.99
C LEU A 198 56.68 -12.52 -4.32
N THR A 199 56.12 -12.21 -5.49
CA THR A 199 55.81 -10.83 -5.84
C THR A 199 54.67 -10.36 -4.95
N SER A 200 54.70 -9.09 -4.56
CA SER A 200 53.63 -8.52 -3.74
C SER A 200 52.30 -8.62 -4.48
N PHE A 201 52.36 -8.56 -5.80
CA PHE A 201 51.19 -8.75 -6.64
C PHE A 201 50.67 -10.17 -6.53
N ALA A 202 51.59 -11.14 -6.59
CA ALA A 202 51.22 -12.55 -6.52
C ALA A 202 50.57 -12.90 -5.19
N LYS A 203 51.07 -12.28 -4.11
CA LYS A 203 50.50 -12.50 -2.79
C LYS A 203 49.08 -11.97 -2.69
N LEU A 204 48.79 -10.92 -3.46
CA LEU A 204 47.46 -10.30 -3.46
C LEU A 204 46.50 -11.05 -4.34
N TRP A 205 46.99 -11.52 -5.48
CA TRP A 205 46.14 -12.04 -6.54
C TRP A 205 45.51 -13.41 -6.23
N TRP A 206 46.22 -14.27 -5.51
CA TRP A 206 45.69 -15.59 -5.20
C TRP A 206 44.62 -15.51 -4.12
N ARG A 207 44.69 -14.47 -3.31
CA ARG A 207 43.66 -14.23 -2.31
C ARG A 207 42.43 -13.63 -2.99
N LEU A 208 42.67 -12.80 -4.00
CA LEU A 208 41.58 -12.21 -4.78
C LEU A 208 40.86 -13.28 -5.59
N MET A 209 41.60 -14.30 -6.02
CA MET A 209 41.00 -15.42 -6.74
C MET A 209 40.05 -16.20 -5.83
N PHE A 210 40.42 -16.31 -4.56
CA PHE A 210 39.55 -16.93 -3.56
C PHE A 210 38.35 -16.04 -3.26
N LEU A 211 38.52 -14.74 -3.45
CA LEU A 211 37.51 -13.75 -3.12
C LEU A 211 36.53 -13.52 -4.26
N PHE A 212 36.93 -13.90 -5.47
CA PHE A 212 36.12 -13.69 -6.67
C PHE A 212 34.71 -14.32 -6.64
N PRO A 213 34.58 -15.56 -6.12
CA PRO A 213 33.23 -16.13 -6.09
C PRO A 213 32.26 -15.41 -5.15
N SER A 214 32.77 -14.52 -4.30
CA SER A 214 31.90 -13.69 -3.46
C SER A 214 31.12 -12.70 -4.31
N VAL A 215 31.80 -12.11 -5.29
CA VAL A 215 31.18 -11.20 -6.24
C VAL A 215 30.17 -11.96 -7.09
N ILE A 216 30.53 -13.17 -7.49
CA ILE A 216 29.65 -14.04 -8.26
C ILE A 216 28.40 -14.40 -7.46
N SER A 217 28.61 -14.68 -6.17
CA SER A 217 27.50 -15.00 -5.28
C SER A 217 26.53 -13.84 -5.16
N LEU A 218 27.07 -12.62 -5.14
CA LEU A 218 26.24 -11.42 -5.11
C LEU A 218 25.40 -11.30 -6.37
N ILE A 219 26.01 -11.62 -7.51
CA ILE A 219 25.31 -11.64 -8.79
C ILE A 219 24.19 -12.68 -8.76
N GLY A 220 24.47 -13.81 -8.13
CA GLY A 220 23.49 -14.87 -8.00
C GLY A 220 22.30 -14.48 -7.13
N ILE A 221 22.58 -13.76 -6.04
CA ILE A 221 21.53 -13.29 -5.15
C ILE A 221 20.65 -12.25 -5.86
N LEU A 222 21.30 -11.30 -6.52
CA LEU A 222 20.60 -10.25 -7.24
C LEU A 222 19.68 -10.82 -8.32
N ALA A 223 20.14 -11.85 -9.00
CA ALA A 223 19.36 -12.47 -10.07
C ALA A 223 18.07 -13.09 -9.53
N LEU A 224 18.18 -13.80 -8.41
CA LEU A 224 17.04 -14.52 -7.84
C LEU A 224 16.01 -13.59 -7.18
N VAL A 225 16.48 -12.54 -6.51
CA VAL A 225 15.58 -11.68 -5.75
C VAL A 225 14.88 -10.62 -6.62
N VAL A 226 15.46 -10.33 -7.78
CA VAL A 226 14.94 -9.28 -8.65
C VAL A 226 14.10 -9.83 -9.79
N PHE A 227 14.64 -10.82 -10.49
CA PHE A 227 13.99 -11.34 -11.69
C PHE A 227 13.26 -12.66 -11.46
N PHE A 228 13.97 -13.64 -10.88
CA PHE A 228 13.44 -14.99 -10.74
C PHE A 228 12.97 -15.26 -9.32
N LYS A 229 11.85 -14.65 -8.95
CA LYS A 229 11.32 -14.73 -7.59
C LYS A 229 10.57 -16.04 -7.34
N GLU A 230 10.02 -16.62 -8.39
CA GLU A 230 9.16 -17.80 -8.26
C GLU A 230 9.93 -19.07 -7.93
N GLU A 231 9.28 -19.96 -7.19
CA GLU A 231 9.82 -21.30 -6.95
C GLU A 231 9.35 -22.22 -8.07
N THR A 232 9.82 -23.46 -8.08
CA THR A 232 9.44 -24.42 -9.12
C THR A 232 7.97 -24.80 -9.01
N PRO A 233 7.30 -24.97 -10.16
CA PRO A 233 5.88 -25.34 -10.22
C PRO A 233 5.59 -26.64 -9.47
N TYR A 234 6.55 -27.55 -9.48
CA TYR A 234 6.41 -28.81 -8.76
C TYR A 234 6.37 -28.60 -7.26
N PHE A 235 7.23 -27.71 -6.76
CA PHE A 235 7.29 -27.43 -5.33
C PHE A 235 6.08 -26.64 -4.85
N LEU A 236 5.69 -25.63 -5.65
CA LEU A 236 4.55 -24.79 -5.31
C LEU A 236 3.26 -25.59 -5.24
N PHE A 237 3.09 -26.51 -6.18
CA PHE A 237 1.90 -27.36 -6.22
C PHE A 237 1.90 -28.34 -5.06
N GLU A 238 3.08 -28.78 -4.66
CA GLU A 238 3.22 -29.81 -3.64
C GLU A 238 2.79 -29.33 -2.25
N LYS A 239 2.82 -28.02 -2.03
CA LYS A 239 2.48 -27.47 -0.73
C LYS A 239 1.27 -26.55 -0.74
N GLY A 240 0.45 -26.65 -1.78
CA GLY A 240 -0.83 -25.95 -1.81
C GLY A 240 -0.96 -24.80 -2.78
N ARG A 241 0.15 -24.13 -3.08
CA ARG A 241 0.13 -22.99 -3.99
C ARG A 241 -0.19 -23.40 -5.42
N ILE A 242 -1.45 -23.78 -5.67
CA ILE A 242 -1.86 -24.25 -6.98
C ILE A 242 -1.89 -23.14 -8.01
N GLU A 243 -2.53 -22.02 -7.65
CA GLU A 243 -2.68 -20.88 -8.55
C GLU A 243 -1.33 -20.28 -8.90
N GLU A 244 -0.45 -20.16 -7.91
CA GLU A 244 0.88 -19.61 -8.13
C GLU A 244 1.73 -20.58 -8.94
N SER A 245 1.42 -21.87 -8.84
CA SER A 245 2.08 -22.89 -9.62
C SER A 245 1.71 -22.75 -11.10
N LYS A 246 0.46 -22.37 -11.36
CA LYS A 246 -0.01 -22.17 -12.72
C LYS A 246 0.71 -21.01 -13.40
N ASN A 247 0.94 -19.94 -12.65
CA ASN A 247 1.56 -18.74 -13.19
C ASN A 247 3.01 -18.97 -13.63
N ILE A 248 3.79 -19.62 -12.79
CA ILE A 248 5.18 -19.91 -13.11
C ILE A 248 5.25 -20.98 -14.21
N LEU A 249 4.29 -21.90 -14.20
CA LEU A 249 4.21 -22.94 -15.23
C LEU A 249 3.92 -22.32 -16.59
N LYS A 250 2.98 -21.38 -16.62
CA LYS A 250 2.62 -20.69 -17.84
C LYS A 250 3.74 -19.74 -18.28
N LYS A 251 4.56 -19.33 -17.32
CA LYS A 251 5.66 -18.41 -17.59
C LYS A 251 6.82 -19.11 -18.29
N ILE A 252 7.16 -20.31 -17.85
CA ILE A 252 8.27 -21.04 -18.43
C ILE A 252 7.92 -21.71 -19.73
N TYR A 253 6.66 -22.04 -19.92
CA TYR A 253 6.23 -22.68 -21.15
C TYR A 253 5.77 -21.67 -22.19
N GLU A 254 5.61 -20.42 -21.78
CA GLU A 254 5.17 -19.40 -22.70
C GLU A 254 3.86 -19.80 -23.34
N THR A 255 2.94 -20.32 -22.53
CA THR A 255 1.65 -20.75 -23.04
C THR A 255 0.56 -20.61 -21.99
N ASP A 256 -0.61 -20.13 -22.41
CA ASP A 256 -1.75 -20.01 -21.50
C ASP A 256 -2.30 -21.39 -21.14
N ASN A 257 -2.24 -22.31 -22.09
CA ASN A 257 -2.71 -23.67 -21.88
C ASN A 257 -1.60 -24.58 -21.37
N VAL A 258 -1.62 -24.87 -20.07
CA VAL A 258 -0.63 -25.73 -19.44
C VAL A 258 -1.30 -26.87 -18.69
N ASP A 259 -2.38 -27.40 -19.25
CA ASP A 259 -3.16 -28.46 -18.62
C ASP A 259 -2.35 -29.75 -18.46
N GLU A 260 -1.59 -30.10 -19.48
CA GLU A 260 -0.84 -31.36 -19.49
C GLU A 260 0.31 -31.40 -18.47
N PRO A 261 1.17 -30.36 -18.43
CA PRO A 261 2.24 -30.46 -17.42
C PRO A 261 1.71 -30.29 -15.99
N LEU A 262 0.65 -29.51 -15.83
CA LEU A 262 0.04 -29.31 -14.52
C LEU A 262 -0.59 -30.61 -14.02
N ASN A 263 -1.21 -31.35 -14.93
CA ASN A 263 -1.80 -32.63 -14.59
C ASN A 263 -0.73 -33.66 -14.27
N ALA A 264 0.42 -33.52 -14.91
CA ALA A 264 1.57 -34.39 -14.62
C ALA A 264 2.07 -34.15 -13.20
N ILE A 265 2.17 -32.88 -12.83
CA ILE A 265 2.57 -32.52 -11.47
C ILE A 265 1.52 -32.99 -10.46
N LYS A 266 0.24 -32.81 -10.82
CA LYS A 266 -0.87 -33.18 -9.95
C LYS A 266 -0.85 -34.67 -9.61
N GLU A 267 -0.51 -35.50 -10.59
CA GLU A 267 -0.41 -36.93 -10.39
C GLU A 267 0.80 -37.29 -9.55
N ALA A 268 1.90 -36.58 -9.77
CA ALA A 268 3.13 -36.80 -9.03
C ALA A 268 2.96 -36.42 -7.57
N VAL A 269 2.34 -35.26 -7.33
CA VAL A 269 2.12 -34.78 -5.97
C VAL A 269 1.14 -35.67 -5.22
N GLU A 270 0.08 -36.11 -5.91
CA GLU A 270 -0.90 -37.01 -5.32
C GLU A 270 -0.26 -38.32 -4.86
N GLN A 271 0.71 -38.81 -5.65
CA GLN A 271 1.43 -40.01 -5.29
C GLN A 271 2.36 -39.76 -4.11
N ASN A 272 2.85 -38.52 -3.99
CA ASN A 272 3.63 -38.12 -2.84
C ASN A 272 2.78 -38.13 -1.58
N GLU A 273 1.56 -37.63 -1.70
CA GLU A 273 0.64 -37.57 -0.57
C GLU A 273 0.25 -38.97 -0.09
N SER A 274 0.07 -39.88 -1.05
CA SER A 274 -0.25 -41.26 -0.72
C SER A 274 0.94 -41.95 -0.09
N ALA A 275 2.14 -41.53 -0.50
CA ALA A 275 3.38 -42.10 0.00
C ALA A 275 3.61 -41.74 1.46
N LYS A 276 3.43 -40.46 1.78
CA LYS A 276 3.58 -39.98 3.15
C LYS A 276 2.62 -40.69 4.08
N LYS A 277 1.43 -41.00 3.58
CA LYS A 277 0.42 -41.71 4.36
C LYS A 277 0.86 -43.14 4.68
N ASN A 278 1.56 -43.75 3.74
CA ASN A 278 2.06 -45.12 3.91
C ASN A 278 3.40 -45.16 4.64
N SER A 279 3.83 -43.99 5.12
CA SER A 279 5.09 -43.85 5.86
C SER A 279 6.29 -44.29 5.02
N LEU A 280 6.20 -44.08 3.70
CA LEU A 280 7.29 -44.44 2.80
C LEU A 280 8.41 -43.41 2.86
N SER A 281 9.64 -43.89 3.06
CA SER A 281 10.81 -43.03 3.05
C SER A 281 11.94 -43.72 2.30
N LEU A 282 13.08 -43.05 2.19
CA LEU A 282 14.23 -43.62 1.51
C LEU A 282 14.69 -44.90 2.18
N LEU A 283 14.74 -44.87 3.51
CA LEU A 283 15.13 -46.04 4.29
C LEU A 283 14.08 -47.14 4.21
N SER A 284 12.82 -46.72 4.11
CA SER A 284 11.70 -47.67 4.06
C SER A 284 11.56 -48.29 2.66
N ALA A 285 11.84 -47.49 1.64
CA ALA A 285 11.72 -47.95 0.26
C ALA A 285 12.85 -48.92 -0.10
N LEU A 286 13.95 -48.84 0.64
CA LEU A 286 15.09 -49.72 0.40
C LEU A 286 14.76 -51.17 0.69
N LYS A 287 13.78 -51.40 1.56
CA LYS A 287 13.38 -52.76 1.90
C LYS A 287 12.28 -53.26 0.97
N ILE A 288 11.80 -52.37 0.10
CA ILE A 288 10.90 -52.76 -0.97
C ILE A 288 11.72 -53.05 -2.22
N PRO A 289 11.65 -54.29 -2.72
CA PRO A 289 12.47 -54.75 -3.85
C PRO A 289 12.28 -53.92 -5.11
N SER A 290 11.06 -53.42 -5.33
CA SER A 290 10.77 -52.59 -6.49
C SER A 290 11.52 -51.26 -6.41
N TYR A 291 11.53 -50.65 -5.23
CA TYR A 291 12.20 -49.37 -5.03
C TYR A 291 13.70 -49.55 -4.82
N ARG A 292 14.09 -50.65 -4.19
CA ARG A 292 15.49 -50.95 -3.95
C ARG A 292 16.25 -51.08 -5.28
N TYR A 293 15.59 -51.64 -6.29
CA TYR A 293 16.20 -51.85 -7.59
C TYR A 293 16.60 -50.53 -8.26
N VAL A 294 15.68 -49.57 -8.29
CA VAL A 294 15.92 -48.31 -8.97
C VAL A 294 16.91 -47.44 -8.19
N ILE A 295 16.92 -47.60 -6.87
CA ILE A 295 17.83 -46.82 -6.02
C ILE A 295 19.26 -47.34 -6.14
N ILE A 296 19.43 -48.65 -6.12
CA ILE A 296 20.75 -49.26 -6.28
C ILE A 296 21.32 -48.94 -7.66
N LEU A 297 20.47 -49.00 -8.67
CA LEU A 297 20.87 -48.66 -10.03
C LEU A 297 21.31 -47.20 -10.11
N GLY A 298 20.61 -46.33 -9.38
CA GLY A 298 20.94 -44.92 -9.36
C GLY A 298 22.27 -44.65 -8.69
N CYS A 299 22.51 -45.32 -7.56
CA CYS A 299 23.75 -45.15 -6.83
C CYS A 299 24.93 -45.76 -7.58
N LEU A 300 24.67 -46.86 -8.29
CA LEU A 300 25.70 -47.50 -9.10
C LEU A 300 26.14 -46.61 -10.26
N LEU A 301 25.17 -46.13 -11.02
CA LEU A 301 25.45 -45.25 -12.16
C LEU A 301 26.14 -43.97 -11.71
N SER A 302 25.76 -43.48 -10.54
CA SER A 302 26.32 -42.26 -9.99
C SER A 302 27.78 -42.45 -9.58
N GLY A 303 28.05 -43.57 -8.90
CA GLY A 303 29.39 -43.85 -8.42
C GLY A 303 30.36 -44.27 -9.50
N LEU A 304 29.83 -44.78 -10.61
CA LEU A 304 30.67 -45.26 -11.71
C LEU A 304 31.22 -44.13 -12.56
N GLN A 305 30.72 -42.92 -12.33
CA GLN A 305 31.25 -41.75 -13.02
C GLN A 305 32.68 -41.45 -12.57
N GLN A 306 32.97 -41.79 -11.32
CA GLN A 306 34.28 -41.52 -10.74
C GLN A 306 35.33 -42.53 -11.19
N PHE A 307 34.87 -43.72 -11.57
CA PHE A 307 35.78 -44.77 -12.00
C PHE A 307 36.23 -44.56 -13.44
N THR A 308 35.86 -43.41 -14.00
CA THR A 308 36.40 -42.97 -15.28
C THR A 308 37.75 -42.32 -15.04
N GLY A 309 38.01 -41.96 -13.79
CA GLY A 309 39.27 -41.37 -13.39
C GLY A 309 39.39 -39.90 -13.73
N ILE A 310 38.23 -39.25 -13.93
CA ILE A 310 38.20 -37.85 -14.33
C ILE A 310 38.76 -36.92 -13.24
N ASN A 311 38.49 -37.25 -11.99
CA ASN A 311 38.95 -36.43 -10.89
C ASN A 311 40.41 -36.62 -10.56
N VAL A 312 40.93 -37.74 -10.97
CA VAL A 312 42.36 -37.98 -10.83
C VAL A 312 43.12 -36.96 -11.65
N LEU A 313 42.56 -36.63 -12.81
CA LEU A 313 43.14 -35.62 -13.70
C LEU A 313 42.87 -34.21 -13.19
N VAL A 314 41.65 -33.96 -12.72
CA VAL A 314 41.26 -32.65 -12.23
C VAL A 314 42.06 -32.25 -11.00
N SER A 315 42.21 -33.18 -10.06
CA SER A 315 42.89 -32.91 -8.81
C SER A 315 44.41 -32.87 -8.95
N ASN A 316 44.95 -33.78 -9.77
CA ASN A 316 46.40 -33.90 -9.89
C ASN A 316 46.93 -33.69 -11.30
N SER A 317 46.42 -32.66 -11.98
CA SER A 317 46.87 -32.34 -13.34
C SER A 317 48.37 -32.04 -13.35
N ASN A 318 48.86 -31.44 -12.28
CA ASN A 318 50.27 -31.11 -12.16
C ASN A 318 51.12 -32.34 -11.82
N GLU A 319 50.62 -33.17 -10.91
CA GLU A 319 51.35 -34.33 -10.44
C GLU A 319 51.50 -35.40 -11.53
N LEU A 320 50.50 -35.49 -12.40
CA LEU A 320 50.49 -36.50 -13.45
C LEU A 320 51.60 -36.29 -14.48
N TYR A 321 51.87 -35.05 -14.83
CA TYR A 321 52.80 -34.74 -15.91
C TYR A 321 54.09 -34.09 -15.41
N LYS A 322 54.24 -34.03 -14.09
CA LYS A 322 55.44 -33.43 -13.51
C LYS A 322 56.68 -34.27 -13.80
N GLU A 323 56.45 -35.54 -14.14
CA GLU A 323 57.55 -36.48 -14.37
C GLU A 323 58.24 -36.26 -15.72
N PHE A 324 57.47 -35.94 -16.75
CA PHE A 324 58.04 -35.82 -18.09
C PHE A 324 57.69 -34.50 -18.78
N LEU A 325 57.09 -33.58 -18.03
CA LEU A 325 56.78 -32.24 -18.56
C LEU A 325 57.24 -31.16 -17.59
N ASP A 326 57.72 -30.04 -18.14
CA ASP A 326 58.19 -28.93 -17.32
C ASP A 326 57.06 -27.95 -17.01
N SER A 327 57.36 -26.98 -16.15
CA SER A 327 56.35 -26.05 -15.62
C SER A 327 55.58 -25.31 -16.70
N HIS A 328 56.27 -24.90 -17.77
CA HIS A 328 55.62 -24.14 -18.83
C HIS A 328 54.66 -25.00 -19.64
N LEU A 329 55.08 -26.20 -19.99
CA LEU A 329 54.25 -27.11 -20.77
C LEU A 329 53.06 -27.62 -19.96
N ILE A 330 53.29 -27.88 -18.67
CA ILE A 330 52.22 -28.29 -17.78
C ILE A 330 51.16 -27.19 -17.68
N THR A 331 51.62 -25.95 -17.64
CA THR A 331 50.73 -24.80 -17.60
C THR A 331 49.90 -24.71 -18.88
N ILE A 332 50.56 -24.83 -20.03
CA ILE A 332 49.87 -24.80 -21.31
C ILE A 332 48.91 -25.97 -21.42
N LEU A 333 49.35 -27.15 -21.01
CA LEU A 333 48.52 -28.35 -21.03
C LEU A 333 47.27 -28.17 -20.18
N SER A 334 47.45 -27.58 -19.00
CA SER A 334 46.34 -27.32 -18.08
C SER A 334 45.30 -26.41 -18.72
N VAL A 335 45.77 -25.37 -19.41
CA VAL A 335 44.88 -24.42 -20.07
C VAL A 335 44.09 -25.09 -21.19
N VAL A 336 44.79 -25.86 -22.03
CA VAL A 336 44.15 -26.52 -23.15
C VAL A 336 43.18 -27.62 -22.69
N MET A 337 43.58 -28.37 -21.66
CA MET A 337 42.73 -29.43 -21.11
C MET A 337 41.40 -28.88 -20.62
N THR A 338 41.45 -27.80 -19.85
CA THR A 338 40.24 -27.19 -19.31
C THR A 338 39.42 -26.53 -20.41
N ALA A 339 40.10 -26.05 -21.45
CA ALA A 339 39.43 -25.42 -22.58
C ALA A 339 38.64 -26.47 -23.37
N VAL A 340 39.27 -27.61 -23.62
CA VAL A 340 38.62 -28.70 -24.32
C VAL A 340 37.49 -29.29 -23.48
N ASN A 341 37.74 -29.42 -22.18
CA ASN A 341 36.74 -29.93 -21.25
C ASN A 341 35.49 -29.06 -21.21
N PHE A 342 35.66 -27.78 -21.51
CA PHE A 342 34.54 -26.84 -21.55
C PHE A 342 33.84 -26.86 -22.91
N LEU A 343 34.63 -26.82 -23.98
CA LEU A 343 34.09 -26.74 -25.33
C LEU A 343 33.33 -28.01 -25.72
N MET A 344 33.82 -29.16 -25.29
CA MET A 344 33.21 -30.44 -25.67
C MET A 344 31.94 -30.74 -24.88
N THR A 345 31.51 -29.80 -24.05
CA THR A 345 30.28 -29.96 -23.28
C THR A 345 29.08 -29.47 -24.10
N PHE A 346 29.33 -28.48 -24.96
CA PHE A 346 28.30 -27.92 -25.82
C PHE A 346 27.54 -28.93 -26.70
N PRO A 347 28.26 -29.87 -27.36
CA PRO A 347 27.52 -30.82 -28.19
C PRO A 347 26.52 -31.68 -27.41
N ALA A 348 26.76 -31.86 -26.12
CA ALA A 348 25.86 -32.67 -25.28
C ALA A 348 24.46 -32.07 -25.21
N ILE A 349 24.37 -30.75 -25.34
CA ILE A 349 23.08 -30.06 -25.34
C ILE A 349 22.18 -30.61 -26.43
N TYR A 350 22.77 -30.91 -27.58
CA TYR A 350 22.02 -31.43 -28.72
C TYR A 350 21.93 -32.96 -28.70
N ILE A 351 23.02 -33.62 -28.31
CA ILE A 351 23.09 -35.07 -28.36
C ILE A 351 22.23 -35.76 -27.31
N VAL A 352 22.23 -35.22 -26.09
CA VAL A 352 21.49 -35.83 -24.97
C VAL A 352 20.01 -36.05 -25.29
N GLU A 353 19.41 -35.09 -25.97
CA GLU A 353 17.99 -35.16 -26.30
C GLU A 353 17.71 -35.80 -27.66
N LYS A 354 18.62 -35.61 -28.62
CA LYS A 354 18.41 -36.13 -29.97
C LYS A 354 18.69 -37.63 -30.05
N LEU A 355 19.78 -38.06 -29.43
CA LEU A 355 20.17 -39.47 -29.49
C LEU A 355 19.80 -40.23 -28.22
N GLY A 356 19.43 -39.50 -27.17
CA GLY A 356 19.09 -40.10 -25.91
C GLY A 356 20.25 -40.07 -24.94
N ARG A 357 19.99 -40.48 -23.70
CA ARG A 357 21.01 -40.45 -22.65
C ARG A 357 21.80 -41.76 -22.59
N LYS A 358 21.12 -42.88 -22.78
CA LYS A 358 21.75 -44.19 -22.70
C LYS A 358 22.77 -44.41 -23.81
N THR A 359 22.38 -44.06 -25.04
CA THR A 359 23.27 -44.19 -26.20
C THR A 359 24.53 -43.36 -26.02
N LEU A 360 24.37 -42.15 -25.51
CA LEU A 360 25.49 -41.25 -25.26
C LEU A 360 26.40 -41.81 -24.17
N LEU A 361 25.80 -42.43 -23.17
CA LEU A 361 26.55 -43.07 -22.10
C LEU A 361 27.39 -44.23 -22.63
N LEU A 362 26.79 -45.05 -23.49
CA LEU A 362 27.48 -46.19 -24.07
C LEU A 362 28.67 -45.77 -24.93
N TRP A 363 28.43 -44.79 -25.81
CA TRP A 363 29.50 -44.26 -26.65
C TRP A 363 30.59 -43.60 -25.81
N GLY A 364 30.17 -42.97 -24.71
CA GLY A 364 31.11 -42.34 -23.80
C GLY A 364 32.05 -43.35 -23.17
N CYS A 365 31.51 -44.52 -22.83
CA CYS A 365 32.30 -45.59 -22.23
C CYS A 365 33.30 -46.14 -23.24
N VAL A 366 32.88 -46.21 -24.50
CA VAL A 366 33.76 -46.67 -25.57
C VAL A 366 34.94 -45.72 -25.74
N GLY A 367 34.64 -44.42 -25.71
CA GLY A 367 35.67 -43.40 -25.83
C GLY A 367 36.66 -43.46 -24.68
N VAL A 368 36.17 -43.78 -23.49
CA VAL A 368 37.03 -43.93 -22.32
C VAL A 368 37.94 -45.14 -22.47
N LEU A 369 37.37 -46.23 -22.98
CA LEU A 369 38.13 -47.46 -23.23
C LEU A 369 39.21 -47.24 -24.27
N VAL A 370 38.87 -46.51 -25.33
CA VAL A 370 39.81 -46.17 -26.40
C VAL A 370 40.95 -45.32 -25.85
N ALA A 371 40.69 -44.59 -24.77
CA ALA A 371 41.69 -43.73 -24.16
C ALA A 371 42.69 -44.51 -23.31
N TYR A 372 42.18 -45.35 -22.40
CA TYR A 372 43.02 -45.99 -21.39
C TYR A 372 43.73 -47.25 -21.88
N LEU A 373 43.02 -48.10 -22.63
CA LEU A 373 43.56 -49.41 -23.01
C LEU A 373 44.83 -49.34 -23.86
N PRO A 374 44.89 -48.49 -24.89
CA PRO A 374 46.16 -48.39 -25.61
C PRO A 374 47.27 -47.84 -24.72
N THR A 375 46.92 -46.95 -23.80
CA THR A 375 47.89 -46.37 -22.87
C THR A 375 48.42 -47.44 -21.93
N ALA A 376 47.53 -48.34 -21.50
CA ALA A 376 47.91 -49.44 -20.63
C ALA A 376 48.86 -50.40 -21.35
N ILE A 377 48.56 -50.67 -22.61
CA ILE A 377 49.38 -51.55 -23.43
C ILE A 377 50.74 -50.92 -23.70
N ALA A 378 50.74 -49.63 -24.03
CA ALA A 378 51.97 -48.90 -24.33
C ALA A 378 52.91 -48.85 -23.14
N ASN A 379 52.35 -48.57 -21.96
CA ASN A 379 53.14 -48.52 -20.74
C ASN A 379 53.68 -49.89 -20.34
N GLU A 380 52.92 -50.94 -20.65
CA GLU A 380 53.32 -52.29 -20.31
C GLU A 380 54.51 -52.74 -21.16
N ILE A 381 54.50 -52.34 -22.42
CA ILE A 381 55.61 -52.63 -23.33
C ILE A 381 56.88 -51.94 -22.87
N ASN A 382 56.79 -50.63 -22.65
CA ASN A 382 57.92 -49.85 -22.19
C ASN A 382 57.46 -48.69 -21.31
N ARG A 383 57.92 -48.67 -20.06
CA ARG A 383 57.49 -47.67 -19.10
C ARG A 383 58.06 -46.28 -19.35
N ASN A 384 59.24 -46.20 -19.96
CA ASN A 384 59.91 -44.94 -20.17
C ASN A 384 60.19 -44.61 -21.64
N SER A 385 59.35 -45.12 -22.54
CA SER A 385 59.45 -44.78 -23.94
C SER A 385 58.95 -43.36 -24.19
N ASN A 386 59.64 -42.64 -25.08
CA ASN A 386 59.24 -41.29 -25.43
C ASN A 386 57.87 -41.30 -26.10
N PHE A 387 57.61 -42.33 -26.90
CA PHE A 387 56.34 -42.50 -27.60
C PHE A 387 55.18 -42.66 -26.63
N VAL A 388 55.45 -43.28 -25.48
CA VAL A 388 54.42 -43.49 -24.46
C VAL A 388 53.98 -42.16 -23.86
N LYS A 389 54.94 -41.28 -23.61
CA LYS A 389 54.64 -39.96 -23.07
C LYS A 389 53.71 -39.17 -23.99
N ILE A 390 54.04 -39.18 -25.28
CA ILE A 390 53.23 -38.50 -26.28
C ILE A 390 51.84 -39.12 -26.39
N LEU A 391 51.80 -40.45 -26.36
CA LEU A 391 50.54 -41.17 -26.44
C LEU A 391 49.67 -40.87 -25.22
N SER A 392 50.31 -40.69 -24.07
CA SER A 392 49.61 -40.38 -22.83
C SER A 392 48.93 -39.02 -22.91
N ILE A 393 49.54 -38.09 -23.64
CA ILE A 393 48.98 -36.75 -23.81
C ILE A 393 47.74 -36.80 -24.70
N VAL A 394 47.83 -37.52 -25.81
CA VAL A 394 46.70 -37.68 -26.72
C VAL A 394 45.58 -38.45 -26.04
N ALA A 395 45.93 -39.50 -25.31
CA ALA A 395 44.96 -40.31 -24.59
C ALA A 395 44.23 -39.50 -23.53
N THR A 396 44.90 -38.49 -22.99
CA THR A 396 44.28 -37.59 -22.04
C THR A 396 43.11 -36.85 -22.69
N PHE A 397 43.39 -36.26 -23.85
CA PHE A 397 42.37 -35.51 -24.57
C PHE A 397 41.24 -36.42 -25.07
N VAL A 398 41.58 -37.66 -25.41
CA VAL A 398 40.56 -38.63 -25.80
C VAL A 398 39.65 -38.93 -24.61
N MET A 399 40.25 -39.06 -23.44
CA MET A 399 39.50 -39.34 -22.22
C MET A 399 38.65 -38.13 -21.81
N ILE A 400 39.22 -36.93 -21.97
CA ILE A 400 38.52 -35.70 -21.64
C ILE A 400 37.31 -35.47 -22.55
N ILE A 401 37.55 -35.55 -23.86
CA ILE A 401 36.49 -35.36 -24.85
C ILE A 401 35.35 -36.36 -24.65
N SER A 402 35.72 -37.61 -24.38
CA SER A 402 34.73 -38.67 -24.17
C SER A 402 33.87 -38.42 -22.94
N PHE A 403 34.52 -38.01 -21.85
CA PHE A 403 33.81 -37.78 -20.59
C PHE A 403 32.98 -36.51 -20.64
N ALA A 404 33.55 -35.45 -21.20
CA ALA A 404 32.90 -34.14 -21.22
C ALA A 404 31.65 -34.12 -22.09
N VAL A 405 31.58 -35.01 -23.07
CA VAL A 405 30.47 -35.02 -24.00
C VAL A 405 29.35 -35.94 -23.53
N SER A 406 29.67 -36.87 -22.65
CA SER A 406 28.71 -37.89 -22.25
C SER A 406 28.50 -37.97 -20.74
N TYR A 407 29.34 -38.77 -20.07
CA TYR A 407 29.12 -39.15 -18.68
C TYR A 407 29.01 -37.95 -17.74
N GLY A 408 29.85 -36.94 -17.97
CA GLY A 408 29.83 -35.73 -17.16
C GLY A 408 28.46 -35.06 -17.08
N PRO A 409 27.95 -34.56 -18.23
CA PRO A 409 26.64 -33.93 -18.30
C PRO A 409 25.47 -34.87 -18.01
N VAL A 410 25.47 -36.04 -18.62
CA VAL A 410 24.30 -36.93 -18.57
C VAL A 410 23.92 -37.38 -17.15
N LEU A 411 24.90 -37.73 -16.34
CA LEU A 411 24.64 -38.29 -15.00
C LEU A 411 23.71 -37.42 -14.16
N TRP A 412 24.03 -36.13 -14.05
CA TRP A 412 23.25 -35.24 -13.19
C TRP A 412 21.88 -34.95 -13.79
N ILE A 413 21.76 -35.12 -15.10
CA ILE A 413 20.47 -35.01 -15.77
C ILE A 413 19.65 -36.28 -15.51
N TYR A 414 20.32 -37.42 -15.54
CA TYR A 414 19.67 -38.72 -15.39
C TYR A 414 19.18 -38.95 -13.98
N LEU A 415 19.93 -38.46 -12.99
CA LEU A 415 19.59 -38.67 -11.58
C LEU A 415 18.28 -38.00 -11.17
N HIS A 416 17.83 -37.05 -11.97
CA HIS A 416 16.58 -36.36 -11.69
C HIS A 416 15.53 -36.67 -12.75
N GLU A 417 15.64 -37.85 -13.33
CA GLU A 417 14.68 -38.31 -14.34
C GLU A 417 14.33 -39.79 -14.12
N MET A 418 15.11 -40.46 -13.28
CA MET A 418 15.02 -41.91 -13.16
C MET A 418 14.26 -42.39 -11.92
N PHE A 419 13.78 -41.45 -11.11
CA PHE A 419 13.12 -41.82 -9.85
C PHE A 419 11.65 -41.42 -9.82
N PRO A 420 10.82 -42.27 -9.17
CA PRO A 420 9.43 -41.93 -8.87
C PRO A 420 9.37 -40.81 -7.84
N SER A 421 8.26 -40.10 -7.76
CA SER A 421 8.21 -38.85 -7.00
C SER A 421 8.43 -38.99 -5.48
N GLU A 422 8.03 -40.13 -4.92
CA GLU A 422 8.14 -40.35 -3.48
C GLU A 422 9.59 -40.35 -2.99
N ILE A 423 10.49 -40.80 -3.86
CA ILE A 423 11.90 -40.89 -3.52
C ILE A 423 12.71 -40.08 -4.51
N LYS A 424 12.03 -39.26 -5.31
CA LYS A 424 12.67 -38.43 -6.34
C LYS A 424 13.82 -37.58 -5.81
N ASP A 425 13.58 -36.83 -4.75
CA ASP A 425 14.58 -35.91 -4.21
C ASP A 425 15.57 -36.61 -3.28
N SER A 426 15.07 -37.50 -2.45
CA SER A 426 15.89 -38.18 -1.44
C SER A 426 16.90 -39.12 -2.06
N ALA A 427 16.45 -39.94 -3.02
CA ALA A 427 17.34 -40.90 -3.67
C ALA A 427 18.37 -40.20 -4.54
N ALA A 428 17.97 -39.08 -5.13
CA ALA A 428 18.88 -38.27 -5.95
C ALA A 428 19.99 -37.71 -5.08
N SER A 429 19.64 -37.34 -3.86
CA SER A 429 20.63 -36.82 -2.91
C SER A 429 21.56 -37.93 -2.44
N LEU A 430 20.99 -39.12 -2.22
CA LEU A 430 21.78 -40.28 -1.82
C LEU A 430 22.75 -40.67 -2.93
N ALA A 431 22.26 -40.69 -4.16
CA ALA A 431 23.09 -41.02 -5.31
C ALA A 431 24.23 -40.01 -5.49
N SER A 432 23.91 -38.73 -5.27
CA SER A 432 24.92 -37.68 -5.36
C SER A 432 25.98 -37.84 -4.28
N LEU A 433 25.54 -38.32 -3.11
CA LEU A 433 26.45 -38.59 -2.00
C LEU A 433 27.44 -39.69 -2.38
N VAL A 434 26.91 -40.77 -2.95
CA VAL A 434 27.71 -41.91 -3.38
C VAL A 434 28.79 -41.47 -4.37
N ASN A 435 28.42 -40.55 -5.26
CA ASN A 435 29.36 -40.03 -6.26
C ASN A 435 30.58 -39.38 -5.63
N TRP A 436 30.37 -38.60 -4.57
CA TRP A 436 31.49 -37.95 -3.88
C TRP A 436 32.23 -38.90 -2.97
N VAL A 437 31.55 -39.94 -2.49
CA VAL A 437 32.20 -40.99 -1.72
C VAL A 437 33.14 -41.77 -2.63
N CYS A 438 32.67 -42.09 -3.82
CA CYS A 438 33.49 -42.80 -4.81
C CYS A 438 34.65 -41.93 -5.29
N ALA A 439 34.48 -40.61 -5.20
CA ALA A 439 35.56 -39.68 -5.54
C ALA A 439 36.73 -39.89 -4.59
N ILE A 440 36.42 -40.16 -3.33
CA ILE A 440 37.45 -40.48 -2.35
C ILE A 440 38.06 -41.85 -2.63
N ILE A 441 37.21 -42.78 -3.04
CA ILE A 441 37.63 -44.16 -3.27
C ILE A 441 38.51 -44.29 -4.52
N VAL A 442 38.28 -43.45 -5.51
CA VAL A 442 39.03 -43.55 -6.76
C VAL A 442 40.32 -42.73 -6.75
N VAL A 443 40.21 -41.45 -6.42
CA VAL A 443 41.33 -40.52 -6.54
C VAL A 443 42.55 -40.88 -5.70
N PHE A 444 42.38 -40.96 -4.38
CA PHE A 444 43.51 -41.15 -3.47
C PHE A 444 44.27 -42.47 -3.69
N PRO A 445 43.57 -43.61 -3.85
CA PRO A 445 44.35 -44.81 -4.16
C PRO A 445 45.04 -44.74 -5.51
N SER A 446 44.42 -44.08 -6.47
CA SER A 446 45.01 -43.92 -7.80
C SER A 446 46.32 -43.15 -7.75
N ASP A 447 46.40 -42.20 -6.83
CA ASP A 447 47.60 -41.39 -6.65
C ASP A 447 48.77 -42.25 -6.17
N ILE A 448 48.46 -43.27 -5.38
CA ILE A 448 49.46 -44.18 -4.86
C ILE A 448 49.86 -45.22 -5.90
N ILE A 449 48.88 -45.70 -6.66
CA ILE A 449 49.11 -46.75 -7.65
C ILE A 449 49.93 -46.25 -8.84
N ILE A 450 49.55 -45.08 -9.37
CA ILE A 450 50.16 -44.57 -10.59
C ILE A 450 51.65 -44.23 -10.41
N LYS A 451 52.08 -44.09 -9.17
CA LYS A 451 53.49 -43.86 -8.88
C LYS A 451 54.26 -45.17 -8.91
N LYS A 452 53.56 -46.27 -8.61
CA LYS A 452 54.18 -47.58 -8.58
C LYS A 452 54.16 -48.25 -9.95
N SER A 453 52.99 -48.26 -10.59
CA SER A 453 52.85 -48.85 -11.92
C SER A 453 51.62 -48.31 -12.63
N PRO A 454 51.83 -47.35 -13.55
CA PRO A 454 50.75 -46.72 -14.32
C PRO A 454 49.94 -47.73 -15.15
N SER A 455 50.59 -48.81 -15.57
CA SER A 455 49.94 -49.82 -16.41
C SER A 455 48.80 -50.51 -15.66
N ILE A 456 48.99 -50.75 -14.37
CA ILE A 456 47.96 -51.40 -13.56
C ILE A 456 46.75 -50.49 -13.38
N LEU A 457 47.00 -49.21 -13.14
CA LEU A 457 45.91 -48.25 -12.97
C LEU A 457 45.13 -48.08 -14.27
N PHE A 458 45.84 -48.09 -15.39
CA PHE A 458 45.21 -47.88 -16.69
C PHE A 458 44.44 -49.12 -17.16
N ILE A 459 44.84 -50.29 -16.69
CA ILE A 459 44.14 -51.52 -17.08
C ILE A 459 42.91 -51.73 -16.20
N VAL A 460 42.91 -51.12 -15.02
CA VAL A 460 41.77 -51.16 -14.13
C VAL A 460 40.66 -50.26 -14.69
N PHE A 461 41.05 -49.09 -15.18
CA PHE A 461 40.11 -48.16 -15.78
C PHE A 461 39.51 -48.72 -17.07
N SER A 462 40.30 -49.48 -17.81
CA SER A 462 39.81 -50.12 -19.04
C SER A 462 38.76 -51.16 -18.70
N VAL A 463 39.06 -52.01 -17.72
CA VAL A 463 38.12 -53.02 -17.25
C VAL A 463 36.84 -52.38 -16.74
N MET A 464 37.00 -51.33 -15.92
CA MET A 464 35.85 -50.61 -15.38
C MET A 464 35.02 -49.95 -16.48
N SER A 465 35.69 -49.47 -17.52
CA SER A 465 35.02 -48.87 -18.67
C SER A 465 34.15 -49.88 -19.40
N ILE A 466 34.66 -51.11 -19.50
CA ILE A 466 33.93 -52.20 -20.16
C ILE A 466 32.74 -52.64 -19.31
N LEU A 467 32.98 -52.81 -18.01
CA LEU A 467 31.93 -53.21 -17.08
C LEU A 467 30.81 -52.18 -17.04
N THR A 468 31.20 -50.90 -17.07
CA THR A 468 30.23 -49.81 -17.07
C THR A 468 29.40 -49.84 -18.36
N PHE A 469 30.04 -50.19 -19.47
CA PHE A 469 29.34 -50.33 -20.74
C PHE A 469 28.24 -51.38 -20.64
N PHE A 470 28.60 -52.56 -20.15
CA PHE A 470 27.65 -53.66 -20.00
C PHE A 470 26.57 -53.33 -18.98
N PHE A 471 26.95 -52.65 -17.91
CA PHE A 471 26.02 -52.24 -16.87
C PHE A 471 24.91 -51.37 -17.44
N ILE A 472 25.30 -50.33 -18.17
CA ILE A 472 24.36 -49.43 -18.80
C ILE A 472 23.56 -50.15 -19.89
N PHE A 473 24.25 -51.00 -20.65
CA PHE A 473 23.63 -51.71 -21.78
C PHE A 473 22.51 -52.64 -21.33
N PHE A 474 22.67 -53.25 -20.17
CA PHE A 474 21.75 -54.30 -19.71
C PHE A 474 20.69 -53.80 -18.71
N PHE A 475 21.05 -52.83 -17.89
CA PHE A 475 20.18 -52.45 -16.78
C PHE A 475 19.58 -51.05 -16.90
N ILE A 476 20.32 -50.14 -17.54
CA ILE A 476 19.88 -48.76 -17.65
C ILE A 476 18.88 -48.57 -18.80
N LYS A 477 17.75 -47.97 -18.49
CA LYS A 477 16.72 -47.66 -19.50
C LYS A 477 16.75 -46.17 -19.85
N GLU A 478 16.24 -45.85 -21.03
CA GLU A 478 16.19 -44.46 -21.49
C GLU A 478 15.15 -43.67 -20.69
N THR A 479 15.46 -42.39 -20.43
CA THR A 479 14.58 -41.56 -19.63
C THR A 479 14.16 -40.28 -20.36
N LYS A 480 14.45 -40.23 -21.67
CA LYS A 480 14.14 -39.06 -22.48
C LYS A 480 12.65 -38.80 -22.60
N GLY A 481 12.25 -37.54 -22.41
CA GLY A 481 10.87 -37.12 -22.64
C GLY A 481 9.89 -37.56 -21.57
N GLY A 482 10.40 -38.14 -20.48
CA GLY A 482 9.55 -38.61 -19.40
C GLY A 482 8.91 -37.47 -18.64
N GLU A 483 7.69 -37.70 -18.15
CA GLU A 483 6.99 -36.71 -17.33
C GLU A 483 7.72 -36.53 -16.00
N ILE A 484 7.33 -35.51 -15.25
CA ILE A 484 7.96 -35.25 -13.97
C ILE A 484 7.56 -36.34 -12.96
N GLY A 485 8.54 -36.82 -12.21
CA GLY A 485 8.30 -37.84 -11.20
C GLY A 485 7.97 -39.22 -11.74
N THR A 486 8.25 -39.47 -13.01
CA THR A 486 8.04 -40.80 -13.57
C THR A 486 9.39 -41.47 -13.87
N SER A 487 9.39 -42.81 -13.80
CA SER A 487 10.60 -43.58 -14.05
C SER A 487 10.31 -44.69 -15.06
N PRO A 488 11.29 -44.98 -15.94
CA PRO A 488 11.13 -46.04 -16.93
C PRO A 488 11.16 -47.43 -16.28
N TYR A 489 11.58 -47.47 -15.02
CA TYR A 489 11.70 -48.73 -14.28
C TYR A 489 10.40 -49.10 -13.58
N ILE A 490 9.75 -48.11 -12.97
CA ILE A 490 8.52 -48.35 -12.23
C ILE A 490 7.36 -47.56 -12.84
N THR A 491 6.30 -48.27 -13.25
CA THR A 491 5.13 -47.65 -13.87
C THR A 491 4.08 -47.21 -12.86
N MET A 492 3.27 -46.21 -13.23
CA MET A 492 2.31 -45.56 -12.34
C MET A 492 1.44 -46.51 -11.53
N GLU A 493 0.77 -47.43 -12.22
CA GLU A 493 -0.10 -48.40 -11.56
C GLU A 493 0.68 -49.28 -10.59
N GLU A 494 1.93 -49.56 -10.95
CA GLU A 494 2.83 -50.35 -10.11
C GLU A 494 3.19 -49.59 -8.86
N ARG A 495 3.19 -48.26 -8.94
CA ARG A 495 3.51 -47.41 -7.80
C ARG A 495 2.32 -47.28 -6.85
N GLN A 496 1.13 -47.59 -7.36
CA GLN A 496 -0.09 -47.51 -6.55
C GLN A 496 -0.16 -48.64 -5.51
N LYS A 497 0.19 -49.85 -5.92
CA LYS A 497 0.17 -51.03 -5.03
C LYS A 497 1.15 -50.92 -3.89
N HIS A 498 1.98 -49.88 -3.93
CA HIS A 498 2.99 -49.65 -2.90
C HIS A 498 2.53 -48.59 -1.91
N PHE B 22 9.31 -20.63 39.91
CA PHE B 22 8.79 -21.98 40.02
C PHE B 22 9.29 -22.84 38.86
N PHE B 23 9.59 -24.10 39.16
CA PHE B 23 10.19 -25.00 38.19
C PHE B 23 9.15 -25.75 37.38
N SER B 24 8.31 -25.00 36.66
CA SER B 24 7.24 -25.58 35.86
C SER B 24 7.76 -26.10 34.52
N THR B 25 6.85 -26.60 33.69
CA THR B 25 7.19 -27.04 32.35
C THR B 25 7.68 -25.86 31.53
N SER B 26 7.07 -24.69 31.77
CA SER B 26 7.47 -23.46 31.11
C SER B 26 8.90 -23.09 31.48
N PHE B 27 9.27 -23.33 32.73
CA PHE B 27 10.63 -23.06 33.21
C PHE B 27 11.66 -23.86 32.43
N LYS B 28 11.33 -25.11 32.11
CA LYS B 28 12.23 -25.96 31.35
C LYS B 28 12.45 -25.44 29.93
N TYR B 29 11.38 -24.94 29.33
CA TYR B 29 11.46 -24.37 27.98
C TYR B 29 12.28 -23.09 28.00
N VAL B 30 12.17 -22.32 29.08
CA VAL B 30 12.94 -21.10 29.23
C VAL B 30 14.43 -21.42 29.35
N LEU B 31 14.75 -22.44 30.14
CA LEU B 31 16.13 -22.91 30.29
C LEU B 31 16.73 -23.32 28.94
N SER B 32 15.91 -23.91 28.09
CA SER B 32 16.34 -24.37 26.78
C SER B 32 16.82 -23.20 25.91
N ALA B 33 16.15 -22.05 26.07
CA ALA B 33 16.51 -20.85 25.32
C ALA B 33 17.68 -20.12 25.99
N CYS B 34 17.83 -20.32 27.29
CA CYS B 34 18.86 -19.65 28.06
C CYS B 34 20.25 -20.24 27.82
N ILE B 35 20.29 -21.41 27.19
CA ILE B 35 21.56 -22.01 26.79
C ILE B 35 22.25 -21.08 25.80
N ALA B 36 21.46 -20.51 24.90
CA ALA B 36 21.96 -19.52 23.94
C ALA B 36 22.36 -18.25 24.66
N SER B 37 21.66 -17.94 25.75
CA SER B 37 21.96 -16.76 26.54
C SER B 37 23.29 -16.92 27.26
N PHE B 38 23.64 -18.16 27.62
CA PHE B 38 24.91 -18.44 28.24
C PHE B 38 26.04 -18.24 27.23
N ILE B 39 25.80 -18.68 26.01
CA ILE B 39 26.76 -18.49 24.91
C ILE B 39 26.94 -16.99 24.66
N PHE B 40 25.85 -16.24 24.75
CA PHE B 40 25.86 -14.79 24.65
C PHE B 40 26.93 -14.20 25.58
N GLY B 41 26.72 -14.40 26.88
CA GLY B 41 27.62 -13.84 27.87
C GLY B 41 29.04 -14.37 27.79
N TYR B 42 29.18 -15.64 27.44
CA TYR B 42 30.50 -16.24 27.31
C TYR B 42 31.29 -15.58 26.19
N GLN B 43 30.68 -15.43 25.02
CA GLN B 43 31.36 -14.85 23.86
C GLN B 43 31.76 -13.38 24.10
N VAL B 44 30.95 -12.67 24.86
CA VAL B 44 31.19 -11.25 25.11
C VAL B 44 32.47 -11.02 25.92
N SER B 45 32.76 -11.93 26.84
CA SER B 45 33.88 -11.72 27.76
C SER B 45 35.04 -12.69 27.58
N VAL B 46 34.89 -13.69 26.71
CA VAL B 46 35.92 -14.71 26.58
C VAL B 46 37.22 -14.17 25.97
N LEU B 47 37.11 -13.25 25.00
CA LEU B 47 38.28 -12.70 24.35
C LEU B 47 39.07 -11.78 25.28
N ASN B 48 38.35 -10.93 26.02
CA ASN B 48 38.98 -10.00 26.96
C ASN B 48 39.73 -10.75 28.06
N THR B 49 39.28 -11.96 28.37
CA THR B 49 39.87 -12.78 29.42
C THR B 49 41.27 -13.25 29.05
N ILE B 50 41.43 -13.68 27.80
CA ILE B 50 42.69 -14.24 27.33
C ILE B 50 43.27 -13.45 26.15
N LYS B 51 43.01 -12.15 26.12
CA LYS B 51 43.47 -11.29 25.04
C LYS B 51 44.99 -11.20 25.00
N ASN B 52 45.61 -10.99 26.16
CA ASN B 52 47.05 -10.85 26.26
C ASN B 52 47.80 -12.08 25.77
N PHE B 53 47.21 -13.26 25.99
CA PHE B 53 47.79 -14.51 25.51
C PHE B 53 47.80 -14.55 23.98
N ILE B 54 46.76 -14.00 23.38
CA ILE B 54 46.66 -13.90 21.93
C ILE B 54 47.64 -12.86 21.39
N VAL B 55 47.72 -11.73 22.08
CA VAL B 55 48.61 -10.64 21.69
C VAL B 55 50.06 -11.10 21.59
N VAL B 56 50.49 -11.91 22.56
CA VAL B 56 51.85 -12.41 22.59
C VAL B 56 52.11 -13.43 21.49
N GLU B 57 51.23 -14.42 21.37
CA GLU B 57 51.38 -15.47 20.37
C GLU B 57 51.33 -14.91 18.94
N PHE B 58 50.36 -14.03 18.68
CA PHE B 58 50.24 -13.42 17.37
C PHE B 58 51.34 -12.39 17.15
N GLU B 59 52.01 -12.02 18.22
CA GLU B 59 53.12 -11.06 18.19
C GLU B 59 52.70 -9.72 17.58
N TRP B 60 51.65 -9.13 18.16
CA TRP B 60 51.15 -7.83 17.69
C TRP B 60 52.06 -6.68 18.13
N CYS B 61 52.85 -6.92 19.18
CA CYS B 61 53.78 -5.91 19.67
C CYS B 61 55.18 -6.49 19.88
N LYS B 62 55.69 -7.18 18.87
CA LYS B 62 56.99 -7.82 18.97
C LYS B 62 58.12 -6.80 18.78
N GLY B 63 57.81 -5.69 18.13
CA GLY B 63 58.81 -4.69 17.81
C GLY B 63 59.08 -3.69 18.92
N GLU B 64 58.07 -3.40 19.73
CA GLU B 64 58.19 -2.41 20.79
C GLU B 64 58.73 -3.03 22.07
N LYS B 65 59.10 -2.18 23.03
CA LYS B 65 59.63 -2.63 24.31
C LYS B 65 58.57 -3.41 25.09
N ASP B 66 57.38 -2.83 25.21
CA ASP B 66 56.24 -3.50 25.83
C ASP B 66 55.50 -4.31 24.79
N ARG B 67 55.44 -5.63 25.01
CA ARG B 67 54.81 -6.53 24.04
C ARG B 67 53.30 -6.68 24.28
N LEU B 68 52.82 -6.14 25.39
CA LEU B 68 51.40 -6.18 25.69
C LEU B 68 50.73 -4.85 25.36
N ASN B 69 51.53 -3.79 25.32
CA ASN B 69 51.01 -2.46 25.03
C ASN B 69 51.76 -1.75 23.92
N CYS B 70 51.07 -1.50 22.81
CA CYS B 70 51.63 -0.75 21.69
C CYS B 70 50.50 -0.16 20.85
N SER B 71 50.88 0.59 19.82
CA SER B 71 49.90 1.22 18.94
C SER B 71 49.13 0.17 18.14
N ASN B 72 49.82 -0.87 17.71
CA ASN B 72 49.22 -1.92 16.89
C ASN B 72 48.14 -2.70 17.64
N ASN B 73 48.44 -3.08 18.88
CA ASN B 73 47.50 -3.81 19.71
C ASN B 73 46.24 -3.00 20.00
N THR B 74 46.43 -1.72 20.29
CA THR B 74 45.32 -0.82 20.59
C THR B 74 44.38 -0.67 19.40
N ILE B 75 44.96 -0.55 18.22
CA ILE B 75 44.18 -0.39 17.00
C ILE B 75 43.42 -1.68 16.65
N GLN B 76 44.13 -2.80 16.70
CA GLN B 76 43.56 -4.09 16.31
C GLN B 76 42.53 -4.59 17.33
N SER B 77 42.74 -4.27 18.60
CA SER B 77 41.77 -4.63 19.64
C SER B 77 40.52 -3.78 19.49
N SER B 78 40.69 -2.57 18.97
CA SER B 78 39.56 -1.68 18.73
C SER B 78 38.71 -2.20 17.58
N PHE B 79 39.36 -2.79 16.58
CA PHE B 79 38.65 -3.40 15.47
C PHE B 79 37.91 -4.65 15.90
N LEU B 80 38.53 -5.41 16.80
CA LEU B 80 37.91 -6.64 17.33
C LEU B 80 36.63 -6.32 18.09
N LEU B 81 36.69 -5.34 18.97
CA LEU B 81 35.54 -4.93 19.77
C LEU B 81 34.43 -4.35 18.89
N ALA B 82 34.83 -3.54 17.91
CA ALA B 82 33.89 -2.91 16.99
C ALA B 82 33.21 -3.96 16.11
N SER B 83 33.94 -5.01 15.75
CA SER B 83 33.40 -6.07 14.91
C SER B 83 32.28 -6.80 15.62
N VAL B 84 32.42 -6.99 16.92
CA VAL B 84 31.40 -7.64 17.73
C VAL B 84 30.13 -6.79 17.81
N PHE B 85 30.32 -5.50 18.10
CA PHE B 85 29.20 -4.56 18.18
C PHE B 85 28.47 -4.44 16.84
N ILE B 86 29.24 -4.25 15.77
CA ILE B 86 28.68 -4.13 14.43
C ILE B 86 27.97 -5.43 14.02
N GLY B 87 28.58 -6.56 14.36
CA GLY B 87 27.98 -7.85 14.12
C GLY B 87 26.66 -7.98 14.85
N ALA B 88 26.64 -7.50 16.08
CA ALA B 88 25.42 -7.54 16.90
C ALA B 88 24.33 -6.66 16.32
N VAL B 89 24.73 -5.55 15.71
CA VAL B 89 23.79 -4.65 15.04
C VAL B 89 23.12 -5.37 13.87
N LEU B 90 23.94 -6.00 13.02
CA LEU B 90 23.44 -6.75 11.88
C LEU B 90 22.61 -7.95 12.34
N GLY B 91 23.07 -8.59 13.41
CA GLY B 91 22.39 -9.75 13.96
C GLY B 91 20.99 -9.42 14.43
N CYS B 92 20.85 -8.31 15.14
CA CYS B 92 19.54 -7.86 15.61
C CYS B 92 18.62 -7.49 14.45
N GLY B 93 19.21 -6.91 13.41
CA GLY B 93 18.45 -6.50 12.24
C GLY B 93 17.92 -7.68 11.45
N PHE B 94 18.76 -8.69 11.26
CA PHE B 94 18.36 -9.88 10.52
C PHE B 94 17.45 -10.76 11.38
N SER B 95 17.58 -10.64 12.69
CA SER B 95 16.80 -11.46 13.62
C SER B 95 15.30 -11.22 13.42
N GLY B 96 14.92 -9.97 13.18
CA GLY B 96 13.53 -9.62 12.94
C GLY B 96 12.95 -10.34 11.74
N TYR B 97 13.79 -10.55 10.73
CA TYR B 97 13.38 -11.27 9.53
C TYR B 97 13.38 -12.78 9.75
N LEU B 98 14.31 -13.25 10.58
CA LEU B 98 14.48 -14.69 10.79
C LEU B 98 13.38 -15.28 11.67
N VAL B 99 13.04 -14.59 12.74
CA VAL B 99 12.02 -15.06 13.68
C VAL B 99 10.68 -15.28 12.98
N GLN B 100 10.46 -14.55 11.89
CA GLN B 100 9.27 -14.67 11.06
C GLN B 100 8.97 -16.13 10.66
N PHE B 101 10.00 -16.95 10.61
CA PHE B 101 9.86 -18.36 10.25
C PHE B 101 9.90 -19.26 11.47
N GLY B 102 9.89 -18.67 12.66
CA GLY B 102 9.86 -19.44 13.89
C GLY B 102 10.86 -18.99 14.95
N ARG B 103 10.47 -19.16 16.21
CA ARG B 103 11.33 -18.80 17.33
C ARG B 103 12.30 -19.95 17.66
N ARG B 104 11.76 -21.16 17.73
CA ARG B 104 12.56 -22.35 17.95
C ARG B 104 13.54 -22.57 16.80
N LEU B 105 13.09 -22.26 15.59
CA LEU B 105 13.95 -22.34 14.42
C LEU B 105 15.15 -21.40 14.58
N SER B 106 14.89 -20.18 15.03
CA SER B 106 15.94 -19.20 15.25
C SER B 106 16.98 -19.71 16.23
N LEU B 107 16.51 -20.27 17.35
CA LEU B 107 17.39 -20.83 18.35
C LEU B 107 18.29 -21.92 17.77
N LEU B 108 17.72 -22.76 16.92
CA LEU B 108 18.47 -23.83 16.27
C LEU B 108 19.49 -23.30 15.29
N ILE B 109 19.11 -22.25 14.55
CA ILE B 109 20.05 -21.57 13.65
C ILE B 109 21.21 -21.01 14.48
N ILE B 110 20.88 -20.38 15.60
CA ILE B 110 21.86 -19.80 16.49
C ILE B 110 22.87 -20.83 17.00
N TYR B 111 22.35 -21.96 17.49
CA TYR B 111 23.20 -23.01 18.04
C TYR B 111 24.13 -23.62 16.99
N ASN B 112 23.60 -23.95 15.83
CA ASN B 112 24.41 -24.46 14.73
C ASN B 112 25.44 -23.42 14.27
N PHE B 113 25.02 -22.16 14.25
CA PHE B 113 25.89 -21.07 13.82
C PHE B 113 27.07 -20.90 14.77
N PHE B 114 26.78 -20.91 16.06
CA PHE B 114 27.80 -20.75 17.09
C PHE B 114 28.73 -21.96 17.18
N PHE B 115 28.21 -23.12 16.78
CA PHE B 115 29.01 -24.34 16.76
C PHE B 115 30.17 -24.20 15.79
N LEU B 116 29.89 -23.63 14.62
CA LEU B 116 30.91 -23.45 13.59
C LEU B 116 31.80 -22.24 13.90
N VAL B 117 31.19 -21.18 14.39
CA VAL B 117 31.92 -19.95 14.70
C VAL B 117 32.93 -20.18 15.83
N SER B 118 32.54 -20.95 16.84
CA SER B 118 33.42 -21.25 17.96
C SER B 118 34.61 -22.09 17.51
N ILE B 119 34.40 -22.98 16.55
CA ILE B 119 35.46 -23.80 15.99
C ILE B 119 36.44 -22.95 15.19
N LEU B 120 35.92 -22.06 14.35
CA LEU B 120 36.74 -21.19 13.52
C LEU B 120 37.64 -20.30 14.38
N THR B 121 37.06 -19.68 15.39
CA THR B 121 37.80 -18.84 16.32
C THR B 121 38.88 -19.65 17.04
N SER B 122 38.60 -20.92 17.27
CA SER B 122 39.52 -21.80 17.99
C SER B 122 40.80 -22.09 17.20
N ILE B 123 40.73 -21.95 15.88
CA ILE B 123 41.87 -22.29 15.02
C ILE B 123 42.43 -21.11 14.24
N THR B 124 42.18 -19.89 14.71
CA THR B 124 42.69 -18.70 14.05
C THR B 124 44.16 -18.45 14.42
N HIS B 125 44.95 -17.99 13.45
CA HIS B 125 46.37 -17.73 13.69
C HIS B 125 46.75 -16.31 13.31
N HIS B 126 45.79 -15.56 12.77
CA HIS B 126 46.05 -14.21 12.30
C HIS B 126 44.98 -13.25 12.80
N PHE B 127 45.30 -11.95 12.78
CA PHE B 127 44.38 -10.92 13.22
C PHE B 127 43.13 -10.85 12.34
N HIS B 128 43.29 -11.18 11.07
CA HIS B 128 42.19 -11.09 10.11
C HIS B 128 41.16 -12.19 10.28
N THR B 129 41.63 -13.41 10.53
CA THR B 129 40.73 -14.55 10.70
C THR B 129 39.97 -14.47 12.03
N ILE B 130 40.65 -14.02 13.07
CA ILE B 130 39.99 -13.88 14.37
C ILE B 130 39.04 -12.68 14.35
N LEU B 131 39.36 -11.69 13.52
CA LEU B 131 38.47 -10.54 13.34
C LEU B 131 37.18 -10.97 12.66
N PHE B 132 37.32 -11.77 11.60
CA PHE B 132 36.20 -12.31 10.87
C PHE B 132 35.33 -13.20 11.76
N ALA B 133 36.00 -13.92 12.67
CA ALA B 133 35.31 -14.80 13.59
C ALA B 133 34.48 -14.02 14.61
N ARG B 134 35.05 -12.93 15.11
CA ARG B 134 34.36 -12.10 16.10
C ARG B 134 33.18 -11.36 15.48
N LEU B 135 33.33 -10.94 14.23
CA LEU B 135 32.25 -10.29 13.49
C LEU B 135 31.07 -11.24 13.36
N LEU B 136 31.36 -12.49 13.01
CA LEU B 136 30.34 -13.53 12.94
C LEU B 136 29.81 -13.84 14.34
N SER B 137 30.71 -13.85 15.31
CA SER B 137 30.33 -14.12 16.70
C SER B 137 29.39 -13.03 17.21
N GLY B 138 29.62 -11.80 16.75
CA GLY B 138 28.74 -10.69 17.09
C GLY B 138 27.38 -10.88 16.46
N PHE B 139 27.37 -11.39 15.22
CA PHE B 139 26.14 -11.64 14.50
C PHE B 139 25.28 -12.66 15.25
N GLY B 140 25.91 -13.70 15.78
CA GLY B 140 25.22 -14.69 16.59
C GLY B 140 24.69 -14.05 17.85
N ILE B 141 25.50 -13.19 18.47
CA ILE B 141 25.11 -12.44 19.65
C ILE B 141 23.90 -11.56 19.34
N GLY B 142 23.90 -10.94 18.17
CA GLY B 142 22.78 -10.12 17.74
C GLY B 142 21.50 -10.92 17.59
N LEU B 143 21.64 -12.15 17.11
CA LEU B 143 20.49 -13.04 16.94
C LEU B 143 19.91 -13.47 18.28
N VAL B 144 20.79 -13.72 19.24
CA VAL B 144 20.37 -14.14 20.58
C VAL B 144 19.64 -13.00 21.31
N THR B 145 20.12 -11.77 21.10
CA THR B 145 19.56 -10.59 21.76
C THR B 145 18.04 -10.47 21.55
N VAL B 146 17.58 -10.82 20.36
CA VAL B 146 16.17 -10.71 20.03
C VAL B 146 15.41 -12.02 20.21
N SER B 147 16.01 -13.11 19.76
CA SER B 147 15.32 -14.41 19.71
C SER B 147 14.93 -14.95 21.09
N VAL B 148 15.90 -15.02 22.00
CA VAL B 148 15.67 -15.62 23.31
C VAL B 148 14.63 -14.88 24.18
N PRO B 149 14.75 -13.54 24.32
CA PRO B 149 13.74 -12.87 25.14
C PRO B 149 12.33 -12.97 24.56
N MET B 150 12.24 -13.04 23.23
CA MET B 150 10.95 -13.18 22.55
C MET B 150 10.41 -14.59 22.74
N TYR B 151 11.30 -15.57 22.76
CA TYR B 151 10.92 -16.96 22.98
C TYR B 151 10.32 -17.13 24.37
N ILE B 152 10.98 -16.55 25.36
CA ILE B 152 10.48 -16.57 26.74
C ILE B 152 9.18 -15.79 26.84
N SER B 153 9.07 -14.74 26.03
CA SER B 153 7.89 -13.87 26.02
C SER B 153 6.61 -14.61 25.62
N GLU B 154 6.77 -15.66 24.80
CA GLU B 154 5.62 -16.34 24.23
C GLU B 154 5.44 -17.76 24.76
N MET B 155 6.33 -18.17 25.66
CA MET B 155 6.30 -19.53 26.19
C MET B 155 6.01 -19.56 27.68
N THR B 156 5.51 -18.45 28.22
CA THR B 156 5.30 -18.34 29.66
C THR B 156 3.95 -17.71 30.01
N HIS B 157 3.53 -17.90 31.26
CA HIS B 157 2.31 -17.26 31.78
C HIS B 157 2.53 -15.75 31.86
N LYS B 158 1.47 -14.98 31.65
CA LYS B 158 1.58 -13.52 31.60
C LYS B 158 1.97 -12.93 32.96
N ASP B 159 1.58 -13.60 34.04
CA ASP B 159 1.90 -13.14 35.39
C ASP B 159 3.30 -13.57 35.80
N LYS B 160 3.87 -14.53 35.06
CA LYS B 160 5.23 -14.99 35.34
C LYS B 160 6.14 -14.61 34.18
N LYS B 161 5.60 -13.82 33.27
CA LYS B 161 6.30 -13.37 32.06
C LYS B 161 7.65 -12.75 32.36
N GLY B 162 7.67 -11.84 33.34
CA GLY B 162 8.87 -11.10 33.66
C GLY B 162 9.91 -11.89 34.43
N ALA B 163 9.46 -12.71 35.37
CA ALA B 163 10.36 -13.50 36.21
C ALA B 163 11.23 -14.43 35.36
N TYR B 164 10.61 -15.07 34.38
CA TYR B 164 11.31 -15.95 33.46
C TYR B 164 12.18 -15.16 32.49
N GLY B 165 11.80 -13.90 32.26
CA GLY B 165 12.54 -13.03 31.38
C GLY B 165 13.91 -12.69 31.94
N VAL B 166 14.00 -12.65 33.26
CA VAL B 166 15.25 -12.36 33.94
C VAL B 166 16.28 -13.46 33.67
N MET B 167 15.79 -14.69 33.47
CA MET B 167 16.66 -15.83 33.20
C MET B 167 17.61 -15.54 32.05
N HIS B 168 17.07 -14.93 30.98
CA HIS B 168 17.89 -14.60 29.81
C HIS B 168 19.10 -13.79 30.24
N GLN B 169 18.85 -12.76 31.04
CA GLN B 169 19.90 -11.91 31.55
C GLN B 169 20.79 -12.67 32.55
N LEU B 170 20.16 -13.54 33.34
CA LEU B 170 20.87 -14.31 34.36
C LEU B 170 22.00 -15.14 33.78
N PHE B 171 21.73 -15.82 32.67
CA PHE B 171 22.72 -16.69 32.04
C PHE B 171 23.71 -15.89 31.19
N ILE B 172 23.30 -14.70 30.77
CA ILE B 172 24.24 -13.77 30.13
C ILE B 172 25.33 -13.39 31.14
N THR B 173 24.87 -13.11 32.33
CA THR B 173 25.67 -12.74 33.45
C THR B 173 26.54 -13.89 33.86
N PHE B 174 25.94 -15.05 33.82
CA PHE B 174 26.58 -16.30 34.21
C PHE B 174 27.65 -16.70 33.19
N GLY B 175 27.35 -16.43 31.91
CA GLY B 175 28.29 -16.72 30.84
C GLY B 175 29.54 -15.88 30.96
N ILE B 176 29.37 -14.62 31.34
CA ILE B 176 30.50 -13.72 31.57
C ILE B 176 31.34 -14.22 32.73
N PHE B 177 30.67 -14.64 33.81
CA PHE B 177 31.35 -15.12 35.00
C PHE B 177 32.13 -16.41 34.75
N VAL B 178 31.51 -17.36 34.06
CA VAL B 178 32.13 -18.64 33.76
C VAL B 178 33.39 -18.47 32.91
N ALA B 179 33.30 -17.61 31.89
CA ALA B 179 34.43 -17.35 31.01
C ALA B 179 35.64 -16.85 31.79
N VAL B 180 35.39 -15.96 32.75
CA VAL B 180 36.44 -15.43 33.60
C VAL B 180 37.02 -16.52 34.49
N MET B 181 36.14 -17.38 35.00
CA MET B 181 36.55 -18.49 35.86
C MET B 181 37.44 -19.47 35.09
N LEU B 182 37.09 -19.73 33.83
CA LEU B 182 37.88 -20.63 32.99
C LEU B 182 39.24 -20.02 32.66
N GLY B 183 39.29 -18.69 32.64
CA GLY B 183 40.53 -17.99 32.34
C GLY B 183 41.52 -18.03 33.50
N LEU B 184 41.03 -18.41 34.67
CA LEU B 184 41.86 -18.52 35.85
C LEU B 184 42.77 -19.75 35.79
N ALA B 185 42.47 -20.65 34.88
CA ALA B 185 43.23 -21.89 34.73
C ALA B 185 44.68 -21.62 34.31
N MET B 186 44.92 -20.44 33.74
CA MET B 186 46.26 -20.06 33.30
C MET B 186 47.05 -19.41 34.44
N GLY B 187 48.34 -19.19 34.19
CA GLY B 187 49.22 -18.62 35.20
C GLY B 187 49.26 -17.11 35.24
N GLU B 188 48.08 -16.50 35.17
CA GLU B 188 47.91 -15.05 35.29
C GLU B 188 48.67 -14.24 34.24
N GLY B 189 48.87 -14.81 33.05
CA GLY B 189 49.41 -14.04 31.93
C GLY B 189 50.93 -13.98 31.82
N PRO B 190 51.41 -13.45 30.68
CA PRO B 190 52.83 -13.22 30.39
C PRO B 190 53.27 -11.80 30.76
N LYS B 191 54.37 -11.68 31.49
CA LYS B 191 54.89 -10.38 31.89
C LYS B 191 55.29 -9.56 30.67
N ALA B 192 55.10 -8.24 30.76
CA ALA B 192 55.33 -7.34 29.64
C ALA B 192 56.82 -7.18 29.33
N ASP B 193 57.65 -7.27 30.37
CA ASP B 193 59.08 -7.09 30.23
C ASP B 193 59.78 -8.35 29.75
N SER B 194 59.14 -9.49 29.95
CA SER B 194 59.74 -10.78 29.62
C SER B 194 59.75 -11.03 28.11
N THR B 195 60.59 -11.97 27.68
CA THR B 195 60.64 -12.39 26.29
C THR B 195 60.37 -13.89 26.21
N GLU B 196 59.93 -14.45 27.33
CA GLU B 196 59.66 -15.88 27.43
C GLU B 196 58.40 -16.25 26.66
N PRO B 197 58.47 -17.34 25.87
CA PRO B 197 57.32 -17.81 25.11
C PRO B 197 56.21 -18.34 26.03
N LEU B 198 54.99 -18.40 25.52
CA LEU B 198 53.85 -18.88 26.30
C LEU B 198 54.02 -20.33 26.75
N THR B 199 53.38 -20.67 27.85
CA THR B 199 53.33 -22.04 28.33
C THR B 199 52.53 -22.90 27.36
N SER B 200 53.01 -24.12 27.11
CA SER B 200 52.31 -25.05 26.22
C SER B 200 50.87 -25.29 26.65
N PHE B 201 50.60 -25.16 27.95
CA PHE B 201 49.24 -25.25 28.47
C PHE B 201 48.43 -24.00 28.07
N ALA B 202 49.06 -22.84 28.21
CA ALA B 202 48.40 -21.57 27.91
C ALA B 202 48.05 -21.45 26.42
N LYS B 203 48.89 -22.03 25.57
CA LYS B 203 48.67 -21.97 24.12
C LYS B 203 47.51 -22.86 23.70
N LEU B 204 47.26 -23.91 24.49
CA LEU B 204 46.18 -24.84 24.20
C LEU B 204 44.87 -24.37 24.81
N TRP B 205 44.96 -23.72 25.96
CA TRP B 205 43.79 -23.41 26.76
C TRP B 205 42.93 -22.27 26.20
N TRP B 206 43.57 -21.24 25.66
CA TRP B 206 42.81 -20.10 25.14
C TRP B 206 42.09 -20.47 23.85
N ARG B 207 42.63 -21.45 23.13
CA ARG B 207 41.97 -21.96 21.94
C ARG B 207 40.81 -22.86 22.34
N LEU B 208 40.98 -23.58 23.44
CA LEU B 208 39.93 -24.43 23.98
C LEU B 208 38.78 -23.61 24.56
N MET B 209 39.13 -22.47 25.17
CA MET B 209 38.13 -21.57 25.72
C MET B 209 37.24 -21.02 24.61
N PHE B 210 37.84 -20.78 23.45
CA PHE B 210 37.10 -20.37 22.26
C PHE B 210 36.25 -21.53 21.72
N LEU B 211 36.72 -22.75 21.96
CA LEU B 211 36.03 -23.93 21.44
C LEU B 211 34.89 -24.36 22.34
N PHE B 212 34.99 -24.02 23.63
CA PHE B 212 34.01 -24.41 24.65
C PHE B 212 32.53 -24.14 24.28
N PRO B 213 32.22 -22.97 23.70
CA PRO B 213 30.81 -22.76 23.34
C PRO B 213 30.27 -23.70 22.25
N SER B 214 31.15 -24.33 21.48
CA SER B 214 30.72 -25.32 20.50
C SER B 214 30.08 -26.52 21.17
N VAL B 215 30.66 -26.95 22.29
CA VAL B 215 30.11 -28.03 23.08
C VAL B 215 28.73 -27.65 23.61
N ILE B 216 28.63 -26.44 24.14
CA ILE B 216 27.38 -25.91 24.66
C ILE B 216 26.31 -25.84 23.58
N SER B 217 26.72 -25.48 22.37
CA SER B 217 25.82 -25.38 21.23
C SER B 217 25.17 -26.72 20.90
N LEU B 218 25.95 -27.79 20.98
CA LEU B 218 25.42 -29.13 20.72
C LEU B 218 24.35 -29.50 21.74
N ILE B 219 24.62 -29.22 23.01
CA ILE B 219 23.66 -29.46 24.08
C ILE B 219 22.38 -28.67 23.82
N GLY B 220 22.54 -27.48 23.24
CA GLY B 220 21.40 -26.65 22.88
C GLY B 220 20.60 -27.27 21.74
N ILE B 221 21.30 -27.72 20.72
CA ILE B 221 20.66 -28.42 19.60
C ILE B 221 19.97 -29.69 20.09
N LEU B 222 20.67 -30.45 20.92
CA LEU B 222 20.16 -31.71 21.46
C LEU B 222 18.88 -31.50 22.27
N ALA B 223 18.85 -30.43 23.06
CA ALA B 223 17.72 -30.14 23.92
C ALA B 223 16.46 -29.83 23.11
N LEU B 224 16.64 -29.12 22.00
CA LEU B 224 15.51 -28.70 21.18
C LEU B 224 14.93 -29.82 20.33
N VAL B 225 15.78 -30.73 19.86
CA VAL B 225 15.33 -31.79 18.98
C VAL B 225 14.72 -32.98 19.73
N VAL B 226 15.14 -33.18 20.97
CA VAL B 226 14.71 -34.35 21.73
C VAL B 226 13.50 -34.07 22.63
N PHE B 227 13.50 -32.92 23.30
CA PHE B 227 12.46 -32.61 24.26
C PHE B 227 11.57 -31.46 23.81
N PHE B 228 12.18 -30.28 23.66
CA PHE B 228 11.45 -29.06 23.38
C PHE B 228 11.28 -28.85 21.87
N LYS B 229 10.45 -29.69 21.26
CA LYS B 229 10.27 -29.70 19.82
C LYS B 229 9.25 -28.66 19.35
N GLU B 230 8.40 -28.20 20.25
CA GLU B 230 7.30 -27.33 19.87
C GLU B 230 7.75 -25.89 19.68
N GLU B 231 7.12 -25.21 18.73
CA GLU B 231 7.29 -23.78 18.56
C GLU B 231 6.33 -23.08 19.51
N THR B 232 6.50 -21.78 19.68
CA THR B 232 5.66 -21.02 20.60
C THR B 232 4.19 -21.08 20.18
N PRO B 233 3.28 -21.11 21.16
CA PRO B 233 1.84 -21.14 20.91
C PRO B 233 1.37 -19.97 20.05
N TYR B 234 1.93 -18.79 20.32
CA TYR B 234 1.61 -17.59 19.55
C TYR B 234 1.96 -17.75 18.08
N PHE B 235 3.13 -18.32 17.80
CA PHE B 235 3.59 -18.51 16.43
C PHE B 235 2.77 -19.56 15.70
N LEU B 236 2.54 -20.69 16.37
CA LEU B 236 1.77 -21.79 15.80
C LEU B 236 0.37 -21.34 15.40
N PHE B 237 -0.27 -20.57 16.27
CA PHE B 237 -1.59 -20.02 16.00
C PHE B 237 -1.52 -19.02 14.86
N GLU B 238 -0.41 -18.29 14.80
CA GLU B 238 -0.25 -17.19 13.84
C GLU B 238 -0.22 -17.67 12.39
N LYS B 239 0.12 -18.93 12.17
CA LYS B 239 0.21 -19.45 10.81
C LYS B 239 -0.67 -20.67 10.56
N GLY B 240 -1.72 -20.83 11.36
CA GLY B 240 -2.74 -21.81 11.07
C GLY B 240 -2.82 -23.03 11.97
N ARG B 241 -1.68 -23.47 12.50
CA ARG B 241 -1.65 -24.66 13.35
C ARG B 241 -2.29 -24.39 14.71
N ILE B 242 -3.62 -24.37 14.72
CA ILE B 242 -4.39 -24.00 15.91
C ILE B 242 -4.35 -25.07 17.00
N GLU B 243 -4.56 -26.33 16.60
CA GLU B 243 -4.60 -27.42 17.58
C GLU B 243 -3.22 -27.68 18.17
N GLU B 244 -2.19 -27.56 17.34
CA GLU B 244 -0.81 -27.68 17.81
C GLU B 244 -0.51 -26.54 18.79
N SER B 245 -1.07 -25.38 18.51
CA SER B 245 -0.92 -24.22 19.39
C SER B 245 -1.61 -24.47 20.73
N LYS B 246 -2.76 -25.13 20.69
CA LYS B 246 -3.50 -25.45 21.91
C LYS B 246 -2.72 -26.44 22.77
N ASN B 247 -2.08 -27.42 22.12
CA ASN B 247 -1.37 -28.47 22.82
C ASN B 247 -0.13 -27.96 23.58
N ILE B 248 0.66 -27.13 22.92
CA ILE B 248 1.83 -26.53 23.58
C ILE B 248 1.36 -25.55 24.64
N LEU B 249 0.23 -24.89 24.38
CA LEU B 249 -0.38 -23.99 25.34
C LEU B 249 -0.82 -24.76 26.58
N LYS B 250 -1.46 -25.90 26.37
CA LYS B 250 -1.88 -26.76 27.46
C LYS B 250 -0.68 -27.34 28.20
N LYS B 251 0.44 -27.48 27.47
CA LYS B 251 1.62 -28.13 28.03
C LYS B 251 2.41 -27.19 28.94
N ILE B 252 2.47 -25.91 28.57
CA ILE B 252 3.23 -24.94 29.34
C ILE B 252 2.42 -24.42 30.55
N TYR B 253 1.10 -24.46 30.43
CA TYR B 253 0.23 -24.08 31.54
C TYR B 253 -0.12 -25.31 32.37
N GLU B 254 0.24 -26.48 31.85
CA GLU B 254 0.01 -27.76 32.52
C GLU B 254 -1.47 -27.97 32.84
N THR B 255 -2.34 -27.53 31.94
CA THR B 255 -3.78 -27.63 32.17
C THR B 255 -4.55 -27.60 30.84
N ASP B 256 -5.64 -28.34 30.78
CA ASP B 256 -6.50 -28.36 29.60
C ASP B 256 -7.26 -27.03 29.48
N ASN B 257 -7.42 -26.34 30.61
CA ASN B 257 -8.13 -25.07 30.63
C ASN B 257 -7.22 -23.92 30.22
N VAL B 258 -7.10 -23.69 28.91
CA VAL B 258 -6.25 -22.63 28.39
C VAL B 258 -7.04 -21.67 27.51
N ASP B 259 -8.32 -21.54 27.81
CA ASP B 259 -9.21 -20.68 27.03
C ASP B 259 -8.77 -19.22 27.09
N GLU B 260 -8.42 -18.76 28.30
CA GLU B 260 -8.04 -17.37 28.51
C GLU B 260 -6.74 -16.98 27.78
N PRO B 261 -5.67 -17.81 27.89
CA PRO B 261 -4.48 -17.46 27.10
C PRO B 261 -4.69 -17.59 25.60
N LEU B 262 -5.49 -18.56 25.18
CA LEU B 262 -5.73 -18.80 23.76
C LEU B 262 -6.48 -17.62 23.12
N ASN B 263 -7.41 -17.03 23.87
CA ASN B 263 -8.17 -15.89 23.37
C ASN B 263 -7.28 -14.67 23.18
N ALA B 264 -6.30 -14.52 24.06
CA ALA B 264 -5.34 -13.43 23.96
C ALA B 264 -4.49 -13.56 22.70
N ILE B 265 -4.04 -14.79 22.44
CA ILE B 265 -3.31 -15.10 21.23
C ILE B 265 -4.20 -14.91 20.00
N LYS B 266 -5.46 -15.32 20.15
CA LYS B 266 -6.44 -15.19 19.06
C LYS B 266 -6.63 -13.73 18.67
N GLU B 267 -6.79 -12.86 19.65
CA GLU B 267 -6.98 -11.43 19.39
C GLU B 267 -5.71 -10.80 18.83
N ALA B 268 -4.56 -11.29 19.26
CA ALA B 268 -3.27 -10.79 18.78
C ALA B 268 -3.08 -11.12 17.31
N VAL B 269 -3.29 -12.38 16.95
CA VAL B 269 -3.14 -12.83 15.57
C VAL B 269 -4.18 -12.16 14.67
N GLU B 270 -5.38 -11.98 15.21
CA GLU B 270 -6.47 -11.31 14.47
C GLU B 270 -6.07 -9.88 14.13
N GLN B 271 -5.34 -9.24 15.04
CA GLN B 271 -4.83 -7.90 14.83
C GLN B 271 -3.73 -7.90 13.78
N ASN B 272 -2.92 -8.95 13.78
CA ASN B 272 -1.86 -9.10 12.79
C ASN B 272 -2.43 -9.21 11.38
N GLU B 273 -3.47 -10.02 11.24
CA GLU B 273 -4.10 -10.22 9.94
C GLU B 273 -4.79 -8.95 9.45
N SER B 274 -5.39 -8.22 10.38
CA SER B 274 -6.05 -6.96 10.07
C SER B 274 -5.04 -5.90 9.63
N ALA B 275 -3.86 -5.96 10.22
CA ALA B 275 -2.80 -5.00 9.92
C ALA B 275 -2.22 -5.23 8.53
N LYS B 276 -2.25 -6.48 8.08
CA LYS B 276 -1.68 -6.84 6.79
C LYS B 276 -2.53 -6.33 5.63
N LYS B 277 -3.85 -6.32 5.83
CA LYS B 277 -4.76 -5.79 4.82
C LYS B 277 -4.53 -4.29 4.63
N ASN B 278 -4.16 -3.62 5.72
CA ASN B 278 -3.82 -2.21 5.69
C ASN B 278 -2.38 -2.01 5.26
N SER B 279 -1.69 -3.14 5.02
CA SER B 279 -0.27 -3.15 4.65
C SER B 279 0.59 -2.43 5.68
N LEU B 280 0.32 -2.67 6.96
CA LEU B 280 1.10 -2.07 8.03
C LEU B 280 2.41 -2.81 8.23
N SER B 281 3.50 -2.05 8.21
CA SER B 281 4.83 -2.58 8.46
C SER B 281 5.56 -1.64 9.41
N LEU B 282 6.77 -2.01 9.82
CA LEU B 282 7.56 -1.19 10.72
C LEU B 282 7.78 0.20 10.13
N LEU B 283 8.08 0.23 8.83
CA LEU B 283 8.26 1.48 8.11
C LEU B 283 6.94 2.24 8.00
N SER B 284 5.85 1.49 7.80
CA SER B 284 4.54 2.08 7.68
C SER B 284 4.02 2.58 9.02
N ALA B 285 4.35 1.85 10.08
CA ALA B 285 3.93 2.22 11.42
C ALA B 285 4.64 3.48 11.90
N LEU B 286 5.85 3.69 11.39
CA LEU B 286 6.63 4.87 11.73
C LEU B 286 5.95 6.15 11.21
N LYS B 287 5.12 6.00 10.19
CA LYS B 287 4.42 7.13 9.60
C LYS B 287 3.06 7.35 10.26
N ILE B 288 2.76 6.53 11.25
CA ILE B 288 1.60 6.74 12.12
C ILE B 288 2.10 7.21 13.48
N PRO B 289 1.67 8.41 13.91
CA PRO B 289 2.18 9.06 15.13
C PRO B 289 2.03 8.20 16.38
N SER B 290 0.91 7.49 16.51
CA SER B 290 0.67 6.65 17.68
C SER B 290 1.63 5.46 17.72
N TYR B 291 1.84 4.83 16.57
CA TYR B 291 2.78 3.72 16.48
C TYR B 291 4.23 4.21 16.49
N ARG B 292 4.45 5.40 15.93
CA ARG B 292 5.78 5.99 15.93
C ARG B 292 6.22 6.33 17.35
N TYR B 293 5.27 6.79 18.16
CA TYR B 293 5.53 7.20 19.53
C TYR B 293 6.02 6.05 20.41
N VAL B 294 5.39 4.88 20.29
CA VAL B 294 5.75 3.75 21.14
C VAL B 294 7.07 3.12 20.67
N ILE B 295 7.35 3.22 19.38
CA ILE B 295 8.60 2.70 18.82
C ILE B 295 9.79 3.52 19.30
N ILE B 296 9.66 4.84 19.26
CA ILE B 296 10.71 5.74 19.73
C ILE B 296 10.99 5.53 21.22
N LEU B 297 9.92 5.36 22.00
CA LEU B 297 10.05 5.09 23.42
C LEU B 297 10.89 3.83 23.65
N GLY B 298 10.60 2.79 22.88
CA GLY B 298 11.34 1.54 22.97
C GLY B 298 12.79 1.74 22.57
N CYS B 299 13.01 2.48 21.49
CA CYS B 299 14.35 2.77 21.00
C CYS B 299 15.15 3.60 21.99
N LEU B 300 14.48 4.58 22.60
CA LEU B 300 15.13 5.42 23.60
C LEU B 300 15.49 4.62 24.84
N LEU B 301 14.53 3.85 25.34
CA LEU B 301 14.74 3.02 26.53
C LEU B 301 15.86 2.01 26.30
N SER B 302 15.93 1.48 25.08
CA SER B 302 16.94 0.49 24.73
C SER B 302 18.31 1.13 24.59
N GLY B 303 18.35 2.32 24.01
CA GLY B 303 19.60 3.03 23.80
C GLY B 303 20.20 3.59 25.09
N LEU B 304 19.33 3.98 26.02
CA LEU B 304 19.77 4.60 27.27
C LEU B 304 20.38 3.60 28.24
N GLN B 305 20.25 2.31 27.95
CA GLN B 305 20.86 1.28 28.78
C GLN B 305 22.38 1.34 28.67
N GLN B 306 22.86 1.78 27.51
CA GLN B 306 24.29 1.86 27.26
C GLN B 306 24.94 3.05 27.95
N PHE B 307 24.13 4.07 28.24
CA PHE B 307 24.65 5.31 28.83
C PHE B 307 24.85 5.19 30.33
N THR B 308 24.61 3.99 30.87
CA THR B 308 25.00 3.67 32.23
C THR B 308 26.50 3.41 32.27
N GLY B 309 27.07 3.15 31.09
CA GLY B 309 28.49 2.92 30.97
C GLY B 309 28.90 1.51 31.35
N ILE B 310 27.92 0.60 31.37
CA ILE B 310 28.15 -0.77 31.79
C ILE B 310 29.12 -1.48 30.85
N ASN B 311 29.00 -1.25 29.55
CA ASN B 311 29.84 -1.93 28.57
C ASN B 311 31.24 -1.36 28.48
N VAL B 312 31.42 -0.13 28.95
CA VAL B 312 32.75 0.46 29.08
C VAL B 312 33.53 -0.36 30.10
N LEU B 313 32.86 -0.73 31.18
CA LEU B 313 33.45 -1.56 32.23
C LEU B 313 33.67 -2.99 31.73
N VAL B 314 32.68 -3.52 31.03
CA VAL B 314 32.75 -4.89 30.52
C VAL B 314 33.88 -5.08 29.53
N SER B 315 34.02 -4.13 28.61
CA SER B 315 35.02 -4.20 27.56
C SER B 315 36.42 -3.85 28.05
N ASN B 316 36.51 -2.80 28.86
CA ASN B 316 37.81 -2.23 29.24
C ASN B 316 38.19 -2.40 30.70
N SER B 317 37.66 -3.43 31.36
CA SER B 317 37.92 -3.66 32.78
C SER B 317 39.41 -3.67 33.12
N ASN B 318 40.20 -4.32 32.26
CA ASN B 318 41.63 -4.38 32.47
C ASN B 318 42.29 -3.02 32.29
N GLU B 319 41.84 -2.30 31.27
CA GLU B 319 42.42 -1.00 30.93
C GLU B 319 42.08 0.08 31.96
N LEU B 320 40.93 -0.06 32.60
CA LEU B 320 40.46 0.96 33.55
C LEU B 320 41.28 0.97 34.84
N TYR B 321 41.67 -0.20 35.32
CA TYR B 321 42.32 -0.29 36.63
C TYR B 321 43.82 -0.56 36.53
N LYS B 322 44.34 -0.64 35.31
CA LYS B 322 45.74 -0.95 35.09
C LYS B 322 46.67 0.19 35.49
N GLU B 323 46.11 1.39 35.62
CA GLU B 323 46.89 2.58 35.97
C GLU B 323 47.33 2.57 37.43
N PHE B 324 46.46 2.09 38.32
CA PHE B 324 46.74 2.15 39.75
C PHE B 324 46.65 0.80 40.47
N LEU B 325 46.54 -0.29 39.71
CA LEU B 325 46.46 -1.64 40.30
C LEU B 325 47.39 -2.62 39.58
N ASP B 326 47.89 -3.61 40.32
CA ASP B 326 48.76 -4.63 39.73
C ASP B 326 47.93 -5.72 39.06
N SER B 327 48.60 -6.67 38.40
CA SER B 327 47.91 -7.70 37.64
C SER B 327 47.11 -8.65 38.53
N HIS B 328 47.59 -8.88 39.74
CA HIS B 328 46.96 -9.84 40.65
C HIS B 328 45.61 -9.33 41.16
N LEU B 329 45.56 -8.07 41.60
CA LEU B 329 44.34 -7.51 42.15
C LEU B 329 43.28 -7.27 41.07
N ILE B 330 43.72 -6.88 39.88
CA ILE B 330 42.81 -6.70 38.74
C ILE B 330 42.15 -8.04 38.41
N THR B 331 42.94 -9.10 38.46
CA THR B 331 42.41 -10.46 38.29
C THR B 331 41.38 -10.77 39.38
N ILE B 332 41.72 -10.42 40.61
CA ILE B 332 40.80 -10.62 41.73
C ILE B 332 39.55 -9.77 41.54
N LEU B 333 39.73 -8.51 41.18
CA LEU B 333 38.61 -7.60 40.95
C LEU B 333 37.71 -8.12 39.83
N SER B 334 38.32 -8.67 38.79
CA SER B 334 37.57 -9.21 37.66
C SER B 334 36.69 -10.38 38.08
N VAL B 335 37.18 -11.17 39.04
CA VAL B 335 36.42 -12.32 39.53
C VAL B 335 35.20 -11.91 40.33
N VAL B 336 35.39 -11.01 41.29
CA VAL B 336 34.30 -10.58 42.15
C VAL B 336 33.28 -9.69 41.41
N MET B 337 33.76 -8.91 40.45
CA MET B 337 32.86 -8.07 39.65
C MET B 337 31.87 -8.93 38.86
N THR B 338 32.39 -9.93 38.17
CA THR B 338 31.56 -10.85 37.40
C THR B 338 30.65 -11.67 38.31
N ALA B 339 31.16 -12.02 39.49
CA ALA B 339 30.39 -12.78 40.46
C ALA B 339 29.24 -11.93 40.99
N VAL B 340 29.54 -10.71 41.40
CA VAL B 340 28.53 -9.80 41.90
C VAL B 340 27.52 -9.45 40.81
N ASN B 341 28.01 -9.23 39.60
CA ASN B 341 27.14 -8.95 38.45
C ASN B 341 26.17 -10.09 38.19
N PHE B 342 26.63 -11.32 38.44
CA PHE B 342 25.82 -12.51 38.26
C PHE B 342 24.84 -12.71 39.41
N LEU B 343 25.31 -12.43 40.63
CA LEU B 343 24.49 -12.67 41.81
C LEU B 343 23.38 -11.64 41.98
N MET B 344 23.62 -10.41 41.52
CA MET B 344 22.64 -9.35 41.70
C MET B 344 21.50 -9.43 40.67
N THR B 345 21.59 -10.41 39.77
CA THR B 345 20.53 -10.62 38.80
C THR B 345 19.37 -11.37 39.44
N PHE B 346 19.69 -12.20 40.42
CA PHE B 346 18.69 -13.05 41.10
C PHE B 346 17.55 -12.29 41.79
N PRO B 347 17.84 -11.19 42.53
CA PRO B 347 16.73 -10.46 43.15
C PRO B 347 15.71 -9.92 42.14
N ALA B 348 16.16 -9.64 40.92
CA ALA B 348 15.29 -9.11 39.89
C ALA B 348 14.18 -10.08 39.53
N ILE B 349 14.46 -11.37 39.67
CA ILE B 349 13.48 -12.41 39.36
C ILE B 349 12.19 -12.22 40.16
N TYR B 350 12.34 -11.82 41.42
CA TYR B 350 11.20 -11.64 42.32
C TYR B 350 10.70 -10.20 42.34
N ILE B 351 11.61 -9.25 42.17
CA ILE B 351 11.26 -7.82 42.24
C ILE B 351 10.47 -7.35 41.02
N VAL B 352 10.84 -7.82 39.83
CA VAL B 352 10.18 -7.41 38.59
C VAL B 352 8.67 -7.67 38.63
N GLU B 353 8.27 -8.76 39.28
CA GLU B 353 6.85 -9.12 39.32
C GLU B 353 6.05 -8.35 40.38
N LYS B 354 6.67 -8.05 41.51
CA LYS B 354 5.94 -7.36 42.58
C LYS B 354 5.94 -5.85 42.38
N LEU B 355 7.12 -5.25 42.28
CA LEU B 355 7.24 -3.80 42.16
C LEU B 355 7.00 -3.31 40.74
N GLY B 356 7.11 -4.22 39.78
CA GLY B 356 6.95 -3.87 38.38
C GLY B 356 8.30 -3.55 37.74
N ARG B 357 8.27 -3.18 36.46
CA ARG B 357 9.50 -2.87 35.74
C ARG B 357 9.90 -1.41 35.91
N LYS B 358 8.90 -0.52 35.92
CA LYS B 358 9.15 0.91 36.01
C LYS B 358 9.82 1.31 37.31
N THR B 359 9.26 0.83 38.43
CA THR B 359 9.81 1.09 39.75
C THR B 359 11.25 0.60 39.85
N LEU B 360 11.52 -0.58 39.31
CA LEU B 360 12.84 -1.15 39.34
C LEU B 360 13.83 -0.34 38.50
N LEU B 361 13.35 0.17 37.37
CA LEU B 361 14.17 1.01 36.51
C LEU B 361 14.51 2.33 37.19
N LEU B 362 13.56 2.88 37.94
CA LEU B 362 13.76 4.15 38.64
C LEU B 362 14.82 4.02 39.73
N TRP B 363 14.69 2.99 40.56
CA TRP B 363 15.66 2.74 41.62
C TRP B 363 17.03 2.41 41.05
N GLY B 364 17.04 1.78 39.88
CA GLY B 364 18.29 1.46 39.20
C GLY B 364 19.04 2.72 38.80
N CYS B 365 18.32 3.70 38.29
CA CYS B 365 18.91 4.98 37.90
C CYS B 365 19.48 5.72 39.10
N VAL B 366 18.80 5.60 40.23
CA VAL B 366 19.24 6.23 41.47
C VAL B 366 20.60 5.68 41.90
N GLY B 367 20.72 4.35 41.90
CA GLY B 367 21.96 3.70 42.28
C GLY B 367 23.11 4.04 41.37
N VAL B 368 22.81 4.22 40.09
CA VAL B 368 23.83 4.60 39.10
C VAL B 368 24.36 6.00 39.39
N LEU B 369 23.46 6.91 39.75
CA LEU B 369 23.84 8.27 40.09
C LEU B 369 24.69 8.32 41.35
N VAL B 370 24.33 7.50 42.33
CA VAL B 370 25.07 7.39 43.58
C VAL B 370 26.49 6.87 43.32
N ALA B 371 26.64 6.11 42.24
CA ALA B 371 27.93 5.53 41.89
C ALA B 371 28.86 6.55 41.21
N TYR B 372 28.31 7.31 40.25
CA TYR B 372 29.13 8.18 39.41
C TYR B 372 29.45 9.54 40.03
N LEU B 373 28.48 10.15 40.70
CA LEU B 373 28.63 11.52 41.20
C LEU B 373 29.81 11.70 42.16
N PRO B 374 29.94 10.85 43.20
CA PRO B 374 31.10 11.05 44.09
C PRO B 374 32.43 10.85 43.38
N THR B 375 32.46 9.92 42.43
CA THR B 375 33.67 9.65 41.66
C THR B 375 34.03 10.87 40.80
N ALA B 376 33.01 11.53 40.26
CA ALA B 376 33.19 12.73 39.46
C ALA B 376 33.69 13.89 40.32
N ILE B 377 33.15 13.99 41.53
CA ILE B 377 33.55 15.03 42.47
C ILE B 377 35.01 14.85 42.88
N ALA B 378 35.36 13.63 43.26
CA ALA B 378 36.69 13.31 43.76
C ALA B 378 37.78 13.52 42.71
N ASN B 379 37.49 13.14 41.46
CA ASN B 379 38.45 13.29 40.38
C ASN B 379 38.73 14.74 40.04
N GLU B 380 37.69 15.58 40.10
CA GLU B 380 37.83 16.99 39.81
C GLU B 380 38.71 17.68 40.84
N ILE B 381 38.58 17.26 42.10
CA ILE B 381 39.38 17.79 43.19
C ILE B 381 40.82 17.31 43.10
N ASN B 382 40.99 16.00 42.87
CA ASN B 382 42.32 15.40 42.83
C ASN B 382 42.33 14.09 42.07
N ARG B 383 42.81 14.12 40.82
CA ARG B 383 42.79 12.95 39.95
C ARG B 383 43.65 11.80 40.47
N ASN B 384 44.83 12.13 40.99
CA ASN B 384 45.78 11.11 41.42
C ASN B 384 45.73 10.81 42.92
N SER B 385 44.65 11.23 43.57
CA SER B 385 44.47 10.98 45.00
C SER B 385 44.34 9.49 45.28
N ASN B 386 44.92 9.05 46.40
CA ASN B 386 44.80 7.67 46.83
C ASN B 386 43.35 7.36 47.21
N PHE B 387 42.65 8.38 47.67
CA PHE B 387 41.25 8.26 48.08
C PHE B 387 40.32 7.99 46.89
N VAL B 388 40.63 8.62 45.76
CA VAL B 388 39.82 8.48 44.55
C VAL B 388 39.84 7.06 44.01
N LYS B 389 41.00 6.42 44.09
CA LYS B 389 41.17 5.06 43.58
C LYS B 389 40.26 4.08 44.31
N ILE B 390 40.23 4.18 45.64
CA ILE B 390 39.37 3.32 46.45
C ILE B 390 37.91 3.65 46.20
N LEU B 391 37.60 4.93 46.09
CA LEU B 391 36.24 5.38 45.81
C LEU B 391 35.76 4.82 44.47
N SER B 392 36.66 4.78 43.50
CA SER B 392 36.34 4.25 42.18
C SER B 392 36.03 2.76 42.23
N ILE B 393 36.76 2.03 43.08
CA ILE B 393 36.53 0.61 43.27
C ILE B 393 35.16 0.38 43.93
N VAL B 394 34.87 1.18 44.95
CA VAL B 394 33.58 1.13 45.63
C VAL B 394 32.45 1.52 44.68
N ALA B 395 32.69 2.58 43.90
CA ALA B 395 31.71 3.06 42.94
C ALA B 395 31.44 2.02 41.86
N THR B 396 32.45 1.24 41.52
CA THR B 396 32.32 0.18 40.52
C THR B 396 31.25 -0.81 40.90
N PHE B 397 31.34 -1.34 42.12
CA PHE B 397 30.39 -2.33 42.60
C PHE B 397 28.99 -1.74 42.77
N VAL B 398 28.92 -0.48 43.18
CA VAL B 398 27.64 0.20 43.28
C VAL B 398 26.98 0.29 41.90
N MET B 399 27.78 0.60 40.89
CA MET B 399 27.29 0.66 39.51
C MET B 399 26.84 -0.72 39.04
N ILE B 400 27.63 -1.74 39.37
CA ILE B 400 27.33 -3.11 38.97
C ILE B 400 26.07 -3.63 39.65
N ILE B 401 26.03 -3.52 40.98
CA ILE B 401 24.88 -3.97 41.75
C ILE B 401 23.57 -3.31 41.29
N SER B 402 23.63 -2.02 41.01
CA SER B 402 22.47 -1.27 40.56
C SER B 402 21.99 -1.74 39.19
N PHE B 403 22.92 -1.85 38.25
CA PHE B 403 22.59 -2.22 36.87
C PHE B 403 22.14 -3.68 36.76
N ALA B 404 22.81 -4.56 37.50
CA ALA B 404 22.56 -5.99 37.39
C ALA B 404 21.17 -6.40 37.87
N VAL B 405 20.59 -5.58 38.74
CA VAL B 405 19.30 -5.92 39.34
C VAL B 405 18.14 -5.17 38.69
N SER B 406 18.45 -4.19 37.85
CA SER B 406 17.41 -3.36 37.25
C SER B 406 17.43 -3.25 35.72
N TYR B 407 18.27 -2.36 35.21
CA TYR B 407 18.25 -2.00 33.79
C TYR B 407 18.68 -3.17 32.90
N GLY B 408 19.63 -3.95 33.39
CA GLY B 408 20.08 -5.13 32.66
C GLY B 408 18.98 -6.09 32.29
N PRO B 409 18.36 -6.73 33.30
CA PRO B 409 17.26 -7.68 33.08
C PRO B 409 15.99 -7.07 32.51
N VAL B 410 15.56 -5.92 33.04
CA VAL B 410 14.27 -5.34 32.68
C VAL B 410 14.12 -4.98 31.21
N LEU B 411 15.15 -4.38 30.62
CA LEU B 411 15.07 -3.90 29.24
C LEU B 411 14.63 -4.98 28.25
N TRP B 412 15.29 -6.14 28.30
CA TRP B 412 14.98 -7.22 27.37
C TRP B 412 13.61 -7.83 27.66
N ILE B 413 13.16 -7.68 28.91
CA ILE B 413 11.82 -8.11 29.28
C ILE B 413 10.80 -7.10 28.77
N TYR B 414 11.12 -5.82 28.92
CA TYR B 414 10.21 -4.73 28.59
C TYR B 414 9.98 -4.62 27.08
N LEU B 415 11.02 -4.86 26.30
CA LEU B 415 10.93 -4.70 24.85
C LEU B 415 9.95 -5.66 24.19
N HIS B 416 9.62 -6.75 24.89
CA HIS B 416 8.70 -7.74 24.36
C HIS B 416 7.38 -7.75 25.12
N GLU B 417 7.07 -6.64 25.78
CA GLU B 417 5.82 -6.48 26.50
C GLU B 417 5.16 -5.14 26.18
N MET B 418 5.88 -4.28 25.46
CA MET B 418 5.46 -2.90 25.26
C MET B 418 4.93 -2.62 23.86
N PHE B 419 4.86 -3.65 23.03
CA PHE B 419 4.47 -3.45 21.64
C PHE B 419 3.18 -4.19 21.29
N PRO B 420 2.33 -3.55 20.47
CA PRO B 420 1.14 -4.22 19.92
C PRO B 420 1.58 -5.32 18.98
N SER B 421 0.79 -6.39 18.89
CA SER B 421 1.19 -7.60 18.18
C SER B 421 1.56 -7.36 16.72
N GLU B 422 0.93 -6.37 16.10
CA GLU B 422 1.12 -6.12 14.67
C GLU B 422 2.54 -5.70 14.32
N ILE B 423 3.19 -4.95 15.21
CA ILE B 423 4.56 -4.51 14.98
C ILE B 423 5.49 -5.04 16.07
N LYS B 424 4.98 -6.00 16.85
CA LYS B 424 5.67 -6.55 18.01
C LYS B 424 7.08 -7.07 17.75
N ASP B 425 7.24 -7.89 16.72
CA ASP B 425 8.52 -8.54 16.45
C ASP B 425 9.52 -7.62 15.77
N SER B 426 9.05 -6.81 14.82
CA SER B 426 9.94 -5.94 14.06
C SER B 426 10.46 -4.78 14.91
N ALA B 427 9.60 -4.25 15.78
CA ALA B 427 9.99 -3.11 16.62
C ALA B 427 10.95 -3.54 17.74
N ALA B 428 10.79 -4.76 18.22
CA ALA B 428 11.67 -5.29 19.25
C ALA B 428 13.08 -5.48 18.70
N SER B 429 13.17 -5.82 17.42
CA SER B 429 14.46 -6.00 16.77
C SER B 429 15.12 -4.65 16.48
N LEU B 430 14.30 -3.65 16.15
CA LEU B 430 14.79 -2.31 15.89
C LEU B 430 15.37 -1.70 17.16
N ALA B 431 14.65 -1.84 18.27
CA ALA B 431 15.11 -1.34 19.56
C ALA B 431 16.39 -2.05 20.00
N SER B 432 16.45 -3.35 19.72
CA SER B 432 17.64 -4.14 20.05
C SER B 432 18.83 -3.68 19.21
N LEU B 433 18.55 -3.30 17.96
CA LEU B 433 19.58 -2.79 17.07
C LEU B 433 20.15 -1.48 17.60
N VAL B 434 19.27 -0.59 18.04
CA VAL B 434 19.67 0.71 18.57
C VAL B 434 20.58 0.55 19.79
N ASN B 435 20.27 -0.45 20.62
CA ASN B 435 21.08 -0.74 21.81
C ASN B 435 22.54 -1.00 21.47
N TRP B 436 22.78 -1.83 20.46
CA TRP B 436 24.15 -2.17 20.07
C TRP B 436 24.82 -1.01 19.33
N VAL B 437 24.04 -0.21 18.63
CA VAL B 437 24.56 0.98 17.96
C VAL B 437 25.05 1.97 19.01
N CYS B 438 24.27 2.14 20.07
CA CYS B 438 24.64 3.03 21.16
C CYS B 438 25.85 2.52 21.94
N ALA B 439 26.08 1.21 21.87
CA ALA B 439 27.26 0.62 22.50
C ALA B 439 28.52 1.15 21.84
N ILE B 440 28.46 1.33 20.52
CA ILE B 440 29.55 1.94 19.78
C ILE B 440 29.67 3.42 20.13
N ILE B 441 28.52 4.07 20.30
CA ILE B 441 28.47 5.49 20.62
C ILE B 441 29.00 5.81 22.02
N VAL B 442 28.77 4.90 22.96
CA VAL B 442 29.16 5.16 24.34
C VAL B 442 30.59 4.71 24.64
N VAL B 443 30.92 3.47 24.29
CA VAL B 443 32.19 2.87 24.69
C VAL B 443 33.42 3.59 24.14
N PHE B 444 33.52 3.70 22.82
CA PHE B 444 34.74 4.23 22.20
C PHE B 444 35.07 5.68 22.57
N PRO B 445 34.08 6.59 22.54
CA PRO B 445 34.40 7.93 23.04
C PRO B 445 34.76 7.94 24.52
N SER B 446 34.13 7.08 25.31
CA SER B 446 34.44 6.97 26.74
C SER B 446 35.89 6.54 26.94
N ASP B 447 36.39 5.68 26.06
CA ASP B 447 37.77 5.21 26.12
C ASP B 447 38.75 6.36 25.95
N ILE B 448 38.36 7.34 25.14
CA ILE B 448 39.21 8.49 24.85
C ILE B 448 39.08 9.56 25.94
N ILE B 449 37.85 9.83 26.34
CA ILE B 449 37.57 10.89 27.31
C ILE B 449 38.09 10.57 28.70
N ILE B 450 37.93 9.31 29.12
CA ILE B 450 38.32 8.91 30.47
C ILE B 450 39.83 9.00 30.70
N LYS B 451 40.58 9.04 29.60
CA LYS B 451 42.04 9.16 29.68
C LYS B 451 42.45 10.62 29.85
N LYS B 452 41.67 11.53 29.24
CA LYS B 452 41.94 12.96 29.34
C LYS B 452 41.41 13.52 30.65
N SER B 453 40.13 13.30 30.92
CA SER B 453 39.50 13.80 32.13
C SER B 453 38.32 12.93 32.54
N PRO B 454 38.53 12.06 33.53
CA PRO B 454 37.49 11.16 34.05
C PRO B 454 36.28 11.93 34.60
N SER B 455 36.51 13.14 35.11
CA SER B 455 35.45 13.96 35.67
C SER B 455 34.39 14.29 34.64
N ILE B 456 34.82 14.64 33.44
CA ILE B 456 33.89 14.98 32.37
C ILE B 456 33.05 13.78 31.95
N LEU B 457 33.69 12.61 31.89
CA LEU B 457 32.97 11.39 31.53
C LEU B 457 31.99 11.00 32.63
N PHE B 458 32.44 11.10 33.88
CA PHE B 458 31.62 10.69 35.01
C PHE B 458 30.50 11.69 35.32
N ILE B 459 30.67 12.95 34.91
CA ILE B 459 29.62 13.93 35.12
C ILE B 459 28.54 13.78 34.04
N VAL B 460 28.94 13.28 32.87
CA VAL B 460 27.99 13.04 31.78
C VAL B 460 27.09 11.86 32.13
N PHE B 461 27.70 10.78 32.62
CA PHE B 461 26.96 9.60 33.04
C PHE B 461 26.03 9.93 34.21
N SER B 462 26.46 10.85 35.05
CA SER B 462 25.65 11.32 36.17
C SER B 462 24.43 12.07 35.64
N VAL B 463 24.65 12.96 34.68
CA VAL B 463 23.57 13.72 34.06
C VAL B 463 22.64 12.77 33.29
N MET B 464 23.22 11.82 32.57
CA MET B 464 22.44 10.83 31.83
C MET B 464 21.63 9.95 32.77
N SER B 465 22.17 9.69 33.96
CA SER B 465 21.46 8.88 34.95
C SER B 465 20.20 9.58 35.43
N ILE B 466 20.30 10.88 35.66
CA ILE B 466 19.16 11.70 36.10
C ILE B 466 18.15 11.87 34.96
N LEU B 467 18.66 12.17 33.77
CA LEU B 467 17.82 12.35 32.59
C LEU B 467 17.02 11.09 32.27
N THR B 468 17.68 9.94 32.36
CA THR B 468 17.03 8.66 32.13
C THR B 468 15.93 8.42 33.17
N PHE B 469 16.21 8.82 34.42
CA PHE B 469 15.25 8.68 35.51
C PHE B 469 13.95 9.42 35.18
N PHE B 470 14.07 10.65 34.71
CA PHE B 470 12.91 11.48 34.42
C PHE B 470 12.20 11.05 33.14
N PHE B 471 12.97 10.52 32.19
CA PHE B 471 12.39 9.96 30.97
C PHE B 471 11.50 8.77 31.31
N ILE B 472 12.00 7.88 32.16
CA ILE B 472 11.26 6.70 32.58
C ILE B 472 10.05 7.08 33.42
N PHE B 473 10.22 8.05 34.30
CA PHE B 473 9.15 8.47 35.21
C PHE B 473 7.96 9.06 34.46
N PHE B 474 8.24 9.86 33.44
CA PHE B 474 7.20 10.63 32.75
C PHE B 474 6.58 9.92 31.55
N PHE B 475 7.36 9.06 30.89
CA PHE B 475 6.92 8.48 29.62
C PHE B 475 6.71 6.96 29.67
N ILE B 476 7.55 6.27 30.44
CA ILE B 476 7.47 4.82 30.52
C ILE B 476 6.32 4.37 31.42
N LYS B 477 5.46 3.51 30.88
CA LYS B 477 4.33 2.99 31.65
C LYS B 477 4.59 1.54 32.07
N GLU B 478 3.89 1.09 33.10
CA GLU B 478 4.07 -0.27 33.62
C GLU B 478 3.47 -1.31 32.67
N THR B 479 4.13 -2.44 32.54
CA THR B 479 3.69 -3.51 31.64
C THR B 479 3.42 -4.81 32.37
N LYS B 480 3.47 -4.77 33.70
CA LYS B 480 3.23 -5.94 34.54
C LYS B 480 1.85 -6.55 34.30
N GLY B 481 1.83 -7.87 34.09
CA GLY B 481 0.57 -8.60 33.95
C GLY B 481 -0.11 -8.42 32.62
N GLY B 482 0.55 -7.74 31.68
CA GLY B 482 0.00 -7.52 30.36
C GLY B 482 -0.14 -8.81 29.58
N GLU B 483 -1.17 -8.89 28.74
CA GLU B 483 -1.40 -10.08 27.93
C GLU B 483 -0.45 -10.10 26.73
N ILE B 484 -0.52 -11.15 25.93
CA ILE B 484 0.35 -11.29 24.78
C ILE B 484 -0.06 -10.29 23.69
N GLY B 485 0.94 -9.67 23.06
CA GLY B 485 0.70 -8.77 21.94
C GLY B 485 -0.12 -7.53 22.25
N THR B 486 0.00 -7.01 23.47
CA THR B 486 -0.68 -5.77 23.82
C THR B 486 0.29 -4.74 24.41
N SER B 487 -0.05 -3.47 24.28
CA SER B 487 0.80 -2.39 24.78
C SER B 487 0.00 -1.44 25.66
N PRO B 488 0.62 -0.95 26.74
CA PRO B 488 -0.03 0.00 27.65
C PRO B 488 -0.02 1.41 27.08
N TYR B 489 0.58 1.58 25.91
CA TYR B 489 0.68 2.87 25.26
C TYR B 489 -0.42 3.05 24.21
N ILE B 490 -0.88 1.94 23.65
CA ILE B 490 -1.96 1.97 22.66
C ILE B 490 -3.01 0.91 22.98
N THR B 491 -4.27 1.32 23.12
CA THR B 491 -5.35 0.40 23.44
C THR B 491 -5.82 -0.35 22.19
N MET B 492 -6.65 -1.37 22.40
CA MET B 492 -7.15 -2.20 21.31
C MET B 492 -7.91 -1.36 20.29
N GLU B 493 -8.88 -0.58 20.77
CA GLU B 493 -9.74 0.20 19.90
C GLU B 493 -8.97 1.25 19.12
N GLU B 494 -7.83 1.68 19.66
CA GLU B 494 -6.96 2.62 18.96
C GLU B 494 -6.18 1.90 17.87
N ARG B 495 -5.76 0.67 18.15
CA ARG B 495 -5.04 -0.14 17.17
C ARG B 495 -5.92 -0.40 15.95
N GLN B 496 -7.15 -0.85 16.17
CA GLN B 496 -8.07 -1.16 15.08
C GLN B 496 -8.41 0.07 14.24
N LYS B 497 -8.62 1.20 14.91
CA LYS B 497 -9.01 2.44 14.24
C LYS B 497 -7.86 3.02 13.39
N HIS B 498 -6.65 2.97 13.93
CA HIS B 498 -5.48 3.54 13.27
C HIS B 498 -5.15 2.84 11.95
N MET B 499 -5.46 1.55 11.87
CA MET B 499 -5.20 0.77 10.68
C MET B 499 -6.49 0.16 10.12
N PHE C 22 -22.94 22.89 -45.13
CA PHE C 22 -21.66 23.52 -44.83
C PHE C 22 -21.60 23.98 -43.36
N PHE C 23 -21.46 25.29 -43.16
CA PHE C 23 -21.39 25.86 -41.82
C PHE C 23 -22.65 26.68 -41.52
N SER C 24 -23.80 26.03 -41.57
CA SER C 24 -25.09 26.70 -41.38
C SER C 24 -25.32 27.19 -39.95
N THR C 25 -26.53 27.68 -39.69
CA THR C 25 -26.89 28.12 -38.34
C THR C 25 -27.01 26.90 -37.42
N SER C 26 -27.47 25.80 -37.99
CA SER C 26 -27.51 24.52 -37.28
C SER C 26 -26.12 24.10 -36.82
N PHE C 27 -25.13 24.40 -37.64
CA PHE C 27 -23.72 24.13 -37.31
C PHE C 27 -23.33 24.87 -36.03
N LYS C 28 -23.83 26.10 -35.88
CA LYS C 28 -23.53 26.90 -34.70
C LYS C 28 -24.23 26.34 -33.47
N TYR C 29 -25.45 25.87 -33.66
CA TYR C 29 -26.22 25.26 -32.56
C TYR C 29 -25.57 23.98 -32.05
N VAL C 30 -25.12 23.14 -32.98
CA VAL C 30 -24.49 21.88 -32.62
C VAL C 30 -23.16 22.11 -31.91
N LEU C 31 -22.37 23.05 -32.45
CA LEU C 31 -21.09 23.41 -31.87
C LEU C 31 -21.23 23.88 -30.43
N SER C 32 -22.36 24.51 -30.14
CA SER C 32 -22.66 25.00 -28.80
C SER C 32 -22.94 23.83 -27.86
N ALA C 33 -23.44 22.73 -28.42
CA ALA C 33 -23.76 21.56 -27.61
C ALA C 33 -22.56 20.61 -27.50
N CYS C 34 -21.66 20.67 -28.47
CA CYS C 34 -20.49 19.79 -28.48
C CYS C 34 -19.45 20.21 -27.46
N ILE C 35 -19.68 21.35 -26.81
CA ILE C 35 -18.81 21.80 -25.73
C ILE C 35 -18.90 20.82 -24.55
N ALA C 36 -20.13 20.37 -24.28
CA ALA C 36 -20.34 19.38 -23.23
C ALA C 36 -19.72 18.04 -23.63
N SER C 37 -19.72 17.75 -24.93
CA SER C 37 -19.09 16.55 -25.44
C SER C 37 -17.58 16.60 -25.22
N PHE C 38 -17.02 17.81 -25.30
CA PHE C 38 -15.60 18.01 -25.01
C PHE C 38 -15.31 17.71 -23.55
N ILE C 39 -16.21 18.15 -22.67
CA ILE C 39 -16.09 17.89 -21.24
C ILE C 39 -16.11 16.39 -20.96
N PHE C 40 -17.04 15.69 -21.62
CA PHE C 40 -17.13 14.23 -21.57
C PHE C 40 -15.76 13.62 -21.85
N GLY C 41 -15.23 13.87 -23.05
CA GLY C 41 -13.94 13.33 -23.44
C GLY C 41 -12.81 13.69 -22.51
N TYR C 42 -12.80 14.94 -22.04
CA TYR C 42 -11.74 15.40 -21.15
C TYR C 42 -11.81 14.73 -19.77
N GLN C 43 -13.01 14.67 -19.22
CA GLN C 43 -13.20 14.13 -17.86
C GLN C 43 -12.89 12.64 -17.77
N VAL C 44 -13.02 11.93 -18.88
CA VAL C 44 -12.74 10.50 -18.90
C VAL C 44 -11.24 10.22 -18.81
N SER C 45 -10.46 10.97 -19.57
CA SER C 45 -9.03 10.69 -19.73
C SER C 45 -8.14 11.45 -18.74
N VAL C 46 -8.66 12.50 -18.12
CA VAL C 46 -7.85 13.41 -17.33
C VAL C 46 -7.22 12.76 -16.10
N LEU C 47 -7.93 11.84 -15.45
CA LEU C 47 -7.43 11.24 -14.22
C LEU C 47 -6.29 10.26 -14.48
N ASN C 48 -6.45 9.42 -15.50
CA ASN C 48 -5.42 8.45 -15.87
C ASN C 48 -4.10 9.10 -16.25
N THR C 49 -4.18 10.29 -16.83
CA THR C 49 -3.01 11.02 -17.29
C THR C 49 -2.11 11.45 -16.12
N ILE C 50 -2.73 11.94 -15.06
CA ILE C 50 -2.00 12.48 -13.91
C ILE C 50 -2.22 11.65 -12.64
N LYS C 51 -2.65 10.40 -12.82
CA LYS C 51 -2.98 9.53 -11.69
C LYS C 51 -1.80 9.32 -10.74
N ASN C 52 -0.61 9.10 -11.31
CA ASN C 52 0.58 8.82 -10.51
C ASN C 52 0.88 9.90 -9.48
N PHE C 53 0.83 11.15 -9.91
CA PHE C 53 1.12 12.29 -9.03
C PHE C 53 0.15 12.33 -7.85
N ILE C 54 -1.08 11.90 -8.07
CA ILE C 54 -2.07 11.80 -7.01
C ILE C 54 -1.71 10.66 -6.06
N VAL C 55 -1.29 9.53 -6.63
CA VAL C 55 -0.92 8.36 -5.84
C VAL C 55 0.25 8.65 -4.90
N VAL C 56 1.22 9.42 -5.38
CA VAL C 56 2.39 9.77 -4.59
C VAL C 56 2.04 10.77 -3.49
N GLU C 57 1.30 11.82 -3.86
CA GLU C 57 0.94 12.87 -2.92
C GLU C 57 0.03 12.36 -1.82
N PHE C 58 -0.92 11.50 -2.18
CA PHE C 58 -1.88 10.98 -1.20
C PHE C 58 -1.27 9.84 -0.39
N GLU C 59 -0.09 9.41 -0.79
CA GLU C 59 0.63 8.30 -0.14
C GLU C 59 -0.22 7.04 -0.04
N TRP C 60 -0.78 6.62 -1.16
CA TRP C 60 -1.58 5.40 -1.21
C TRP C 60 -0.68 4.16 -1.11
N CYS C 61 0.61 4.34 -1.39
CA CYS C 61 1.58 3.27 -1.27
C CYS C 61 2.76 3.72 -0.42
N LYS C 62 2.49 4.10 0.83
CA LYS C 62 3.53 4.60 1.72
C LYS C 62 4.18 3.48 2.53
N GLY C 63 3.47 2.37 2.66
CA GLY C 63 3.95 1.24 3.44
C GLY C 63 4.98 0.39 2.73
N GLU C 64 4.84 0.27 1.42
CA GLU C 64 5.76 -0.55 0.63
C GLU C 64 7.01 0.23 0.21
N LYS C 65 7.98 -0.49 -0.34
CA LYS C 65 9.20 0.13 -0.84
C LYS C 65 8.90 0.92 -2.11
N ASP C 66 8.00 0.37 -2.93
CA ASP C 66 7.56 1.05 -4.14
C ASP C 66 6.40 1.98 -3.81
N ARG C 67 6.50 3.23 -4.23
CA ARG C 67 5.48 4.23 -3.93
C ARG C 67 4.44 4.33 -5.04
N LEU C 68 4.76 3.78 -6.20
CA LEU C 68 3.87 3.86 -7.35
C LEU C 68 2.94 2.65 -7.46
N ASN C 69 3.46 1.47 -7.18
CA ASN C 69 2.70 0.24 -7.34
C ASN C 69 2.48 -0.52 -6.04
N CYS C 70 1.20 -0.72 -5.70
CA CYS C 70 0.84 -1.51 -4.52
C CYS C 70 -0.60 -2.01 -4.66
N SER C 71 -1.04 -2.78 -3.69
CA SER C 71 -2.39 -3.34 -3.72
C SER C 71 -3.44 -2.26 -3.47
N ASN C 72 -3.13 -1.34 -2.56
CA ASN C 72 -4.08 -0.27 -2.19
C ASN C 72 -4.36 0.66 -3.36
N ASN C 73 -3.34 0.94 -4.16
CA ASN C 73 -3.49 1.80 -5.32
C ASN C 73 -4.39 1.17 -6.38
N THR C 74 -4.19 -0.11 -6.63
CA THR C 74 -4.98 -0.85 -7.63
C THR C 74 -6.45 -0.92 -7.23
N ILE C 75 -6.72 -1.24 -5.98
CA ILE C 75 -8.08 -1.35 -5.48
C ILE C 75 -8.80 -0.01 -5.54
N GLN C 76 -8.13 1.05 -5.08
CA GLN C 76 -8.72 2.38 -5.05
C GLN C 76 -8.88 2.97 -6.45
N SER C 77 -7.97 2.63 -7.35
CA SER C 77 -8.07 3.07 -8.74
C SER C 77 -9.23 2.35 -9.42
N SER C 78 -9.44 1.09 -9.04
CA SER C 78 -10.56 0.31 -9.56
C SER C 78 -11.87 0.91 -9.10
N PHE C 79 -11.86 1.45 -7.88
CA PHE C 79 -13.04 2.13 -7.32
C PHE C 79 -13.29 3.45 -8.03
N LEU C 80 -12.21 4.17 -8.34
CA LEU C 80 -12.33 5.45 -9.04
C LEU C 80 -12.94 5.27 -10.42
N LEU C 81 -12.49 4.23 -11.14
CA LEU C 81 -13.02 3.94 -12.47
C LEU C 81 -14.45 3.44 -12.39
N ALA C 82 -14.74 2.62 -11.40
CA ALA C 82 -16.08 2.07 -11.22
C ALA C 82 -17.08 3.17 -10.90
N SER C 83 -16.64 4.16 -10.13
CA SER C 83 -17.50 5.29 -9.77
C SER C 83 -17.88 6.11 -10.99
N VAL C 84 -16.97 6.21 -11.94
CA VAL C 84 -17.22 6.92 -13.18
C VAL C 84 -18.28 6.20 -14.01
N PHE C 85 -18.12 4.88 -14.14
CA PHE C 85 -19.07 4.06 -14.90
C PHE C 85 -20.44 4.02 -14.23
N ILE C 86 -20.46 3.72 -12.94
CA ILE C 86 -21.69 3.66 -12.17
C ILE C 86 -22.41 5.01 -12.18
N GLY C 87 -21.62 6.09 -12.04
CA GLY C 87 -22.16 7.43 -12.11
C GLY C 87 -22.81 7.68 -13.46
N ALA C 88 -22.13 7.25 -14.52
CA ALA C 88 -22.65 7.39 -15.88
C ALA C 88 -23.95 6.61 -16.07
N VAL C 89 -24.04 5.46 -15.42
CA VAL C 89 -25.25 4.65 -15.46
C VAL C 89 -26.41 5.41 -14.84
N LEU C 90 -26.17 5.99 -13.67
CA LEU C 90 -27.18 6.79 -12.98
C LEU C 90 -27.52 8.04 -13.78
N GLY C 91 -26.50 8.61 -14.43
CA GLY C 91 -26.68 9.81 -15.24
C GLY C 91 -27.56 9.57 -16.45
N CYS C 92 -27.36 8.43 -17.11
CA CYS C 92 -28.15 8.07 -18.28
C CYS C 92 -29.60 7.76 -17.89
N GLY C 93 -29.77 7.17 -16.71
CA GLY C 93 -31.10 6.84 -16.22
C GLY C 93 -31.88 8.08 -15.84
N PHE C 94 -31.20 9.05 -15.21
CA PHE C 94 -31.85 10.27 -14.77
C PHE C 94 -32.10 11.22 -15.94
N SER C 95 -31.30 11.07 -17.00
CA SER C 95 -31.39 11.96 -18.16
C SER C 95 -32.74 11.84 -18.87
N GLY C 96 -33.22 10.61 -19.00
CA GLY C 96 -34.53 10.36 -19.61
C GLY C 96 -35.65 11.08 -18.89
N TYR C 97 -35.51 11.21 -17.58
CA TYR C 97 -36.44 11.98 -16.76
C TYR C 97 -36.21 13.48 -16.98
N LEU C 98 -34.94 13.86 -17.02
CA LEU C 98 -34.56 15.26 -17.08
C LEU C 98 -34.91 15.93 -18.41
N VAL C 99 -34.72 15.21 -19.52
CA VAL C 99 -34.95 15.78 -20.84
C VAL C 99 -36.40 16.17 -21.06
N GLN C 100 -37.30 15.59 -20.28
CA GLN C 100 -38.73 15.92 -20.33
C GLN C 100 -38.96 17.40 -20.05
N PHE C 101 -38.17 17.94 -19.13
CA PHE C 101 -38.27 19.35 -18.75
C PHE C 101 -37.74 20.27 -19.86
N GLY C 102 -36.76 19.78 -20.61
CA GLY C 102 -36.18 20.55 -21.70
C GLY C 102 -34.84 20.02 -22.19
N ARG C 103 -34.62 20.14 -23.50
CA ARG C 103 -33.37 19.70 -24.11
C ARG C 103 -32.24 20.68 -23.77
N ARG C 104 -32.47 21.95 -24.08
CA ARG C 104 -31.51 23.01 -23.78
C ARG C 104 -31.32 23.17 -22.28
N LEU C 105 -32.39 22.91 -21.53
CA LEU C 105 -32.36 22.96 -20.08
C LEU C 105 -31.34 21.98 -19.53
N SER C 106 -31.34 20.77 -20.09
CA SER C 106 -30.42 19.72 -19.69
C SER C 106 -28.97 20.16 -19.87
N LEU C 107 -28.70 20.90 -20.94
CA LEU C 107 -27.36 21.40 -21.22
C LEU C 107 -26.90 22.38 -20.14
N LEU C 108 -27.75 23.35 -19.82
CA LEU C 108 -27.44 24.34 -18.80
C LEU C 108 -27.19 23.70 -17.44
N ILE C 109 -27.98 22.69 -17.10
CA ILE C 109 -27.77 21.93 -15.88
C ILE C 109 -26.38 21.30 -15.89
N ILE C 110 -26.03 20.68 -17.03
CA ILE C 110 -24.76 20.00 -17.19
C ILE C 110 -23.56 20.92 -16.98
N TYR C 111 -23.57 22.08 -17.63
CA TYR C 111 -22.46 23.03 -17.53
C TYR C 111 -22.28 23.56 -16.12
N ASN C 112 -23.38 23.92 -15.47
CA ASN C 112 -23.34 24.38 -14.09
C ASN C 112 -22.91 23.26 -13.14
N PHE C 113 -23.36 22.04 -13.43
CA PHE C 113 -23.00 20.88 -12.63
C PHE C 113 -21.51 20.58 -12.74
N PHE C 114 -21.01 20.54 -13.97
CA PHE C 114 -19.59 20.29 -14.21
C PHE C 114 -18.71 21.41 -13.66
N PHE C 115 -19.26 22.62 -13.62
CA PHE C 115 -18.53 23.76 -13.11
C PHE C 115 -18.18 23.57 -11.64
N LEU C 116 -19.10 22.99 -10.89
CA LEU C 116 -18.91 22.76 -9.46
C LEU C 116 -18.04 21.52 -9.20
N VAL C 117 -18.34 20.44 -9.91
CA VAL C 117 -17.64 19.17 -9.74
C VAL C 117 -16.15 19.31 -10.07
N SER C 118 -15.85 20.04 -11.13
CA SER C 118 -14.46 20.23 -11.55
C SER C 118 -13.66 21.03 -10.54
N ILE C 119 -14.30 22.02 -9.91
CA ILE C 119 -13.67 22.79 -8.85
C ILE C 119 -13.39 21.91 -7.64
N LEU C 120 -14.38 21.08 -7.28
CA LEU C 120 -14.25 20.18 -6.15
C LEU C 120 -13.09 19.21 -6.30
N THR C 121 -12.96 18.64 -7.50
CA THR C 121 -11.91 17.67 -7.78
C THR C 121 -10.52 18.29 -7.69
N SER C 122 -10.43 19.57 -8.05
CA SER C 122 -9.15 20.28 -8.07
C SER C 122 -8.61 20.53 -6.67
N ILE C 123 -9.49 20.55 -5.67
CA ILE C 123 -9.09 20.85 -4.30
C ILE C 123 -9.20 19.63 -3.39
N THR C 124 -9.28 18.44 -3.97
CA THR C 124 -9.37 17.21 -3.19
C THR C 124 -8.03 16.86 -2.55
N HIS C 125 -8.10 16.20 -1.39
CA HIS C 125 -6.90 15.83 -0.65
C HIS C 125 -6.98 14.40 -0.11
N HIS C 126 -8.06 13.70 -0.43
CA HIS C 126 -8.28 12.35 0.07
C HIS C 126 -8.94 11.46 -0.98
N PHE C 127 -8.88 10.16 -0.77
CA PHE C 127 -9.45 9.19 -1.70
C PHE C 127 -10.98 9.26 -1.72
N HIS C 128 -11.59 9.52 -0.57
CA HIS C 128 -13.05 9.53 -0.46
C HIS C 128 -13.68 10.74 -1.16
N THR C 129 -13.05 11.90 -1.04
CA THR C 129 -13.54 13.11 -1.69
C THR C 129 -13.38 13.02 -3.20
N ILE C 130 -12.25 12.50 -3.66
CA ILE C 130 -11.99 12.40 -5.08
C ILE C 130 -12.83 11.27 -5.69
N LEU C 131 -13.18 10.28 -4.88
CA LEU C 131 -14.08 9.22 -5.30
C LEU C 131 -15.49 9.77 -5.47
N PHE C 132 -15.87 10.62 -4.52
CA PHE C 132 -17.16 11.29 -4.57
C PHE C 132 -17.24 12.23 -5.76
N ALA C 133 -16.12 12.90 -6.06
CA ALA C 133 -16.05 13.83 -7.17
C ALA C 133 -16.17 13.11 -8.51
N ARG C 134 -15.51 11.96 -8.63
CA ARG C 134 -15.55 11.18 -9.86
C ARG C 134 -16.94 10.57 -10.08
N LEU C 135 -17.60 10.21 -8.98
CA LEU C 135 -18.96 9.67 -9.06
C LEU C 135 -19.90 10.71 -9.66
N LEU C 136 -19.77 11.95 -9.19
CA LEU C 136 -20.55 13.06 -9.72
C LEU C 136 -20.12 13.38 -11.14
N SER C 137 -18.81 13.37 -11.38
CA SER C 137 -18.26 13.65 -12.70
C SER C 137 -18.76 12.62 -13.71
N GLY C 138 -18.86 11.37 -13.27
CA GLY C 138 -19.40 10.31 -14.11
C GLY C 138 -20.88 10.52 -14.36
N PHE C 139 -21.58 11.02 -13.34
CA PHE C 139 -23.01 11.28 -13.46
C PHE C 139 -23.29 12.33 -14.54
N GLY C 140 -22.49 13.39 -14.53
CA GLY C 140 -22.61 14.44 -15.52
C GLY C 140 -22.36 13.90 -16.91
N ILE C 141 -21.42 12.97 -17.00
CA ILE C 141 -21.11 12.28 -18.24
C ILE C 141 -22.33 11.51 -18.75
N GLY C 142 -22.99 10.80 -17.85
CA GLY C 142 -24.19 10.05 -18.18
C GLY C 142 -25.28 10.95 -18.73
N LEU C 143 -25.34 12.18 -18.22
CA LEU C 143 -26.28 13.17 -18.71
C LEU C 143 -25.91 13.62 -20.12
N VAL C 144 -24.62 13.89 -20.33
CA VAL C 144 -24.10 14.31 -21.63
C VAL C 144 -24.30 13.22 -22.68
N THR C 145 -24.12 11.97 -22.25
CA THR C 145 -24.26 10.80 -23.13
C THR C 145 -25.61 10.79 -23.85
N VAL C 146 -26.66 11.22 -23.15
CA VAL C 146 -28.01 11.20 -23.71
C VAL C 146 -28.44 12.55 -24.26
N SER C 147 -28.08 13.62 -23.53
CA SER C 147 -28.55 14.96 -23.87
C SER C 147 -28.05 15.48 -25.22
N VAL C 148 -26.73 15.55 -25.37
CA VAL C 148 -26.14 16.13 -26.58
C VAL C 148 -26.57 15.44 -27.89
N PRO C 149 -26.51 14.09 -27.95
CA PRO C 149 -26.94 13.49 -29.23
C PRO C 149 -28.42 13.71 -29.53
N MET C 150 -29.25 13.70 -28.48
CA MET C 150 -30.68 13.96 -28.64
C MET C 150 -30.91 15.39 -29.11
N TYR C 151 -30.11 16.31 -28.59
CA TYR C 151 -30.18 17.72 -28.97
C TYR C 151 -29.86 17.91 -30.44
N ILE C 152 -28.72 17.37 -30.87
CA ILE C 152 -28.29 17.46 -32.26
C ILE C 152 -29.32 16.82 -33.19
N SER C 153 -29.97 15.76 -32.71
CA SER C 153 -30.99 15.06 -33.47
C SER C 153 -32.20 15.94 -33.77
N GLU C 154 -32.44 16.92 -32.91
CA GLU C 154 -33.62 17.76 -33.02
C GLU C 154 -33.30 19.18 -33.49
N MET C 155 -32.02 19.44 -33.76
CA MET C 155 -31.58 20.77 -34.15
C MET C 155 -30.80 20.77 -35.46
N THR C 156 -31.02 19.75 -36.28
CA THR C 156 -30.29 19.62 -37.54
C THR C 156 -31.18 19.27 -38.72
N HIS C 157 -30.61 19.39 -39.92
CA HIS C 157 -31.28 18.99 -41.15
C HIS C 157 -31.51 17.48 -41.11
N LYS C 158 -32.74 17.05 -41.43
CA LYS C 158 -33.09 15.64 -41.36
C LYS C 158 -32.20 14.77 -42.25
N ASP C 159 -31.81 15.31 -43.39
CA ASP C 159 -30.89 14.62 -44.29
C ASP C 159 -29.47 14.69 -43.77
N LYS C 160 -29.15 15.75 -43.04
CA LYS C 160 -27.80 15.94 -42.51
C LYS C 160 -27.73 15.75 -41.00
N LYS C 161 -28.61 14.90 -40.47
CA LYS C 161 -28.58 14.56 -39.05
C LYS C 161 -27.27 13.88 -38.68
N GLY C 162 -26.92 12.86 -39.46
CA GLY C 162 -25.72 12.07 -39.21
C GLY C 162 -24.45 12.88 -39.28
N ALA C 163 -24.31 13.68 -40.33
CA ALA C 163 -23.11 14.49 -40.56
C ALA C 163 -22.78 15.37 -39.37
N TYR C 164 -23.81 15.99 -38.81
CA TYR C 164 -23.65 16.88 -37.67
C TYR C 164 -23.63 16.07 -36.38
N GLY C 165 -24.28 14.91 -36.40
CA GLY C 165 -24.34 14.02 -35.24
C GLY C 165 -22.98 13.44 -34.89
N VAL C 166 -22.11 13.33 -35.89
CA VAL C 166 -20.75 12.82 -35.68
C VAL C 166 -19.96 13.74 -34.74
N MET C 167 -20.24 15.03 -34.84
CA MET C 167 -19.50 16.04 -34.08
C MET C 167 -19.53 15.81 -32.56
N HIS C 168 -20.57 15.14 -32.09
CA HIS C 168 -20.65 14.74 -30.71
C HIS C 168 -19.45 13.87 -30.33
N GLN C 169 -19.24 12.82 -31.10
CA GLN C 169 -18.11 11.92 -30.88
C GLN C 169 -16.79 12.60 -31.23
N LEU C 170 -16.82 13.53 -32.17
CA LEU C 170 -15.61 14.21 -32.56
C LEU C 170 -15.10 15.03 -31.42
N PHE C 171 -15.99 15.79 -30.80
CA PHE C 171 -15.60 16.59 -29.67
C PHE C 171 -15.21 15.79 -28.47
N ILE C 172 -15.84 14.64 -28.29
CA ILE C 172 -15.47 13.77 -27.19
C ILE C 172 -14.03 13.34 -27.37
N THR C 173 -13.68 12.96 -28.57
CA THR C 173 -12.35 12.55 -28.90
C THR C 173 -11.37 13.67 -28.70
N PHE C 174 -11.76 14.87 -29.10
CA PHE C 174 -10.87 15.99 -28.93
C PHE C 174 -10.54 16.23 -27.48
N GLY C 175 -11.51 16.02 -26.62
CA GLY C 175 -11.35 16.22 -25.19
C GLY C 175 -10.35 15.25 -24.61
N ILE C 176 -10.36 14.02 -25.12
CA ILE C 176 -9.41 13.01 -24.70
C ILE C 176 -8.00 13.39 -25.12
N PHE C 177 -7.87 13.89 -26.35
CA PHE C 177 -6.57 14.29 -26.88
C PHE C 177 -6.01 15.49 -26.13
N VAL C 178 -6.86 16.48 -25.84
CA VAL C 178 -6.45 17.68 -25.13
C VAL C 178 -5.94 17.35 -23.72
N ALA C 179 -6.64 16.45 -23.04
CA ALA C 179 -6.26 16.04 -21.69
C ALA C 179 -4.87 15.38 -21.70
N VAL C 180 -4.61 14.58 -22.72
CA VAL C 180 -3.32 13.90 -22.86
C VAL C 180 -2.20 14.92 -23.13
N MET C 181 -2.50 15.90 -23.97
CA MET C 181 -1.53 16.95 -24.30
C MET C 181 -1.17 17.78 -23.08
N LEU C 182 -2.15 18.07 -22.23
CA LEU C 182 -1.93 18.86 -21.03
C LEU C 182 -1.07 18.11 -20.01
N GLY C 183 -1.05 16.78 -20.10
CA GLY C 183 -0.28 15.96 -19.19
C GLY C 183 1.19 15.94 -19.53
N LEU C 184 1.53 16.44 -20.71
CA LEU C 184 2.92 16.49 -21.16
C LEU C 184 3.69 17.61 -20.46
N ALA C 185 2.96 18.55 -19.86
CA ALA C 185 3.56 19.69 -19.20
C ALA C 185 4.34 19.27 -17.95
N MET C 186 3.97 18.13 -17.38
CA MET C 186 4.62 17.64 -16.17
C MET C 186 5.90 16.89 -16.50
N GLY C 187 6.62 16.44 -15.47
CA GLY C 187 7.90 15.81 -15.65
C GLY C 187 7.86 14.33 -15.97
N GLU C 188 6.88 13.93 -16.78
CA GLU C 188 6.69 12.54 -17.21
C GLU C 188 6.63 11.55 -16.05
N GLY C 189 5.97 11.95 -14.96
CA GLY C 189 5.80 11.07 -13.82
C GLY C 189 7.04 10.95 -12.95
N PRO C 190 6.86 10.49 -11.70
CA PRO C 190 7.94 10.26 -10.74
C PRO C 190 8.47 8.83 -10.77
N LYS C 191 9.65 8.62 -10.21
CA LYS C 191 10.25 7.29 -10.18
C LYS C 191 9.63 6.42 -9.08
N ALA C 192 9.58 5.12 -9.33
CA ALA C 192 8.95 4.19 -8.39
C ALA C 192 9.86 3.90 -7.19
N ASP C 193 11.16 3.80 -7.45
CA ASP C 193 12.11 3.45 -6.40
C ASP C 193 12.56 4.69 -5.63
N SER C 194 12.35 5.86 -6.21
CA SER C 194 12.78 7.12 -5.61
C SER C 194 11.93 7.49 -4.39
N THR C 195 12.37 8.52 -3.67
CA THR C 195 11.64 9.03 -2.52
C THR C 195 11.55 10.55 -2.59
N GLU C 196 12.03 11.11 -3.70
CA GLU C 196 12.01 12.54 -3.91
C GLU C 196 10.59 13.08 -3.98
N PRO C 197 10.32 14.18 -3.26
CA PRO C 197 8.98 14.78 -3.23
C PRO C 197 8.60 15.36 -4.60
N LEU C 198 7.30 15.49 -4.85
CA LEU C 198 6.81 15.98 -6.13
C LEU C 198 7.29 17.41 -6.40
N THR C 199 7.50 17.71 -7.68
CA THR C 199 7.88 19.05 -8.11
C THR C 199 6.80 20.05 -7.71
N SER C 200 7.22 21.23 -7.27
CA SER C 200 6.30 22.28 -6.84
C SER C 200 5.33 22.66 -7.97
N PHE C 201 5.81 22.59 -9.20
CA PHE C 201 4.97 22.83 -10.37
C PHE C 201 4.02 21.65 -10.59
N ALA C 202 4.50 20.45 -10.27
CA ALA C 202 3.71 19.23 -10.49
C ALA C 202 2.51 19.18 -9.56
N LYS C 203 2.71 19.56 -8.30
CA LYS C 203 1.64 19.54 -7.31
C LYS C 203 0.49 20.49 -7.65
N LEU C 204 0.76 21.44 -8.53
CA LEU C 204 -0.23 22.46 -8.87
C LEU C 204 -0.90 22.19 -10.21
N TRP C 205 -0.14 21.66 -11.16
CA TRP C 205 -0.61 21.51 -12.53
C TRP C 205 -1.73 20.47 -12.68
N TRP C 206 -1.64 19.37 -11.95
CA TRP C 206 -2.65 18.33 -12.06
C TRP C 206 -3.96 18.79 -11.43
N ARG C 207 -3.87 19.69 -10.46
CA ARG C 207 -5.06 20.30 -9.88
C ARG C 207 -5.66 21.30 -10.87
N LEU C 208 -4.80 21.96 -11.63
CA LEU C 208 -5.25 22.89 -12.65
C LEU C 208 -5.97 22.15 -13.77
N MET C 209 -5.46 20.99 -14.14
CA MET C 209 -6.07 20.17 -15.18
C MET C 209 -7.48 19.72 -14.76
N PHE C 210 -7.65 19.44 -13.48
CA PHE C 210 -8.96 19.11 -12.94
C PHE C 210 -9.88 20.33 -12.96
N LEU C 211 -9.29 21.50 -12.75
CA LEU C 211 -10.03 22.75 -12.69
C LEU C 211 -10.34 23.30 -14.08
N PHE C 212 -9.53 22.91 -15.05
CA PHE C 212 -9.65 23.43 -16.42
C PHE C 212 -11.05 23.30 -17.05
N PRO C 213 -11.73 22.15 -16.88
CA PRO C 213 -13.05 22.09 -17.53
C PRO C 213 -14.11 23.00 -16.91
N SER C 214 -13.82 23.63 -15.77
CA SER C 214 -14.73 24.62 -15.19
C SER C 214 -14.84 25.84 -16.10
N VAL C 215 -13.71 26.24 -16.67
CA VAL C 215 -13.68 27.37 -17.59
C VAL C 215 -14.47 27.04 -18.85
N ILE C 216 -14.24 25.86 -19.39
CA ILE C 216 -14.98 25.40 -20.58
C ILE C 216 -16.47 25.36 -20.30
N SER C 217 -16.83 24.94 -19.09
CA SER C 217 -18.22 24.90 -18.67
C SER C 217 -18.83 26.30 -18.67
N LEU C 218 -18.08 27.28 -18.15
CA LEU C 218 -18.53 28.66 -18.12
C LEU C 218 -18.74 29.22 -19.51
N ILE C 219 -17.82 28.88 -20.42
CA ILE C 219 -17.95 29.29 -21.82
C ILE C 219 -19.19 28.66 -22.42
N GLY C 220 -19.50 27.43 -22.00
CA GLY C 220 -20.69 26.73 -22.44
C GLY C 220 -21.97 27.44 -22.03
N ILE C 221 -22.01 27.93 -20.81
CA ILE C 221 -23.17 28.68 -20.32
C ILE C 221 -23.31 30.00 -21.06
N LEU C 222 -22.18 30.69 -21.21
CA LEU C 222 -22.16 31.98 -21.89
C LEU C 222 -22.68 31.86 -23.31
N ALA C 223 -22.24 30.82 -24.02
CA ALA C 223 -22.67 30.61 -25.38
C ALA C 223 -24.17 30.34 -25.44
N LEU C 224 -24.66 29.51 -24.53
CA LEU C 224 -26.06 29.12 -24.52
C LEU C 224 -27.00 30.28 -24.16
N VAL C 225 -26.64 31.04 -23.13
CA VAL C 225 -27.54 32.06 -22.59
C VAL C 225 -27.55 33.34 -23.43
N VAL C 226 -26.48 33.57 -24.18
CA VAL C 226 -26.35 34.80 -24.95
C VAL C 226 -26.76 34.64 -26.41
N PHE C 227 -26.20 33.64 -27.07
CA PHE C 227 -26.42 33.47 -28.51
C PHE C 227 -27.53 32.47 -28.83
N PHE C 228 -27.48 31.30 -28.20
CA PHE C 228 -28.39 30.22 -28.55
C PHE C 228 -29.49 30.03 -27.49
N LYS C 229 -30.42 30.98 -27.46
CA LYS C 229 -31.50 30.99 -26.47
C LYS C 229 -32.59 29.98 -26.81
N GLU C 230 -32.75 29.69 -28.10
CA GLU C 230 -33.86 28.87 -28.58
C GLU C 230 -33.71 27.40 -28.19
N GLU C 231 -34.85 26.73 -28.04
CA GLU C 231 -34.87 25.29 -27.76
C GLU C 231 -35.30 24.53 -29.00
N THR C 232 -35.16 23.22 -28.97
CA THR C 232 -35.46 22.37 -30.12
C THR C 232 -36.92 22.49 -30.57
N PRO C 233 -37.14 22.55 -31.90
CA PRO C 233 -38.47 22.64 -32.52
C PRO C 233 -39.40 21.52 -32.08
N TYR C 234 -38.86 20.32 -31.94
CA TYR C 234 -39.65 19.16 -31.53
C TYR C 234 -40.23 19.32 -30.13
N PHE C 235 -39.39 19.76 -29.20
CA PHE C 235 -39.80 19.89 -27.80
C PHE C 235 -40.81 21.00 -27.62
N LEU C 236 -40.60 22.12 -28.31
CA LEU C 236 -41.50 23.26 -28.24
C LEU C 236 -42.91 22.90 -28.75
N PHE C 237 -42.96 22.26 -29.91
CA PHE C 237 -44.23 21.84 -30.52
C PHE C 237 -44.94 20.83 -29.63
N GLU C 238 -44.17 20.03 -28.92
CA GLU C 238 -44.70 18.97 -28.07
C GLU C 238 -45.46 19.54 -26.86
N LYS C 239 -45.12 20.76 -26.45
CA LYS C 239 -45.76 21.37 -25.28
C LYS C 239 -46.73 22.49 -25.64
N GLY C 240 -47.09 22.58 -26.92
CA GLY C 240 -48.09 23.55 -27.36
C GLY C 240 -47.51 24.86 -27.84
N ARG C 241 -46.24 25.11 -27.55
CA ARG C 241 -45.57 26.32 -28.01
C ARG C 241 -45.22 26.21 -29.49
N ILE C 242 -46.26 26.08 -30.31
CA ILE C 242 -46.13 25.83 -31.74
C ILE C 242 -45.53 27.01 -32.50
N GLU C 243 -45.95 28.23 -32.14
CA GLU C 243 -45.47 29.43 -32.80
C GLU C 243 -43.95 29.58 -32.72
N GLU C 244 -43.41 29.37 -31.53
CA GLU C 244 -41.96 29.47 -31.32
C GLU C 244 -41.24 28.29 -31.95
N SER C 245 -41.93 27.15 -31.99
CA SER C 245 -41.39 25.96 -32.63
C SER C 245 -41.19 26.16 -34.12
N LYS C 246 -42.10 26.94 -34.73
CA LYS C 246 -42.00 27.27 -36.15
C LYS C 246 -40.91 28.30 -36.38
N ASN C 247 -40.70 29.16 -35.40
CA ASN C 247 -39.67 30.20 -35.47
C ASN C 247 -38.27 29.61 -35.55
N ILE C 248 -37.95 28.68 -34.65
CA ILE C 248 -36.63 28.06 -34.63
C ILE C 248 -36.45 27.12 -35.82
N LEU C 249 -37.53 26.45 -36.23
CA LEU C 249 -37.49 25.55 -37.38
C LEU C 249 -37.19 26.31 -38.67
N LYS C 250 -37.71 27.54 -38.77
CA LYS C 250 -37.42 28.42 -39.90
C LYS C 250 -35.98 28.93 -39.85
N LYS C 251 -35.34 28.82 -38.69
CA LYS C 251 -33.99 29.35 -38.49
C LYS C 251 -32.91 28.32 -38.79
N ILE C 252 -33.08 27.09 -38.28
CA ILE C 252 -32.08 26.05 -38.45
C ILE C 252 -31.97 25.61 -39.92
N TYR C 253 -33.09 25.64 -40.62
CA TYR C 253 -33.12 25.28 -42.04
C TYR C 253 -32.79 26.48 -42.90
N GLU C 254 -32.77 27.67 -42.29
CA GLU C 254 -32.45 28.92 -42.97
C GLU C 254 -33.36 29.13 -44.19
N THR C 255 -34.64 28.84 -44.01
CA THR C 255 -35.61 28.97 -45.09
C THR C 255 -37.00 29.20 -44.50
N ASP C 256 -37.77 30.09 -45.12
CA ASP C 256 -39.10 30.44 -44.62
C ASP C 256 -40.08 29.26 -44.72
N ASN C 257 -39.88 28.40 -45.72
CA ASN C 257 -40.75 27.26 -45.92
C ASN C 257 -40.31 26.05 -45.10
N VAL C 258 -41.07 25.72 -44.06
CA VAL C 258 -40.74 24.60 -43.18
C VAL C 258 -41.98 23.80 -42.79
N ASP C 259 -42.93 23.69 -43.71
CA ASP C 259 -44.20 23.04 -43.44
C ASP C 259 -44.07 21.52 -43.31
N GLU C 260 -43.38 20.90 -44.26
CA GLU C 260 -43.22 19.45 -44.27
C GLU C 260 -42.52 18.88 -43.02
N PRO C 261 -41.42 19.51 -42.57
CA PRO C 261 -40.84 18.98 -41.32
C PRO C 261 -41.70 19.29 -40.11
N LEU C 262 -42.44 20.40 -40.17
CA LEU C 262 -43.36 20.77 -39.09
C LEU C 262 -44.46 19.73 -38.94
N ASN C 263 -44.99 19.28 -40.08
CA ASN C 263 -46.01 18.24 -40.08
C ASN C 263 -45.43 16.91 -39.59
N ALA C 264 -44.15 16.71 -39.84
CA ALA C 264 -43.44 15.53 -39.36
C ALA C 264 -43.37 15.55 -37.83
N ILE C 265 -43.12 16.74 -37.28
CA ILE C 265 -43.14 16.93 -35.83
C ILE C 265 -44.56 16.77 -35.31
N LYS C 266 -45.50 17.36 -36.04
CA LYS C 266 -46.91 17.29 -35.69
C LYS C 266 -47.42 15.87 -35.66
N GLU C 267 -47.08 15.10 -36.70
CA GLU C 267 -47.44 13.69 -36.75
C GLU C 267 -46.71 12.90 -35.67
N ALA C 268 -45.48 13.31 -35.38
CA ALA C 268 -44.71 12.69 -34.30
C ALA C 268 -45.38 12.95 -32.96
N VAL C 269 -45.62 14.22 -32.65
CA VAL C 269 -46.23 14.63 -31.40
C VAL C 269 -47.65 14.08 -31.23
N GLU C 270 -48.35 13.90 -32.34
CA GLU C 270 -49.73 13.40 -32.29
C GLU C 270 -49.81 11.99 -31.72
N GLN C 271 -48.78 11.20 -31.99
CA GLN C 271 -48.77 9.79 -31.60
C GLN C 271 -48.64 9.61 -30.09
N ASN C 272 -47.63 10.22 -29.49
CA ASN C 272 -47.37 10.03 -28.07
C ASN C 272 -48.52 10.58 -27.22
N GLU C 273 -49.25 11.54 -27.77
CA GLU C 273 -50.48 12.02 -27.15
C GLU C 273 -51.52 10.90 -27.16
N SER C 274 -51.60 10.21 -28.30
CA SER C 274 -52.45 9.03 -28.41
C SER C 274 -51.92 7.93 -27.51
N ALA C 275 -50.60 7.86 -27.40
CA ALA C 275 -49.94 6.90 -26.53
C ALA C 275 -50.16 7.24 -25.06
N LYS C 276 -50.18 8.53 -24.76
CA LYS C 276 -50.42 9.00 -23.39
C LYS C 276 -51.83 8.65 -22.95
N LYS C 277 -52.77 8.67 -23.89
CA LYS C 277 -54.15 8.30 -23.62
C LYS C 277 -54.25 6.84 -23.22
N ASN C 278 -53.44 6.01 -23.86
CA ASN C 278 -53.37 4.59 -23.55
C ASN C 278 -52.35 4.30 -22.46
N SER C 279 -51.85 5.37 -21.85
CA SER C 279 -50.86 5.30 -20.77
C SER C 279 -49.59 4.56 -21.19
N LEU C 280 -49.19 4.73 -22.44
CA LEU C 280 -48.00 4.04 -22.96
C LEU C 280 -46.71 4.59 -22.37
N SER C 281 -46.10 3.81 -21.48
CA SER C 281 -44.78 4.13 -20.96
C SER C 281 -43.75 3.17 -21.54
N LEU C 282 -42.51 3.25 -21.05
CA LEU C 282 -41.46 2.36 -21.51
C LEU C 282 -41.73 0.93 -21.08
N LEU C 283 -42.30 0.78 -19.88
CA LEU C 283 -42.59 -0.52 -19.32
C LEU C 283 -43.74 -1.20 -20.07
N SER C 284 -44.74 -0.41 -20.46
CA SER C 284 -45.86 -0.92 -21.22
C SER C 284 -45.44 -1.26 -22.65
N ALA C 285 -44.46 -0.53 -23.16
CA ALA C 285 -43.95 -0.77 -24.50
C ALA C 285 -43.24 -2.11 -24.60
N LEU C 286 -42.63 -2.54 -23.49
CA LEU C 286 -41.92 -3.82 -23.44
C LEU C 286 -42.87 -5.00 -23.65
N LYS C 287 -44.12 -4.83 -23.26
CA LYS C 287 -45.11 -5.89 -23.42
C LYS C 287 -45.48 -6.09 -24.88
N ILE C 288 -45.65 -4.98 -25.60
CA ILE C 288 -45.94 -5.02 -27.02
C ILE C 288 -44.72 -5.50 -27.80
N PRO C 289 -44.85 -6.65 -28.49
CA PRO C 289 -43.76 -7.35 -29.18
C PRO C 289 -43.03 -6.47 -30.20
N SER C 290 -43.76 -5.55 -30.83
CA SER C 290 -43.16 -4.64 -31.79
C SER C 290 -42.20 -3.67 -31.10
N TYR C 291 -42.69 -2.99 -30.07
CA TYR C 291 -41.88 -2.02 -29.34
C TYR C 291 -40.73 -2.69 -28.58
N ARG C 292 -40.96 -3.89 -28.07
CA ARG C 292 -39.92 -4.61 -27.36
C ARG C 292 -38.79 -4.96 -28.32
N TYR C 293 -39.15 -5.32 -29.54
CA TYR C 293 -38.19 -5.71 -30.56
C TYR C 293 -37.22 -4.57 -30.90
N VAL C 294 -37.77 -3.39 -31.15
CA VAL C 294 -36.94 -2.24 -31.51
C VAL C 294 -36.13 -1.75 -30.31
N ILE C 295 -36.65 -1.96 -29.09
CA ILE C 295 -35.94 -1.58 -27.88
C ILE C 295 -34.76 -2.53 -27.63
N ILE C 296 -35.01 -3.83 -27.71
CA ILE C 296 -33.98 -4.84 -27.50
C ILE C 296 -32.85 -4.68 -28.52
N LEU C 297 -33.22 -4.44 -29.78
CA LEU C 297 -32.23 -4.23 -30.83
C LEU C 297 -31.40 -2.97 -30.55
N GLY C 298 -32.02 -1.99 -29.92
CA GLY C 298 -31.33 -0.76 -29.55
C GLY C 298 -30.37 -0.98 -28.40
N CYS C 299 -30.80 -1.78 -27.43
CA CYS C 299 -29.99 -2.07 -26.25
C CYS C 299 -28.80 -2.96 -26.61
N LEU C 300 -29.04 -3.91 -27.52
CA LEU C 300 -27.98 -4.80 -27.99
C LEU C 300 -26.91 -4.03 -28.75
N LEU C 301 -27.35 -3.22 -29.72
CA LEU C 301 -26.44 -2.43 -30.54
C LEU C 301 -25.60 -1.47 -29.69
N SER C 302 -26.24 -0.89 -28.68
CA SER C 302 -25.58 0.06 -27.80
C SER C 302 -24.54 -0.62 -26.91
N GLY C 303 -24.89 -1.78 -26.37
CA GLY C 303 -24.00 -2.50 -25.48
C GLY C 303 -22.85 -3.19 -26.17
N LEU C 304 -23.02 -3.52 -27.45
CA LEU C 304 -22.00 -4.23 -28.21
C LEU C 304 -20.83 -3.32 -28.59
N GLN C 305 -20.99 -2.02 -28.36
CA GLN C 305 -19.91 -1.08 -28.65
C GLN C 305 -18.75 -1.29 -27.69
N GLN C 306 -19.08 -1.71 -26.47
CA GLN C 306 -18.07 -1.91 -25.43
C GLN C 306 -17.24 -3.16 -25.68
N PHE C 307 -17.84 -4.15 -26.34
CA PHE C 307 -17.14 -5.41 -26.59
C PHE C 307 -16.13 -5.30 -27.73
N THR C 308 -15.97 -4.10 -28.27
CA THR C 308 -14.91 -3.82 -29.22
C THR C 308 -13.59 -3.68 -28.46
N GLY C 309 -13.70 -3.40 -27.17
CA GLY C 309 -12.54 -3.31 -26.29
C GLY C 309 -11.90 -1.93 -26.31
N ILE C 310 -12.66 -0.92 -26.73
CA ILE C 310 -12.13 0.43 -26.84
C ILE C 310 -11.86 1.04 -25.47
N ASN C 311 -12.75 0.83 -24.52
CA ASN C 311 -12.58 1.36 -23.19
C ASN C 311 -11.52 0.64 -22.38
N VAL C 312 -11.23 -0.58 -22.75
CA VAL C 312 -10.13 -1.32 -22.12
C VAL C 312 -8.83 -0.60 -22.43
N LEU C 313 -8.77 -0.04 -23.64
CA LEU C 313 -7.60 0.73 -24.07
C LEU C 313 -7.59 2.12 -23.45
N VAL C 314 -8.77 2.74 -23.35
CA VAL C 314 -8.89 4.07 -22.78
C VAL C 314 -8.55 4.08 -21.30
N SER C 315 -9.06 3.09 -20.58
CA SER C 315 -8.88 3.01 -19.13
C SER C 315 -7.48 2.53 -18.74
N ASN C 316 -6.99 1.52 -19.45
CA ASN C 316 -5.72 0.89 -19.09
C ASN C 316 -4.65 0.95 -20.17
N SER C 317 -4.52 2.10 -20.83
CA SER C 317 -3.50 2.28 -21.84
C SER C 317 -2.10 2.16 -21.24
N ASN C 318 -1.97 2.57 -19.98
CA ASN C 318 -0.70 2.53 -19.28
C ASN C 318 -0.33 1.11 -18.84
N GLU C 319 -1.34 0.35 -18.41
CA GLU C 319 -1.11 -0.99 -17.87
C GLU C 319 -0.83 -2.01 -18.97
N LEU C 320 -1.41 -1.78 -20.15
CA LEU C 320 -1.24 -2.69 -21.28
C LEU C 320 0.21 -2.84 -21.72
N TYR C 321 0.86 -1.72 -22.02
CA TYR C 321 2.19 -1.74 -22.64
C TYR C 321 3.31 -1.62 -21.63
N LYS C 322 2.97 -1.62 -20.34
CA LYS C 322 3.97 -1.49 -19.28
C LYS C 322 4.96 -2.65 -19.25
N GLU C 323 4.54 -3.80 -19.76
CA GLU C 323 5.34 -5.02 -19.65
C GLU C 323 6.50 -5.06 -20.66
N PHE C 324 6.27 -4.55 -21.87
CA PHE C 324 7.30 -4.59 -22.90
C PHE C 324 7.74 -3.21 -23.37
N LEU C 325 7.22 -2.16 -22.74
CA LEU C 325 7.59 -0.79 -23.08
C LEU C 325 7.91 0.04 -21.84
N ASP C 326 8.78 1.03 -22.00
CA ASP C 326 9.14 1.92 -20.90
C ASP C 326 8.27 3.17 -20.89
N SER C 327 8.41 3.97 -19.84
CA SER C 327 7.55 5.13 -19.62
C SER C 327 7.56 6.15 -20.77
N HIS C 328 8.72 6.33 -21.38
CA HIS C 328 8.87 7.31 -22.46
C HIS C 328 8.08 6.89 -23.70
N LEU C 329 8.23 5.63 -24.10
CA LEU C 329 7.55 5.13 -25.29
C LEU C 329 6.04 5.07 -25.08
N ILE C 330 5.62 4.70 -23.86
CA ILE C 330 4.20 4.68 -23.51
C ILE C 330 3.60 6.07 -23.64
N THR C 331 4.36 7.07 -23.20
CA THR C 331 3.93 8.46 -23.28
C THR C 331 3.73 8.89 -24.73
N ILE C 332 4.71 8.58 -25.58
CA ILE C 332 4.62 8.89 -27.00
C ILE C 332 3.47 8.10 -27.63
N LEU C 333 3.34 6.83 -27.24
CA LEU C 333 2.28 5.97 -27.74
C LEU C 333 0.91 6.53 -27.36
N SER C 334 0.79 7.01 -26.12
CA SER C 334 -0.47 7.58 -25.64
C SER C 334 -0.88 8.80 -26.45
N VAL C 335 0.11 9.63 -26.80
CA VAL C 335 -0.15 10.85 -27.55
C VAL C 335 -0.65 10.54 -28.96
N VAL C 336 0.03 9.63 -29.65
CA VAL C 336 -0.31 9.32 -31.03
C VAL C 336 -1.58 8.48 -31.13
N MET C 337 -1.87 7.69 -30.11
CA MET C 337 -3.09 6.88 -30.12
C MET C 337 -4.34 7.76 -30.00
N THR C 338 -4.29 8.72 -29.07
CA THR C 338 -5.40 9.65 -28.88
C THR C 338 -5.53 10.61 -30.06
N ALA C 339 -4.40 10.92 -30.68
CA ALA C 339 -4.39 11.79 -31.85
C ALA C 339 -5.07 11.12 -33.03
N VAL C 340 -4.76 9.84 -33.24
CA VAL C 340 -5.37 9.06 -34.30
C VAL C 340 -6.87 8.88 -34.03
N ASN C 341 -7.20 8.59 -32.78
CA ASN C 341 -8.59 8.41 -32.37
C ASN C 341 -9.43 9.66 -32.64
N PHE C 342 -8.78 10.82 -32.56
CA PHE C 342 -9.46 12.09 -32.81
C PHE C 342 -9.51 12.40 -34.31
N LEU C 343 -8.37 12.26 -34.98
CA LEU C 343 -8.27 12.59 -36.40
C LEU C 343 -9.12 11.68 -37.29
N MET C 344 -9.27 10.42 -36.90
CA MET C 344 -9.98 9.46 -37.73
C MET C 344 -11.50 9.58 -37.58
N THR C 345 -11.94 10.55 -36.79
CA THR C 345 -13.37 10.81 -36.61
C THR C 345 -13.88 11.70 -37.75
N PHE C 346 -12.99 12.54 -38.27
CA PHE C 346 -13.33 13.46 -39.35
C PHE C 346 -13.86 12.78 -40.63
N PRO C 347 -13.25 11.66 -41.07
CA PRO C 347 -13.82 11.02 -42.28
C PRO C 347 -15.25 10.55 -42.08
N ALA C 348 -15.63 10.22 -40.85
CA ALA C 348 -16.97 9.72 -40.56
C ALA C 348 -18.05 10.76 -40.90
N ILE C 349 -17.68 12.04 -40.83
CA ILE C 349 -18.61 13.11 -41.15
C ILE C 349 -19.15 12.98 -42.57
N TYR C 350 -18.29 12.56 -43.49
CA TYR C 350 -18.68 12.39 -44.88
C TYR C 350 -19.15 10.97 -45.19
N ILE C 351 -18.54 9.99 -44.54
CA ILE C 351 -18.85 8.59 -44.80
C ILE C 351 -20.24 8.20 -44.33
N VAL C 352 -20.63 8.71 -43.16
CA VAL C 352 -21.95 8.42 -42.58
C VAL C 352 -23.08 8.78 -43.55
N GLU C 353 -22.92 9.90 -44.25
CA GLU C 353 -23.94 10.36 -45.19
C GLU C 353 -23.78 9.76 -46.58
N LYS C 354 -22.55 9.43 -46.95
CA LYS C 354 -22.26 8.88 -48.27
C LYS C 354 -22.59 7.40 -48.35
N LEU C 355 -22.14 6.64 -47.35
CA LEU C 355 -22.29 5.19 -47.36
C LEU C 355 -23.49 4.72 -46.51
N GLY C 356 -23.84 5.52 -45.51
CA GLY C 356 -24.94 5.17 -44.64
C GLY C 356 -24.46 4.76 -43.26
N ARG C 357 -25.39 4.28 -42.44
CA ARG C 357 -25.05 3.85 -41.08
C ARG C 357 -24.54 2.42 -41.06
N LYS C 358 -25.30 1.53 -41.69
CA LYS C 358 -25.01 0.10 -41.65
C LYS C 358 -23.70 -0.25 -42.33
N THR C 359 -23.48 0.30 -43.52
CA THR C 359 -22.26 0.06 -44.28
C THR C 359 -21.02 0.42 -43.46
N LEU C 360 -21.06 1.58 -42.80
CA LEU C 360 -19.93 2.02 -41.99
C LEU C 360 -19.74 1.14 -40.77
N LEU C 361 -20.85 0.68 -40.18
CA LEU C 361 -20.80 -0.22 -39.04
C LEU C 361 -20.16 -1.56 -39.40
N LEU C 362 -20.53 -2.08 -40.57
CA LEU C 362 -20.00 -3.37 -41.02
C LEU C 362 -18.51 -3.28 -41.34
N TRP C 363 -18.10 -2.20 -42.01
CA TRP C 363 -16.70 -1.98 -42.32
C TRP C 363 -15.87 -1.81 -41.04
N GLY C 364 -16.49 -1.25 -40.02
CA GLY C 364 -15.85 -1.12 -38.72
C GLY C 364 -15.65 -2.46 -38.06
N CYS C 365 -16.67 -3.32 -38.16
CA CYS C 365 -16.60 -4.67 -37.59
C CYS C 365 -15.51 -5.48 -38.27
N VAL C 366 -15.32 -5.25 -39.57
CA VAL C 366 -14.26 -5.91 -40.32
C VAL C 366 -12.90 -5.45 -39.80
N GLY C 367 -12.75 -4.14 -39.64
CA GLY C 367 -11.52 -3.55 -39.16
C GLY C 367 -11.11 -4.03 -37.77
N VAL C 368 -12.10 -4.20 -36.90
CA VAL C 368 -11.85 -4.71 -35.55
C VAL C 368 -11.33 -6.15 -35.63
N LEU C 369 -11.90 -6.94 -36.54
CA LEU C 369 -11.51 -8.33 -36.70
C LEU C 369 -10.11 -8.46 -37.31
N VAL C 370 -9.79 -7.57 -38.23
CA VAL C 370 -8.47 -7.53 -38.85
C VAL C 370 -7.40 -7.14 -37.81
N ALA C 371 -7.82 -6.41 -36.79
CA ALA C 371 -6.90 -5.97 -35.75
C ALA C 371 -6.65 -7.05 -34.70
N TYR C 372 -7.69 -7.77 -34.32
CA TYR C 372 -7.62 -8.69 -33.20
C TYR C 372 -7.21 -10.11 -33.57
N LEU C 373 -7.73 -10.63 -34.68
CA LEU C 373 -7.49 -12.02 -35.05
C LEU C 373 -5.99 -12.35 -35.29
N PRO C 374 -5.25 -11.49 -36.01
CA PRO C 374 -3.80 -11.75 -36.08
C PRO C 374 -3.13 -11.69 -34.72
N THR C 375 -3.55 -10.74 -33.88
CA THR C 375 -3.01 -10.63 -32.53
C THR C 375 -3.30 -11.89 -31.72
N ALA C 376 -4.52 -12.40 -31.88
CA ALA C 376 -4.95 -13.62 -31.20
C ALA C 376 -4.12 -14.82 -31.63
N ILE C 377 -3.95 -14.96 -32.95
CA ILE C 377 -3.19 -16.08 -33.51
C ILE C 377 -1.70 -15.97 -33.18
N ALA C 378 -1.15 -14.77 -33.32
CA ALA C 378 0.27 -14.55 -33.04
C ALA C 378 0.59 -14.79 -31.56
N ASN C 379 -0.32 -14.39 -30.69
CA ASN C 379 -0.15 -14.62 -29.25
C ASN C 379 -0.23 -16.10 -28.88
N GLU C 380 -1.09 -16.83 -29.59
CA GLU C 380 -1.24 -18.26 -29.32
C GLU C 380 -0.01 -19.04 -29.73
N ILE C 381 0.70 -18.53 -30.72
CA ILE C 381 1.96 -19.15 -31.14
C ILE C 381 3.01 -18.93 -30.05
N ASN C 382 3.11 -17.70 -29.59
CA ASN C 382 4.10 -17.35 -28.57
C ASN C 382 3.76 -16.03 -27.89
N ARG C 383 3.83 -16.02 -26.56
CA ARG C 383 3.53 -14.81 -25.78
C ARG C 383 4.74 -13.89 -25.72
N ASN C 384 5.90 -14.46 -25.43
CA ASN C 384 7.13 -13.70 -25.29
C ASN C 384 7.88 -13.56 -26.61
N SER C 385 7.15 -13.22 -27.67
CA SER C 385 7.75 -13.06 -28.98
C SER C 385 7.90 -11.58 -29.36
N ASN C 386 9.03 -11.24 -29.97
CA ASN C 386 9.31 -9.87 -30.37
C ASN C 386 8.36 -9.37 -31.45
N PHE C 387 8.03 -10.24 -32.40
CA PHE C 387 7.16 -9.89 -33.52
C PHE C 387 5.73 -9.66 -33.05
N VAL C 388 5.33 -10.37 -31.99
CA VAL C 388 3.99 -10.24 -31.45
C VAL C 388 3.80 -8.86 -30.81
N LYS C 389 4.85 -8.38 -30.14
CA LYS C 389 4.82 -7.05 -29.53
C LYS C 389 4.58 -5.96 -30.58
N ILE C 390 5.43 -5.96 -31.60
CA ILE C 390 5.35 -4.96 -32.68
C ILE C 390 4.03 -5.06 -33.42
N LEU C 391 3.55 -6.30 -33.62
CA LEU C 391 2.25 -6.52 -34.24
C LEU C 391 1.12 -5.96 -33.40
N SER C 392 1.27 -6.06 -32.08
CA SER C 392 0.26 -5.59 -31.15
C SER C 392 0.10 -4.07 -31.21
N ILE C 393 1.22 -3.36 -31.37
CA ILE C 393 1.17 -1.91 -31.51
C ILE C 393 0.47 -1.54 -32.81
N VAL C 394 0.82 -2.25 -33.89
CA VAL C 394 0.18 -2.04 -35.18
C VAL C 394 -1.31 -2.37 -35.09
N ALA C 395 -1.63 -3.49 -34.45
CA ALA C 395 -3.01 -3.92 -34.29
C ALA C 395 -3.82 -2.94 -33.45
N THR C 396 -3.13 -2.24 -32.54
CA THR C 396 -3.78 -1.23 -31.72
C THR C 396 -4.34 -0.11 -32.59
N PHE C 397 -3.49 0.42 -33.46
CA PHE C 397 -3.87 1.53 -34.33
C PHE C 397 -4.94 1.09 -35.34
N VAL C 398 -4.89 -0.16 -35.76
CA VAL C 398 -5.90 -0.70 -36.66
C VAL C 398 -7.26 -0.70 -35.96
N MET C 399 -7.25 -1.10 -34.70
CA MET C 399 -8.48 -1.14 -33.90
C MET C 399 -9.00 0.28 -33.66
N ILE C 400 -8.09 1.20 -33.35
CA ILE C 400 -8.44 2.59 -33.11
C ILE C 400 -9.03 3.24 -34.36
N ILE C 401 -8.31 3.12 -35.48
CA ILE C 401 -8.75 3.67 -36.76
C ILE C 401 -10.14 3.15 -37.16
N SER C 402 -10.32 1.84 -37.01
CA SER C 402 -11.58 1.19 -37.40
C SER C 402 -12.75 1.63 -36.52
N PHE C 403 -12.55 1.62 -35.21
CA PHE C 403 -13.62 1.96 -34.27
C PHE C 403 -14.00 3.43 -34.37
N ALA C 404 -12.99 4.30 -34.38
CA ALA C 404 -13.21 5.75 -34.34
C ALA C 404 -13.96 6.24 -35.57
N VAL C 405 -13.85 5.52 -36.68
CA VAL C 405 -14.47 5.95 -37.92
C VAL C 405 -15.89 5.39 -37.99
N SER C 406 -16.13 4.29 -37.29
CA SER C 406 -17.41 3.58 -37.39
C SER C 406 -18.26 3.56 -36.13
N TYR C 407 -18.03 2.55 -35.30
CA TYR C 407 -18.90 2.27 -34.15
C TYR C 407 -19.01 3.44 -33.17
N GLY C 408 -17.89 4.10 -32.92
CA GLY C 408 -17.86 5.24 -32.01
C GLY C 408 -18.87 6.33 -32.30
N PRO C 409 -18.75 6.98 -33.47
CA PRO C 409 -19.68 8.07 -33.85
C PRO C 409 -21.08 7.61 -34.24
N VAL C 410 -21.18 6.56 -35.03
CA VAL C 410 -22.47 6.12 -35.57
C VAL C 410 -23.49 5.73 -34.50
N LEU C 411 -23.03 5.06 -33.43
CA LEU C 411 -23.94 4.57 -32.39
C LEU C 411 -24.84 5.66 -31.80
N TRP C 412 -24.22 6.73 -31.31
CA TRP C 412 -24.97 7.80 -30.65
C TRP C 412 -25.89 8.52 -31.63
N ILE C 413 -25.50 8.54 -32.90
CA ILE C 413 -26.36 9.06 -33.95
C ILE C 413 -27.55 8.13 -34.17
N TYR C 414 -27.26 6.83 -34.22
CA TYR C 414 -28.26 5.83 -34.56
C TYR C 414 -29.35 5.71 -33.50
N LEU C 415 -28.96 5.78 -32.23
CA LEU C 415 -29.87 5.52 -31.12
C LEU C 415 -31.12 6.40 -31.14
N HIS C 416 -30.98 7.65 -31.55
CA HIS C 416 -32.12 8.58 -31.56
C HIS C 416 -32.91 8.51 -32.86
N GLU C 417 -32.29 7.95 -33.89
CA GLU C 417 -32.95 7.80 -35.19
C GLU C 417 -33.87 6.58 -35.23
N MET C 418 -33.55 5.57 -34.43
CA MET C 418 -34.16 4.27 -34.58
C MET C 418 -35.45 4.05 -33.78
N PHE C 419 -35.78 4.97 -32.86
CA PHE C 419 -36.97 4.80 -32.04
C PHE C 419 -38.15 5.63 -32.53
N PRO C 420 -39.37 5.08 -32.39
CA PRO C 420 -40.60 5.84 -32.68
C PRO C 420 -40.83 6.90 -31.61
N SER C 421 -41.53 7.98 -31.98
CA SER C 421 -41.68 9.16 -31.12
C SER C 421 -42.30 8.88 -29.76
N GLU C 422 -43.09 7.81 -29.66
CA GLU C 422 -43.80 7.50 -28.42
C GLU C 422 -42.86 7.19 -27.26
N ILE C 423 -41.76 6.49 -27.56
CA ILE C 423 -40.81 6.09 -26.53
C ILE C 423 -39.38 6.49 -26.89
N LYS C 424 -39.24 7.32 -27.92
CA LYS C 424 -37.93 7.71 -28.43
C LYS C 424 -37.01 8.28 -27.33
N ASP C 425 -37.56 9.13 -26.48
CA ASP C 425 -36.77 9.79 -25.45
C ASP C 425 -36.38 8.83 -24.33
N SER C 426 -37.33 8.01 -23.91
CA SER C 426 -37.10 7.09 -22.80
C SER C 426 -36.24 5.91 -23.22
N ALA C 427 -36.42 5.43 -24.45
CA ALA C 427 -35.68 4.27 -24.93
C ALA C 427 -34.21 4.60 -25.19
N ALA C 428 -33.95 5.82 -25.64
CA ALA C 428 -32.59 6.26 -25.94
C ALA C 428 -31.73 6.24 -24.68
N SER C 429 -32.31 6.64 -23.56
CA SER C 429 -31.61 6.66 -22.28
C SER C 429 -31.33 5.24 -21.79
N LEU C 430 -32.28 4.35 -21.99
CA LEU C 430 -32.14 2.96 -21.58
C LEU C 430 -30.97 2.28 -22.28
N ALA C 431 -30.89 2.46 -23.60
CA ALA C 431 -29.82 1.89 -24.39
C ALA C 431 -28.47 2.48 -23.98
N SER C 432 -28.48 3.78 -23.70
CA SER C 432 -27.27 4.47 -23.24
C SER C 432 -26.85 3.96 -21.87
N LEU C 433 -27.83 3.64 -21.03
CA LEU C 433 -27.56 3.08 -19.71
C LEU C 433 -26.89 1.72 -19.85
N VAL C 434 -27.43 0.89 -20.73
CA VAL C 434 -26.88 -0.43 -21.01
C VAL C 434 -25.43 -0.33 -21.49
N ASN C 435 -25.16 0.71 -22.28
CA ASN C 435 -23.82 0.97 -22.78
C ASN C 435 -22.79 1.11 -21.67
N TRP C 436 -23.12 1.89 -20.64
CA TRP C 436 -22.22 2.09 -19.51
C TRP C 436 -22.22 0.87 -18.59
N VAL C 437 -23.34 0.16 -18.54
CA VAL C 437 -23.42 -1.07 -17.78
C VAL C 437 -22.47 -2.11 -18.39
N CYS C 438 -22.48 -2.17 -19.72
CA CYS C 438 -21.59 -3.08 -20.44
C CYS C 438 -20.13 -2.67 -20.31
N ALA C 439 -19.90 -1.38 -20.06
CA ALA C 439 -18.55 -0.89 -19.84
C ALA C 439 -17.96 -1.54 -18.59
N ILE C 440 -18.80 -1.74 -17.59
CA ILE C 440 -18.39 -2.45 -16.37
C ILE C 440 -18.16 -3.93 -16.69
N ILE C 441 -19.04 -4.49 -17.51
CA ILE C 441 -18.99 -5.91 -17.86
C ILE C 441 -17.77 -6.23 -18.73
N VAL C 442 -17.34 -5.26 -19.53
CA VAL C 442 -16.22 -5.50 -20.43
C VAL C 442 -14.86 -5.14 -19.83
N VAL C 443 -14.73 -3.89 -19.36
CA VAL C 443 -13.44 -3.37 -18.91
C VAL C 443 -12.83 -4.15 -17.74
N PHE C 444 -13.54 -4.25 -16.63
CA PHE C 444 -12.99 -4.85 -15.42
C PHE C 444 -12.63 -6.34 -15.57
N PRO C 445 -13.53 -7.16 -16.14
CA PRO C 445 -13.11 -8.56 -16.30
C PRO C 445 -11.98 -8.73 -17.32
N SER C 446 -11.92 -7.87 -18.33
CA SER C 446 -10.85 -7.93 -19.32
C SER C 446 -9.49 -7.71 -18.68
N ASP C 447 -9.45 -6.79 -17.73
CA ASP C 447 -8.22 -6.49 -17.00
C ASP C 447 -7.76 -7.69 -16.20
N ILE C 448 -8.72 -8.46 -15.70
CA ILE C 448 -8.42 -9.67 -14.93
C ILE C 448 -7.92 -10.79 -15.85
N ILE C 449 -8.56 -10.92 -17.00
CA ILE C 449 -8.23 -11.97 -17.95
C ILE C 449 -6.89 -11.73 -18.64
N ILE C 450 -6.68 -10.50 -19.10
CA ILE C 450 -5.48 -10.17 -19.87
C ILE C 450 -4.21 -10.30 -19.05
N LYS C 451 -4.35 -10.30 -17.72
CA LYS C 451 -3.21 -10.49 -16.83
C LYS C 451 -2.84 -11.96 -16.77
N LYS C 452 -3.81 -12.82 -17.03
CA LYS C 452 -3.60 -14.27 -17.01
C LYS C 452 -3.47 -14.85 -18.41
N SER C 453 -4.38 -14.48 -19.30
CA SER C 453 -4.39 -15.01 -20.66
C SER C 453 -4.82 -13.96 -21.69
N PRO C 454 -3.85 -13.25 -22.27
CA PRO C 454 -4.12 -12.24 -23.28
C PRO C 454 -4.78 -12.83 -24.54
N SER C 455 -4.30 -14.00 -24.97
CA SER C 455 -4.82 -14.65 -26.16
C SER C 455 -6.33 -14.85 -26.08
N ILE C 456 -6.80 -15.37 -24.96
CA ILE C 456 -8.22 -15.63 -24.78
C ILE C 456 -9.04 -14.35 -25.01
N LEU C 457 -8.58 -13.24 -24.42
CA LEU C 457 -9.25 -11.96 -24.57
C LEU C 457 -9.32 -11.52 -26.03
N PHE C 458 -8.22 -11.73 -26.75
CA PHE C 458 -8.15 -11.38 -28.17
C PHE C 458 -9.11 -12.24 -28.98
N ILE C 459 -9.26 -13.50 -28.57
CA ILE C 459 -10.19 -14.43 -29.22
C ILE C 459 -11.63 -13.98 -29.01
N VAL C 460 -11.96 -13.63 -27.77
CA VAL C 460 -13.30 -13.15 -27.44
C VAL C 460 -13.65 -11.93 -28.28
N PHE C 461 -12.75 -10.96 -28.33
CA PHE C 461 -12.94 -9.76 -29.13
C PHE C 461 -13.12 -10.08 -30.60
N SER C 462 -12.36 -11.06 -31.09
CA SER C 462 -12.47 -11.50 -32.47
C SER C 462 -13.82 -12.16 -32.74
N VAL C 463 -14.24 -13.02 -31.81
CA VAL C 463 -15.53 -13.69 -31.91
C VAL C 463 -16.68 -12.70 -31.82
N MET C 464 -16.58 -11.78 -30.86
CA MET C 464 -17.59 -10.74 -30.69
C MET C 464 -17.66 -9.84 -31.92
N SER C 465 -16.53 -9.68 -32.60
CA SER C 465 -16.47 -8.87 -33.81
C SER C 465 -17.23 -9.55 -34.94
N ILE C 466 -17.17 -10.88 -34.96
CA ILE C 466 -17.89 -11.67 -35.95
C ILE C 466 -19.39 -11.65 -35.68
N LEU C 467 -19.76 -11.90 -34.43
CA LEU C 467 -21.14 -11.91 -34.00
C LEU C 467 -21.81 -10.55 -34.23
N THR C 468 -21.12 -9.48 -33.88
CA THR C 468 -21.64 -8.13 -34.06
C THR C 468 -21.90 -7.83 -35.53
N PHE C 469 -21.01 -8.30 -36.39
CA PHE C 469 -21.14 -8.13 -37.84
C PHE C 469 -22.45 -8.73 -38.36
N PHE C 470 -22.68 -10.00 -38.01
CA PHE C 470 -23.85 -10.72 -38.50
C PHE C 470 -25.13 -10.27 -37.81
N PHE C 471 -25.00 -9.75 -36.60
CA PHE C 471 -26.15 -9.19 -35.89
C PHE C 471 -26.68 -7.95 -36.60
N ILE C 472 -25.77 -7.06 -36.97
CA ILE C 472 -26.12 -5.85 -37.70
C ILE C 472 -26.65 -6.21 -39.08
N PHE C 473 -25.94 -7.10 -39.77
CA PHE C 473 -26.28 -7.48 -41.15
C PHE C 473 -27.69 -8.05 -41.29
N PHE C 474 -28.12 -8.83 -40.31
CA PHE C 474 -29.42 -9.50 -40.39
C PHE C 474 -30.57 -8.71 -39.75
N PHE C 475 -30.28 -8.00 -38.66
CA PHE C 475 -31.35 -7.43 -37.84
C PHE C 475 -31.43 -5.90 -37.91
N ILE C 476 -30.28 -5.24 -37.95
CA ILE C 476 -30.26 -3.78 -38.02
C ILE C 476 -30.73 -3.29 -39.38
N LYS C 477 -31.54 -2.23 -39.39
CA LYS C 477 -32.02 -1.63 -40.63
C LYS C 477 -31.53 -0.19 -40.76
N GLU C 478 -31.45 0.31 -41.98
CA GLU C 478 -30.93 1.65 -42.24
C GLU C 478 -31.90 2.72 -41.77
N THR C 479 -31.37 3.76 -41.13
CA THR C 479 -32.17 4.85 -40.61
C THR C 479 -31.81 6.18 -41.27
N LYS C 480 -31.10 6.10 -42.39
CA LYS C 480 -30.63 7.28 -43.11
C LYS C 480 -31.77 8.08 -43.75
N GLY C 481 -31.78 9.38 -43.50
CA GLY C 481 -32.74 10.27 -44.13
C GLY C 481 -34.15 10.19 -43.57
N GLY C 482 -34.35 9.35 -42.56
CA GLY C 482 -35.64 9.22 -41.92
C GLY C 482 -36.01 10.46 -41.14
N GLU C 483 -37.32 10.70 -41.02
CA GLU C 483 -37.81 11.85 -40.27
C GLU C 483 -37.52 11.67 -38.78
N ILE C 484 -38.01 12.60 -37.97
CA ILE C 484 -37.83 12.47 -36.53
C ILE C 484 -39.04 11.76 -35.93
N GLY C 485 -38.77 10.85 -35.00
CA GLY C 485 -39.83 10.09 -34.36
C GLY C 485 -40.31 8.90 -35.19
N THR C 486 -39.64 8.62 -36.30
CA THR C 486 -40.02 7.47 -37.10
C THR C 486 -38.95 6.38 -37.05
N SER C 487 -39.39 5.14 -37.19
CA SER C 487 -38.51 3.99 -37.11
C SER C 487 -38.73 3.04 -38.26
N PRO C 488 -37.64 2.50 -38.82
CA PRO C 488 -37.70 1.53 -39.92
C PRO C 488 -38.10 0.15 -39.44
N TYR C 489 -38.27 -0.01 -38.12
CA TYR C 489 -38.63 -1.30 -37.55
C TYR C 489 -40.14 -1.41 -37.31
N ILE C 490 -40.74 -0.33 -36.84
CA ILE C 490 -42.16 -0.35 -36.47
C ILE C 490 -43.06 0.11 -37.61
N THR C 491 -44.15 -0.61 -37.83
CA THR C 491 -45.17 -0.21 -38.79
C THR C 491 -45.95 1.00 -38.23
N MET C 492 -46.32 1.92 -39.12
CA MET C 492 -47.11 3.07 -38.72
C MET C 492 -48.50 2.60 -38.27
N GLU C 493 -48.96 1.50 -38.87
CA GLU C 493 -50.22 0.87 -38.49
C GLU C 493 -50.09 0.25 -37.10
N GLU C 494 -48.91 -0.28 -36.80
CA GLU C 494 -48.66 -0.86 -35.49
C GLU C 494 -48.64 0.22 -34.42
N ARG C 495 -48.23 1.42 -34.80
CA ARG C 495 -48.24 2.56 -33.90
C ARG C 495 -49.66 2.96 -33.51
N GLN C 496 -50.56 2.95 -34.47
CA GLN C 496 -51.94 3.30 -34.18
C GLN C 496 -52.55 2.27 -33.26
N LYS C 497 -52.12 1.02 -33.38
CA LYS C 497 -52.64 -0.03 -32.51
C LYS C 497 -51.67 -0.30 -31.37
N PHE D 22 -55.43 25.03 13.77
CA PHE D 22 -55.33 23.75 14.45
C PHE D 22 -54.42 22.80 13.67
N PHE D 23 -54.47 21.52 14.02
CA PHE D 23 -53.68 20.49 13.36
C PHE D 23 -54.37 20.03 12.08
N SER D 24 -54.63 20.97 11.17
CA SER D 24 -55.41 20.69 9.98
C SER D 24 -54.61 20.02 8.87
N THR D 25 -55.20 19.97 7.68
CA THR D 25 -54.52 19.46 6.49
C THR D 25 -53.36 20.39 6.15
N SER D 26 -53.59 21.69 6.33
CA SER D 26 -52.56 22.69 6.08
C SER D 26 -51.37 22.47 7.03
N PHE D 27 -51.67 22.19 8.29
CA PHE D 27 -50.65 21.86 9.29
C PHE D 27 -49.72 20.76 8.79
N LYS D 28 -50.32 19.72 8.21
CA LYS D 28 -49.56 18.59 7.70
C LYS D 28 -48.65 18.99 6.55
N TYR D 29 -49.16 19.86 5.68
CA TYR D 29 -48.38 20.36 4.56
C TYR D 29 -47.27 21.30 5.04
N VAL D 30 -47.59 22.14 6.02
CA VAL D 30 -46.61 23.07 6.58
C VAL D 30 -45.50 22.31 7.29
N LEU D 31 -45.87 21.33 8.11
CA LEU D 31 -44.89 20.52 8.81
C LEU D 31 -43.95 19.84 7.82
N SER D 32 -44.50 19.43 6.68
CA SER D 32 -43.72 18.81 5.63
C SER D 32 -42.61 19.72 5.10
N ALA D 33 -42.93 21.01 5.00
CA ALA D 33 -41.97 21.99 4.50
C ALA D 33 -40.94 22.36 5.56
N CYS D 34 -41.35 22.28 6.83
CA CYS D 34 -40.49 22.67 7.95
C CYS D 34 -39.34 21.70 8.17
N ILE D 35 -39.36 20.58 7.44
CA ILE D 35 -38.26 19.62 7.51
C ILE D 35 -36.98 20.27 7.00
N ALA D 36 -37.12 21.08 5.96
CA ALA D 36 -36.00 21.84 5.41
C ALA D 36 -35.56 22.93 6.37
N SER D 37 -36.51 23.45 7.15
CA SER D 37 -36.22 24.45 8.15
C SER D 37 -35.38 23.85 9.29
N PHE D 38 -35.60 22.57 9.55
CA PHE D 38 -34.82 21.86 10.56
C PHE D 38 -33.39 21.69 10.08
N ILE D 39 -33.24 21.46 8.79
CA ILE D 39 -31.92 21.35 8.16
C ILE D 39 -31.22 22.71 8.21
N PHE D 40 -31.99 23.77 8.00
CA PHE D 40 -31.52 25.15 8.13
C PHE D 40 -30.80 25.34 9.46
N GLY D 41 -31.53 25.16 10.55
CA GLY D 41 -30.99 25.37 11.88
C GLY D 41 -29.85 24.44 12.23
N TYR D 42 -29.97 23.17 11.83
CA TYR D 42 -28.93 22.19 12.09
C TYR D 42 -27.62 22.59 11.40
N GLN D 43 -27.71 22.95 10.12
CA GLN D 43 -26.54 23.30 9.33
C GLN D 43 -25.77 24.50 9.88
N VAL D 44 -26.52 25.47 10.42
CA VAL D 44 -25.92 26.71 10.92
C VAL D 44 -25.02 26.47 12.12
N SER D 45 -25.46 25.58 13.01
CA SER D 45 -24.76 25.39 14.29
C SER D 45 -24.01 24.07 14.41
N VAL D 46 -24.08 23.22 13.39
CA VAL D 46 -23.44 21.90 13.47
C VAL D 46 -21.92 22.02 13.52
N LEU D 47 -21.36 22.94 12.76
CA LEU D 47 -19.91 23.10 12.70
C LEU D 47 -19.37 23.67 14.01
N ASN D 48 -20.05 24.69 14.52
CA ASN D 48 -19.65 25.34 15.77
C ASN D 48 -19.58 24.37 16.95
N THR D 49 -20.44 23.36 16.93
CA THR D 49 -20.52 22.39 18.02
C THR D 49 -19.27 21.51 18.10
N ILE D 50 -18.81 21.02 16.95
CA ILE D 50 -17.70 20.07 16.91
C ILE D 50 -16.49 20.61 16.18
N LYS D 51 -16.36 21.93 16.12
CA LYS D 51 -15.28 22.57 15.39
C LYS D 51 -13.91 22.28 16.01
N ASN D 52 -13.87 22.24 17.34
CA ASN D 52 -12.62 22.00 18.07
C ASN D 52 -11.96 20.68 17.67
N PHE D 53 -12.78 19.68 17.38
CA PHE D 53 -12.29 18.38 16.96
C PHE D 53 -11.71 18.45 15.55
N ILE D 54 -12.38 19.20 14.68
CA ILE D 54 -11.92 19.39 13.30
C ILE D 54 -10.57 20.11 13.27
N VAL D 55 -10.42 21.11 14.13
CA VAL D 55 -9.17 21.86 14.22
C VAL D 55 -8.02 20.94 14.60
N VAL D 56 -8.27 20.04 15.54
CA VAL D 56 -7.25 19.11 16.00
C VAL D 56 -6.91 18.06 14.95
N GLU D 57 -7.92 17.45 14.37
CA GLU D 57 -7.72 16.39 13.39
C GLU D 57 -7.03 16.90 12.12
N PHE D 58 -7.47 18.05 11.62
CA PHE D 58 -6.88 18.62 10.41
C PHE D 58 -5.52 19.22 10.72
N GLU D 59 -5.22 19.37 12.00
CA GLU D 59 -3.94 19.90 12.47
C GLU D 59 -3.65 21.28 11.89
N TRP D 60 -4.54 22.23 12.16
CA TRP D 60 -4.38 23.60 11.70
C TRP D 60 -3.30 24.32 12.51
N CYS D 61 -3.19 23.96 13.78
CA CYS D 61 -2.19 24.53 14.67
C CYS D 61 -1.29 23.44 15.23
N LYS D 62 -0.77 22.60 14.34
CA LYS D 62 -0.01 21.42 14.74
C LYS D 62 1.32 21.76 15.40
N GLY D 63 2.06 22.70 14.82
CA GLY D 63 3.40 22.99 15.28
C GLY D 63 3.52 23.96 16.45
N GLU D 64 2.61 24.92 16.51
CA GLU D 64 2.72 26.00 17.49
C GLU D 64 2.38 25.58 18.92
N LYS D 65 2.37 26.56 19.82
CA LYS D 65 2.19 26.31 21.25
C LYS D 65 0.84 25.69 21.60
N ASP D 66 -0.22 26.20 20.98
CA ASP D 66 -1.57 25.76 21.32
C ASP D 66 -2.19 24.97 20.17
N ARG D 67 -2.66 23.77 20.49
CA ARG D 67 -3.22 22.87 19.50
C ARG D 67 -4.56 23.38 18.98
N LEU D 68 -5.28 24.09 19.83
CA LEU D 68 -6.63 24.55 19.49
C LEU D 68 -6.65 25.96 18.91
N ASN D 69 -5.88 26.87 19.50
CA ASN D 69 -5.92 28.28 19.11
C ASN D 69 -4.61 28.80 18.54
N CYS D 70 -4.68 29.40 17.36
CA CYS D 70 -3.55 30.06 16.74
C CYS D 70 -4.03 31.05 15.69
N SER D 71 -3.09 31.66 14.99
CA SER D 71 -3.43 32.62 13.94
C SER D 71 -4.14 31.94 12.78
N ASN D 72 -3.68 30.74 12.42
CA ASN D 72 -4.22 30.02 11.28
C ASN D 72 -5.63 29.48 11.56
N ASN D 73 -5.87 29.08 12.80
CA ASN D 73 -7.19 28.61 13.21
C ASN D 73 -8.24 29.72 13.07
N THR D 74 -7.96 30.87 13.67
CA THR D 74 -8.87 32.01 13.65
C THR D 74 -9.20 32.45 12.23
N ILE D 75 -8.19 32.54 11.37
CA ILE D 75 -8.38 32.97 9.99
C ILE D 75 -9.19 31.96 9.19
N GLN D 76 -8.80 30.69 9.26
CA GLN D 76 -9.49 29.63 8.53
C GLN D 76 -10.93 29.44 9.05
N SER D 77 -11.13 29.70 10.33
CA SER D 77 -12.45 29.61 10.94
C SER D 77 -13.34 30.74 10.44
N SER D 78 -12.73 31.90 10.21
CA SER D 78 -13.43 33.06 9.71
C SER D 78 -13.97 32.80 8.31
N PHE D 79 -13.16 32.12 7.50
CA PHE D 79 -13.56 31.77 6.13
C PHE D 79 -14.71 30.77 6.14
N LEU D 80 -14.66 29.80 7.06
CA LEU D 80 -15.71 28.81 7.20
C LEU D 80 -17.06 29.46 7.49
N LEU D 81 -17.06 30.42 8.40
CA LEU D 81 -18.29 31.15 8.73
C LEU D 81 -18.70 32.07 7.59
N ALA D 82 -17.71 32.69 6.95
CA ALA D 82 -17.97 33.58 5.83
C ALA D 82 -18.51 32.82 4.64
N SER D 83 -18.03 31.59 4.44
CA SER D 83 -18.49 30.75 3.34
C SER D 83 -19.98 30.44 3.48
N VAL D 84 -20.42 30.20 4.71
CA VAL D 84 -21.82 29.93 4.97
C VAL D 84 -22.68 31.17 4.69
N PHE D 85 -22.20 32.32 5.14
CA PHE D 85 -22.91 33.58 4.93
C PHE D 85 -22.96 33.96 3.45
N ILE D 86 -21.80 33.96 2.80
CA ILE D 86 -21.71 34.30 1.38
C ILE D 86 -22.52 33.32 0.55
N GLY D 87 -22.44 32.04 0.89
CA GLY D 87 -23.23 31.01 0.23
C GLY D 87 -24.72 31.29 0.37
N ALA D 88 -25.12 31.70 1.58
CA ALA D 88 -26.51 32.02 1.85
C ALA D 88 -26.98 33.21 1.03
N VAL D 89 -26.09 34.16 0.83
CA VAL D 89 -26.38 35.33 -0.01
C VAL D 89 -26.68 34.89 -1.44
N LEU D 90 -25.82 34.03 -1.98
CA LEU D 90 -26.01 33.50 -3.32
C LEU D 90 -27.24 32.60 -3.40
N GLY D 91 -27.45 31.82 -2.34
CA GLY D 91 -28.60 30.93 -2.27
C GLY D 91 -29.92 31.67 -2.28
N CYS D 92 -29.99 32.78 -1.54
CA CYS D 92 -31.19 33.59 -1.49
C CYS D 92 -31.48 34.26 -2.84
N GLY D 93 -30.42 34.69 -3.51
CA GLY D 93 -30.55 35.34 -4.79
C GLY D 93 -31.05 34.42 -5.89
N PHE D 94 -30.56 33.18 -5.89
CA PHE D 94 -30.94 32.21 -6.90
C PHE D 94 -32.29 31.58 -6.59
N SER D 95 -32.67 31.58 -5.30
CA SER D 95 -33.91 30.95 -4.86
C SER D 95 -35.14 31.60 -5.48
N GLY D 96 -35.04 32.90 -5.75
CA GLY D 96 -36.12 33.63 -6.40
C GLY D 96 -36.36 33.13 -7.81
N TYR D 97 -35.28 32.75 -8.48
CA TYR D 97 -35.36 32.22 -9.83
C TYR D 97 -35.79 30.74 -9.81
N LEU D 98 -35.36 30.02 -8.77
CA LEU D 98 -35.66 28.60 -8.66
C LEU D 98 -37.13 28.34 -8.34
N VAL D 99 -37.69 29.14 -7.44
CA VAL D 99 -39.06 28.95 -6.97
C VAL D 99 -40.08 29.20 -8.08
N GLN D 100 -39.63 29.80 -9.17
CA GLN D 100 -40.48 30.07 -10.33
C GLN D 100 -40.97 28.76 -10.96
N PHE D 101 -40.14 27.72 -10.89
CA PHE D 101 -40.48 26.43 -11.45
C PHE D 101 -41.44 25.68 -10.53
N GLY D 102 -41.45 26.06 -9.26
CA GLY D 102 -42.33 25.45 -8.28
C GLY D 102 -41.86 25.64 -6.85
N ARG D 103 -42.81 25.69 -5.93
CA ARG D 103 -42.51 25.81 -4.50
C ARG D 103 -42.12 24.46 -3.92
N ARG D 104 -42.91 23.45 -4.25
CA ARG D 104 -42.64 22.07 -3.83
C ARG D 104 -41.40 21.53 -4.54
N LEU D 105 -41.22 21.94 -5.78
CA LEU D 105 -40.06 21.53 -6.56
C LEU D 105 -38.78 22.08 -5.94
N SER D 106 -38.85 23.32 -5.45
CA SER D 106 -37.72 23.94 -4.77
C SER D 106 -37.32 23.14 -3.54
N LEU D 107 -38.33 22.69 -2.79
CA LEU D 107 -38.11 21.86 -1.62
C LEU D 107 -37.40 20.56 -1.99
N LEU D 108 -37.86 19.93 -3.06
CA LEU D 108 -37.25 18.70 -3.54
C LEU D 108 -35.81 18.92 -3.97
N ILE D 109 -35.57 20.04 -4.64
CA ILE D 109 -34.21 20.43 -5.04
C ILE D 109 -33.34 20.62 -3.80
N ILE D 110 -33.89 21.29 -2.80
CA ILE D 110 -33.20 21.51 -1.53
C ILE D 110 -32.81 20.19 -0.86
N TYR D 111 -33.76 19.26 -0.83
CA TYR D 111 -33.53 17.96 -0.19
C TYR D 111 -32.46 17.15 -0.91
N ASN D 112 -32.54 17.10 -2.23
CA ASN D 112 -31.54 16.42 -3.04
C ASN D 112 -30.17 17.10 -2.91
N PHE D 113 -30.19 18.43 -2.85
CA PHE D 113 -28.97 19.21 -2.72
C PHE D 113 -28.31 18.94 -1.37
N PHE D 114 -29.08 19.05 -0.30
CA PHE D 114 -28.57 18.82 1.05
C PHE D 114 -28.18 17.36 1.28
N PHE D 115 -28.76 16.46 0.51
CA PHE D 115 -28.43 15.04 0.60
C PHE D 115 -26.98 14.81 0.17
N LEU D 116 -26.60 15.42 -0.94
CA LEU D 116 -25.26 15.25 -1.50
C LEU D 116 -24.22 16.07 -0.74
N VAL D 117 -24.59 17.30 -0.35
CA VAL D 117 -23.66 18.19 0.31
C VAL D 117 -23.29 17.68 1.71
N SER D 118 -24.28 17.12 2.42
CA SER D 118 -24.04 16.59 3.76
C SER D 118 -23.10 15.38 3.71
N ILE D 119 -23.33 14.51 2.73
CA ILE D 119 -22.45 13.35 2.52
C ILE D 119 -21.04 13.82 2.20
N LEU D 120 -20.94 14.85 1.36
CA LEU D 120 -19.65 15.42 0.98
C LEU D 120 -18.93 16.00 2.19
N THR D 121 -19.68 16.67 3.05
CA THR D 121 -19.12 17.30 4.25
C THR D 121 -18.57 16.25 5.22
N SER D 122 -19.22 15.09 5.26
CA SER D 122 -18.86 14.04 6.20
C SER D 122 -17.54 13.37 5.83
N ILE D 123 -17.12 13.49 4.58
CA ILE D 123 -15.90 12.82 4.12
C ILE D 123 -14.78 13.80 3.80
N THR D 124 -14.91 15.03 4.26
CA THR D 124 -13.87 16.04 4.03
C THR D 124 -12.65 15.75 4.89
N HIS D 125 -11.47 16.06 4.37
CA HIS D 125 -10.21 15.81 5.08
C HIS D 125 -9.28 17.01 5.06
N HIS D 126 -9.67 18.05 4.32
CA HIS D 126 -8.85 19.25 4.22
C HIS D 126 -9.69 20.51 4.41
N PHE D 127 -9.02 21.63 4.66
CA PHE D 127 -9.70 22.90 4.87
C PHE D 127 -10.44 23.37 3.62
N HIS D 128 -9.84 23.13 2.46
CA HIS D 128 -10.43 23.57 1.19
C HIS D 128 -11.71 22.82 0.85
N THR D 129 -11.74 21.52 1.15
CA THR D 129 -12.90 20.69 0.84
C THR D 129 -14.07 20.99 1.76
N ILE D 130 -13.79 21.20 3.04
CA ILE D 130 -14.84 21.49 4.00
C ILE D 130 -15.36 22.92 3.81
N LEU D 131 -14.50 23.81 3.32
CA LEU D 131 -14.92 25.18 3.00
C LEU D 131 -15.88 25.14 1.83
N PHE D 132 -15.52 24.33 0.82
CA PHE D 132 -16.35 24.16 -0.36
C PHE D 132 -17.71 23.58 0.01
N ALA D 133 -17.73 22.73 1.02
CA ALA D 133 -18.97 22.11 1.48
C ALA D 133 -19.85 23.12 2.21
N ARG D 134 -19.24 23.90 3.10
CA ARG D 134 -19.96 24.90 3.88
C ARG D 134 -20.52 26.02 3.00
N LEU D 135 -19.74 26.42 1.99
CA LEU D 135 -20.19 27.41 1.02
C LEU D 135 -21.44 26.92 0.31
N LEU D 136 -21.40 25.65 -0.12
CA LEU D 136 -22.56 25.03 -0.74
C LEU D 136 -23.66 24.79 0.28
N SER D 137 -23.27 24.45 1.50
CA SER D 137 -24.23 24.23 2.57
C SER D 137 -24.97 25.52 2.88
N GLY D 138 -24.24 26.63 2.83
CA GLY D 138 -24.84 27.95 2.98
C GLY D 138 -25.77 28.25 1.82
N PHE D 139 -25.40 27.82 0.63
CA PHE D 139 -26.21 28.03 -0.56
C PHE D 139 -27.58 27.37 -0.40
N GLY D 140 -27.59 26.16 0.15
CA GLY D 140 -28.82 25.45 0.41
C GLY D 140 -29.64 26.18 1.47
N ILE D 141 -28.93 26.75 2.45
CA ILE D 141 -29.56 27.53 3.51
C ILE D 141 -30.30 28.73 2.92
N GLY D 142 -29.68 29.38 1.94
CA GLY D 142 -30.28 30.50 1.24
C GLY D 142 -31.54 30.09 0.50
N LEU D 143 -31.53 28.87 -0.05
CA LEU D 143 -32.70 28.33 -0.73
C LEU D 143 -33.84 28.09 0.26
N VAL D 144 -33.50 27.52 1.41
CA VAL D 144 -34.48 27.26 2.46
C VAL D 144 -35.05 28.56 3.00
N THR D 145 -34.20 29.58 3.09
CA THR D 145 -34.60 30.88 3.62
C THR D 145 -35.78 31.49 2.86
N VAL D 146 -35.82 31.27 1.55
CA VAL D 146 -36.85 31.86 0.71
C VAL D 146 -37.98 30.89 0.41
N SER D 147 -37.63 29.64 0.14
CA SER D 147 -38.61 28.65 -0.32
C SER D 147 -39.64 28.27 0.74
N VAL D 148 -39.17 27.86 1.91
CA VAL D 148 -40.06 27.36 2.96
C VAL D 148 -41.09 28.39 3.46
N PRO D 149 -40.64 29.62 3.80
CA PRO D 149 -41.67 30.56 4.28
C PRO D 149 -42.68 30.94 3.19
N MET D 150 -42.25 30.88 1.94
CA MET D 150 -43.14 31.17 0.82
C MET D 150 -44.14 30.04 0.61
N TYR D 151 -43.67 28.80 0.78
CA TYR D 151 -44.53 27.63 0.64
C TYR D 151 -45.60 27.64 1.72
N ILE D 152 -45.19 27.91 2.96
CA ILE D 152 -46.12 27.99 4.09
C ILE D 152 -47.11 29.14 3.87
N SER D 153 -46.63 30.21 3.25
CA SER D 153 -47.46 31.37 2.97
C SER D 153 -48.62 31.07 2.03
N GLU D 154 -48.39 30.16 1.08
CA GLU D 154 -49.38 29.88 0.04
C GLU D 154 -50.15 28.59 0.29
N MET D 155 -49.74 27.84 1.31
CA MET D 155 -50.41 26.59 1.65
C MET D 155 -51.23 26.72 2.93
N THR D 156 -51.57 27.95 3.30
CA THR D 156 -52.30 28.17 4.55
C THR D 156 -53.48 29.11 4.38
N HIS D 157 -54.42 29.04 5.32
CA HIS D 157 -55.54 29.97 5.36
C HIS D 157 -55.01 31.36 5.71
N LYS D 158 -55.58 32.37 5.08
CA LYS D 158 -55.14 33.75 5.24
C LYS D 158 -55.10 34.17 6.71
N ASP D 159 -56.09 33.72 7.48
CA ASP D 159 -56.18 34.08 8.89
C ASP D 159 -55.15 33.34 9.74
N LYS D 160 -54.59 32.26 9.21
CA LYS D 160 -53.64 31.44 9.98
C LYS D 160 -52.26 31.41 9.34
N LYS D 161 -51.98 32.34 8.43
CA LYS D 161 -50.68 32.40 7.78
C LYS D 161 -49.55 32.64 8.79
N GLY D 162 -49.74 33.62 9.66
CA GLY D 162 -48.75 33.97 10.66
C GLY D 162 -48.49 32.85 11.66
N ALA D 163 -49.57 32.22 12.12
CA ALA D 163 -49.47 31.14 13.09
C ALA D 163 -48.64 29.97 12.56
N TYR D 164 -48.90 29.58 11.33
CA TYR D 164 -48.17 28.47 10.69
C TYR D 164 -46.83 28.94 10.14
N GLY D 165 -46.66 30.26 10.05
CA GLY D 165 -45.40 30.82 9.60
C GLY D 165 -44.31 30.67 10.65
N VAL D 166 -44.72 30.69 11.92
CA VAL D 166 -43.79 30.56 13.04
C VAL D 166 -43.12 29.19 13.03
N MET D 167 -43.85 28.20 12.51
CA MET D 167 -43.37 26.83 12.42
C MET D 167 -42.07 26.72 11.65
N HIS D 168 -41.91 27.58 10.65
CA HIS D 168 -40.65 27.68 9.92
C HIS D 168 -39.51 28.03 10.86
N GLN D 169 -39.71 29.04 11.68
CA GLN D 169 -38.71 29.45 12.62
C GLN D 169 -38.63 28.48 13.79
N LEU D 170 -39.74 27.85 14.12
CA LEU D 170 -39.74 26.93 15.24
C LEU D 170 -38.79 25.81 14.96
N PHE D 171 -38.90 25.25 13.77
CA PHE D 171 -38.02 24.17 13.38
C PHE D 171 -36.60 24.60 13.23
N ILE D 172 -36.37 25.83 12.80
CA ILE D 172 -35.03 26.35 12.68
C ILE D 172 -34.40 26.36 14.05
N THR D 173 -35.14 26.82 15.03
CA THR D 173 -34.70 26.87 16.39
C THR D 173 -34.44 25.48 16.92
N PHE D 174 -35.32 24.56 16.59
CA PHE D 174 -35.21 23.19 17.01
C PHE D 174 -33.96 22.54 16.43
N GLY D 175 -33.66 22.85 15.19
CA GLY D 175 -32.50 22.30 14.54
C GLY D 175 -31.27 22.70 15.29
N ILE D 176 -31.19 23.96 15.64
CA ILE D 176 -30.04 24.44 16.39
C ILE D 176 -29.91 23.68 17.70
N PHE D 177 -31.04 23.48 18.37
CA PHE D 177 -31.07 22.77 19.65
C PHE D 177 -30.63 21.32 19.51
N VAL D 178 -31.18 20.64 18.51
CA VAL D 178 -30.86 19.23 18.26
C VAL D 178 -29.37 19.06 17.94
N ALA D 179 -28.83 19.97 17.13
CA ALA D 179 -27.42 19.94 16.77
C ALA D 179 -26.54 20.06 18.02
N VAL D 180 -26.98 20.87 18.97
CA VAL D 180 -26.26 21.03 20.23
C VAL D 180 -26.37 19.76 21.07
N MET D 181 -27.57 19.18 21.10
CA MET D 181 -27.82 17.96 21.87
C MET D 181 -26.97 16.79 21.35
N LEU D 182 -26.86 16.69 20.03
CA LEU D 182 -26.09 15.61 19.42
C LEU D 182 -24.59 15.76 19.69
N GLY D 183 -24.17 16.98 19.97
CA GLY D 183 -22.77 17.26 20.23
C GLY D 183 -22.37 16.94 21.66
N LEU D 184 -23.36 16.65 22.49
CA LEU D 184 -23.10 16.28 23.88
C LEU D 184 -22.57 14.86 23.99
N ALA D 185 -22.81 14.06 22.95
CA ALA D 185 -22.32 12.69 22.92
C ALA D 185 -20.81 12.65 22.76
N MET D 186 -20.23 13.76 22.35
CA MET D 186 -18.77 13.86 22.16
C MET D 186 -18.04 13.82 23.49
N GLY D 187 -16.71 13.91 23.42
CA GLY D 187 -15.87 13.87 24.61
C GLY D 187 -15.68 15.24 25.25
N GLU D 188 -16.60 16.16 24.93
CA GLU D 188 -16.60 17.51 25.49
C GLU D 188 -15.28 18.26 25.18
N GLY D 189 -14.85 18.19 23.93
CA GLY D 189 -13.68 18.93 23.48
C GLY D 189 -12.36 18.36 23.96
N PRO D 190 -11.28 18.60 23.18
CA PRO D 190 -9.91 18.24 23.55
C PRO D 190 -9.22 19.35 24.33
N LYS D 191 -8.28 18.99 25.20
CA LYS D 191 -7.56 19.98 25.98
C LYS D 191 -6.57 20.76 25.12
N ALA D 192 -6.25 21.98 25.55
CA ALA D 192 -5.37 22.88 24.79
C ALA D 192 -3.91 22.45 24.86
N ASP D 193 -3.40 22.34 26.09
CA ASP D 193 -2.00 22.01 26.31
C ASP D 193 -1.69 20.55 26.02
N SER D 194 -2.73 19.72 26.00
CA SER D 194 -2.58 18.28 25.80
C SER D 194 -2.18 17.92 24.38
N THR D 195 -1.77 16.67 24.20
CA THR D 195 -1.42 16.15 22.89
C THR D 195 -1.99 14.76 22.69
N GLU D 196 -2.92 14.36 23.56
CA GLU D 196 -3.60 13.07 23.44
C GLU D 196 -4.30 12.93 22.08
N PRO D 197 -4.22 11.73 21.48
CA PRO D 197 -4.98 11.47 20.25
C PRO D 197 -6.48 11.59 20.49
N LEU D 198 -7.21 12.07 19.49
CA LEU D 198 -8.66 12.17 19.61
C LEU D 198 -9.30 10.80 19.79
N THR D 199 -10.34 10.73 20.61
CA THR D 199 -11.09 9.50 20.81
C THR D 199 -11.66 9.03 19.49
N SER D 200 -11.58 7.73 19.23
CA SER D 200 -12.08 7.15 17.98
C SER D 200 -13.55 7.47 17.77
N PHE D 201 -14.34 7.34 18.85
CA PHE D 201 -15.76 7.64 18.81
C PHE D 201 -16.00 9.09 18.41
N ALA D 202 -15.12 9.98 18.85
CA ALA D 202 -15.22 11.40 18.51
C ALA D 202 -14.98 11.61 17.03
N LYS D 203 -13.94 10.97 16.49
CA LYS D 203 -13.60 11.08 15.08
C LYS D 203 -14.70 10.51 14.19
N LEU D 204 -15.51 9.62 14.74
CA LEU D 204 -16.60 9.01 13.99
C LEU D 204 -17.88 9.81 14.11
N TRP D 205 -18.11 10.38 15.30
CA TRP D 205 -19.38 11.04 15.59
C TRP D 205 -19.53 12.40 14.90
N TRP D 206 -18.45 13.17 14.84
CA TRP D 206 -18.55 14.51 14.24
C TRP D 206 -18.74 14.41 12.73
N ARG D 207 -18.33 13.28 12.15
CA ARG D 207 -18.58 13.03 10.73
C ARG D 207 -20.00 12.51 10.55
N LEU D 208 -20.48 11.77 11.54
CA LEU D 208 -21.86 11.27 11.52
C LEU D 208 -22.84 12.41 11.73
N MET D 209 -22.43 13.41 12.51
CA MET D 209 -23.26 14.60 12.73
C MET D 209 -23.42 15.38 11.44
N PHE D 210 -22.37 15.40 10.62
CA PHE D 210 -22.42 16.03 9.31
C PHE D 210 -23.26 15.19 8.34
N LEU D 211 -23.42 13.91 8.66
CA LEU D 211 -24.13 12.98 7.79
C LEU D 211 -25.61 12.85 8.19
N PHE D 212 -25.92 13.24 9.42
CA PHE D 212 -27.29 13.16 9.93
C PHE D 212 -28.33 13.94 9.10
N PRO D 213 -28.01 15.17 8.66
CA PRO D 213 -29.04 15.86 7.86
C PRO D 213 -29.30 15.20 6.49
N SER D 214 -28.39 14.34 6.05
CA SER D 214 -28.59 13.59 4.82
C SER D 214 -29.76 12.61 5.00
N VAL D 215 -29.86 12.04 6.20
CA VAL D 215 -30.97 11.16 6.54
C VAL D 215 -32.28 11.95 6.61
N ILE D 216 -32.20 13.11 7.24
CA ILE D 216 -33.35 14.00 7.35
C ILE D 216 -33.83 14.46 5.97
N SER D 217 -32.88 14.77 5.11
CA SER D 217 -33.20 15.19 3.74
C SER D 217 -33.93 14.09 2.98
N LEU D 218 -33.52 12.86 3.21
CA LEU D 218 -34.16 11.71 2.58
C LEU D 218 -35.61 11.61 3.03
N ILE D 219 -35.83 11.81 4.32
CA ILE D 219 -37.18 11.79 4.90
C ILE D 219 -38.02 12.90 4.26
N GLY D 220 -37.38 14.03 3.99
CA GLY D 220 -38.04 15.14 3.33
C GLY D 220 -38.51 14.77 1.94
N ILE D 221 -37.64 14.12 1.17
CA ILE D 221 -37.99 13.64 -0.17
C ILE D 221 -39.18 12.69 -0.11
N LEU D 222 -39.11 11.74 0.81
CA LEU D 222 -40.12 10.72 0.96
C LEU D 222 -41.47 11.31 1.33
N ALA D 223 -41.46 12.33 2.18
CA ALA D 223 -42.69 12.96 2.65
C ALA D 223 -43.42 13.69 1.53
N LEU D 224 -42.67 14.36 0.66
CA LEU D 224 -43.25 15.13 -0.42
C LEU D 224 -43.72 14.26 -1.58
N VAL D 225 -42.99 13.18 -1.86
CA VAL D 225 -43.29 12.35 -3.02
C VAL D 225 -44.45 11.40 -2.76
N VAL D 226 -44.70 11.08 -1.49
CA VAL D 226 -45.74 10.12 -1.13
C VAL D 226 -47.08 10.78 -0.81
N PHE D 227 -47.06 11.71 0.14
CA PHE D 227 -48.30 12.32 0.62
C PHE D 227 -48.58 13.67 -0.03
N PHE D 228 -47.66 14.61 0.14
CA PHE D 228 -47.87 15.98 -0.28
C PHE D 228 -47.33 16.25 -1.68
N LYS D 229 -48.07 15.77 -2.68
CA LYS D 229 -47.63 15.78 -4.07
C LYS D 229 -48.05 17.04 -4.81
N GLU D 230 -49.00 17.77 -4.24
CA GLU D 230 -49.53 18.98 -4.88
C GLU D 230 -48.68 20.21 -4.57
N GLU D 231 -48.59 21.11 -5.55
CA GLU D 231 -47.94 22.39 -5.34
C GLU D 231 -48.95 23.37 -4.75
N THR D 232 -48.50 24.57 -4.46
CA THR D 232 -49.38 25.58 -3.88
C THR D 232 -50.48 25.99 -4.86
N PRO D 233 -51.68 26.30 -4.35
CA PRO D 233 -52.81 26.74 -5.18
C PRO D 233 -52.49 27.99 -6.00
N TYR D 234 -51.74 28.91 -5.39
CA TYR D 234 -51.33 30.14 -6.06
C TYR D 234 -50.47 29.85 -7.29
N PHE D 235 -49.55 28.90 -7.16
CA PHE D 235 -48.67 28.54 -8.25
C PHE D 235 -49.42 27.81 -9.34
N LEU D 236 -50.29 26.89 -8.93
CA LEU D 236 -51.08 26.09 -9.86
C LEU D 236 -51.99 26.96 -10.70
N PHE D 237 -52.60 27.97 -10.08
CA PHE D 237 -53.44 28.92 -10.79
C PHE D 237 -52.59 29.72 -11.77
N GLU D 238 -51.39 30.08 -11.33
CA GLU D 238 -50.50 30.92 -12.10
C GLU D 238 -50.01 30.26 -13.39
N LYS D 239 -49.94 28.93 -13.37
CA LYS D 239 -49.45 28.18 -14.53
C LYS D 239 -50.61 27.70 -15.42
N GLY D 240 -51.83 27.79 -14.91
CA GLY D 240 -53.00 27.46 -15.70
C GLY D 240 -53.82 26.29 -15.18
N ARG D 241 -53.20 25.45 -14.35
CA ARG D 241 -53.90 24.31 -13.77
C ARG D 241 -54.92 24.75 -12.73
N ILE D 242 -56.09 25.17 -13.20
CA ILE D 242 -57.13 25.70 -12.33
C ILE D 242 -57.77 24.63 -11.45
N GLU D 243 -58.08 23.47 -12.05
CA GLU D 243 -58.80 22.43 -11.33
C GLU D 243 -57.96 21.81 -10.22
N GLU D 244 -56.68 21.57 -10.51
CA GLU D 244 -55.75 21.09 -9.49
C GLU D 244 -55.60 22.14 -8.40
N SER D 245 -55.56 23.40 -8.81
CA SER D 245 -55.49 24.52 -7.87
C SER D 245 -56.69 24.51 -6.94
N LYS D 246 -57.88 24.32 -7.51
CA LYS D 246 -59.10 24.28 -6.73
C LYS D 246 -59.12 23.08 -5.79
N ASN D 247 -58.61 21.95 -6.26
CA ASN D 247 -58.57 20.73 -5.46
C ASN D 247 -57.78 20.93 -4.17
N ILE D 248 -56.50 21.24 -4.30
CA ILE D 248 -55.64 21.47 -3.14
C ILE D 248 -56.18 22.63 -2.29
N LEU D 249 -56.81 23.59 -2.93
CA LEU D 249 -57.43 24.72 -2.24
C LEU D 249 -58.59 24.25 -1.38
N LYS D 250 -59.37 23.30 -1.90
CA LYS D 250 -60.46 22.71 -1.16
C LYS D 250 -59.94 21.80 -0.05
N LYS D 251 -58.72 21.28 -0.23
CA LYS D 251 -58.13 20.38 0.74
C LYS D 251 -57.63 21.11 1.99
N ILE D 252 -56.89 22.20 1.79
CA ILE D 252 -56.35 22.96 2.91
C ILE D 252 -57.44 23.68 3.69
N TYR D 253 -58.50 24.08 2.99
CA TYR D 253 -59.60 24.79 3.63
C TYR D 253 -60.68 23.81 4.09
N GLU D 254 -60.58 22.57 3.61
CA GLU D 254 -61.51 21.51 3.96
C GLU D 254 -62.96 21.85 3.65
N THR D 255 -63.17 22.69 2.64
CA THR D 255 -64.50 23.14 2.27
C THR D 255 -64.75 22.95 0.78
N ASP D 256 -65.98 22.59 0.43
CA ASP D 256 -66.35 22.37 -0.96
C ASP D 256 -66.32 23.66 -1.78
N ASN D 257 -66.70 24.77 -1.15
CA ASN D 257 -66.63 26.06 -1.83
C ASN D 257 -65.49 26.92 -1.28
N VAL D 258 -64.63 27.37 -2.19
CA VAL D 258 -63.50 28.23 -1.84
C VAL D 258 -63.41 29.38 -2.84
N ASP D 259 -64.56 29.84 -3.32
CA ASP D 259 -64.65 30.81 -4.40
C ASP D 259 -64.01 32.16 -4.07
N GLU D 260 -64.24 32.67 -2.87
CA GLU D 260 -63.69 33.98 -2.49
C GLU D 260 -62.15 33.97 -2.39
N PRO D 261 -61.56 32.96 -1.72
CA PRO D 261 -60.09 32.89 -1.77
C PRO D 261 -59.55 32.54 -3.14
N LEU D 262 -60.33 31.79 -3.92
CA LEU D 262 -59.94 31.42 -5.28
C LEU D 262 -59.87 32.66 -6.17
N ASN D 263 -60.83 33.57 -5.97
CA ASN D 263 -60.86 34.83 -6.68
C ASN D 263 -59.75 35.77 -6.20
N ALA D 264 -59.34 35.58 -4.95
CA ALA D 264 -58.21 36.34 -4.40
C ALA D 264 -56.94 35.91 -5.11
N ILE D 265 -56.79 34.60 -5.29
CA ILE D 265 -55.70 34.05 -6.08
C ILE D 265 -55.83 34.52 -7.53
N LYS D 266 -57.07 34.46 -8.03
CA LYS D 266 -57.36 34.85 -9.41
C LYS D 266 -57.02 36.31 -9.69
N GLU D 267 -57.39 37.19 -8.77
CA GLU D 267 -57.10 38.61 -8.90
C GLU D 267 -55.61 38.87 -8.80
N ALA D 268 -54.93 38.06 -7.99
CA ALA D 268 -53.49 38.20 -7.78
C ALA D 268 -52.72 37.78 -9.03
N VAL D 269 -53.08 36.63 -9.58
CA VAL D 269 -52.44 36.14 -10.80
C VAL D 269 -52.77 37.05 -11.98
N GLU D 270 -53.97 37.62 -11.98
CA GLU D 270 -54.39 38.55 -13.03
C GLU D 270 -53.50 39.79 -13.03
N GLN D 271 -53.11 40.22 -11.83
CA GLN D 271 -52.18 41.33 -11.67
C GLN D 271 -50.83 41.00 -12.26
N ASN D 272 -50.37 39.77 -12.03
CA ASN D 272 -49.10 39.29 -12.57
C ASN D 272 -49.09 39.29 -14.09
N GLU D 273 -50.17 38.77 -14.67
CA GLU D 273 -50.32 38.73 -16.12
C GLU D 273 -50.29 40.14 -16.69
N SER D 274 -50.89 41.07 -15.96
CA SER D 274 -50.89 42.47 -16.35
C SER D 274 -49.50 43.07 -16.17
N ALA D 275 -48.83 42.65 -15.10
CA ALA D 275 -47.47 43.08 -14.81
C ALA D 275 -46.49 42.55 -15.86
N LYS D 276 -46.74 41.32 -16.31
CA LYS D 276 -45.93 40.71 -17.35
C LYS D 276 -46.12 41.45 -18.67
N LYS D 277 -47.37 41.83 -18.94
CA LYS D 277 -47.71 42.56 -20.16
C LYS D 277 -47.03 43.92 -20.22
N ASN D 278 -46.96 44.60 -19.07
CA ASN D 278 -46.30 45.89 -18.99
C ASN D 278 -44.81 45.75 -18.77
N SER D 279 -44.32 44.52 -18.88
CA SER D 279 -42.90 44.21 -18.78
C SER D 279 -42.29 44.64 -17.44
N LEU D 280 -43.09 44.60 -16.39
CA LEU D 280 -42.61 45.00 -15.07
C LEU D 280 -41.61 43.99 -14.49
N SER D 281 -40.48 44.50 -14.04
CA SER D 281 -39.45 43.67 -13.40
C SER D 281 -39.06 44.26 -12.06
N LEU D 282 -38.31 43.50 -11.26
CA LEU D 282 -37.83 43.97 -9.97
C LEU D 282 -36.95 45.21 -10.14
N LEU D 283 -36.12 45.20 -11.18
CA LEU D 283 -35.30 46.35 -11.50
C LEU D 283 -36.16 47.53 -11.91
N SER D 284 -37.21 47.26 -12.68
CA SER D 284 -38.13 48.31 -13.12
C SER D 284 -39.03 48.74 -11.96
N ALA D 285 -39.33 47.80 -11.06
CA ALA D 285 -40.10 48.13 -9.88
C ALA D 285 -39.30 49.07 -8.99
N LEU D 286 -38.00 48.83 -8.91
CA LEU D 286 -37.11 49.70 -8.14
C LEU D 286 -37.13 51.13 -8.67
N LYS D 287 -37.51 51.30 -9.94
CA LYS D 287 -37.54 52.63 -10.54
C LYS D 287 -38.86 53.34 -10.26
N ILE D 288 -39.95 52.58 -10.14
CA ILE D 288 -41.22 53.14 -9.69
C ILE D 288 -41.09 53.55 -8.24
N PRO D 289 -41.38 54.83 -7.92
CA PRO D 289 -41.21 55.36 -6.56
C PRO D 289 -42.07 54.63 -5.53
N SER D 290 -43.27 54.26 -5.93
CA SER D 290 -44.18 53.52 -5.06
C SER D 290 -43.67 52.12 -4.74
N TYR D 291 -43.24 51.38 -5.76
CA TYR D 291 -42.69 50.05 -5.56
C TYR D 291 -41.39 50.10 -4.79
N ARG D 292 -40.51 51.00 -5.19
CA ARG D 292 -39.20 51.16 -4.55
C ARG D 292 -39.35 51.33 -3.04
N TYR D 293 -40.38 52.08 -2.65
CA TYR D 293 -40.65 52.33 -1.23
C TYR D 293 -40.89 51.04 -0.44
N VAL D 294 -41.84 50.23 -0.90
CA VAL D 294 -42.18 49.00 -0.19
C VAL D 294 -41.04 47.98 -0.26
N ILE D 295 -40.16 48.15 -1.25
CA ILE D 295 -38.99 47.29 -1.37
C ILE D 295 -37.92 47.67 -0.35
N ILE D 296 -37.65 48.97 -0.25
CA ILE D 296 -36.69 49.49 0.71
C ILE D 296 -37.11 49.12 2.13
N LEU D 297 -38.40 49.28 2.43
CA LEU D 297 -38.95 48.93 3.74
C LEU D 297 -38.77 47.45 4.05
N GLY D 298 -38.88 46.62 3.02
CA GLY D 298 -38.68 45.19 3.16
C GLY D 298 -37.22 44.84 3.40
N CYS D 299 -36.34 45.48 2.63
CA CYS D 299 -34.91 45.26 2.76
C CYS D 299 -34.36 45.80 4.07
N LEU D 300 -34.90 46.94 4.50
CA LEU D 300 -34.50 47.55 5.76
C LEU D 300 -34.91 46.67 6.95
N LEU D 301 -36.17 46.27 6.97
CA LEU D 301 -36.70 45.44 8.05
C LEU D 301 -35.95 44.12 8.16
N SER D 302 -35.61 43.54 7.01
CA SER D 302 -34.89 42.27 6.99
C SER D 302 -33.45 42.44 7.43
N GLY D 303 -32.82 43.53 7.01
CA GLY D 303 -31.43 43.79 7.34
C GLY D 303 -31.23 44.15 8.81
N LEU D 304 -32.20 44.87 9.37
CA LEU D 304 -32.11 45.33 10.75
C LEU D 304 -32.20 44.18 11.76
N GLN D 305 -32.73 43.04 11.32
CA GLN D 305 -32.84 41.87 12.20
C GLN D 305 -31.46 41.38 12.64
N GLN D 306 -30.46 41.56 11.78
CA GLN D 306 -29.11 41.14 12.09
C GLN D 306 -28.45 42.07 13.09
N PHE D 307 -28.90 43.31 13.13
CA PHE D 307 -28.32 44.31 14.02
C PHE D 307 -28.76 44.11 15.46
N THR D 308 -29.61 43.12 15.69
CA THR D 308 -29.93 42.68 17.04
C THR D 308 -28.70 42.00 17.66
N GLY D 309 -27.85 41.48 16.79
CA GLY D 309 -26.62 40.82 17.23
C GLY D 309 -26.85 39.37 17.59
N ILE D 310 -27.90 38.78 17.05
CA ILE D 310 -28.26 37.40 17.38
C ILE D 310 -27.28 36.41 16.79
N ASN D 311 -26.81 36.68 15.57
CA ASN D 311 -25.88 35.78 14.89
C ASN D 311 -24.45 35.93 15.39
N VAL D 312 -24.19 37.02 16.12
CA VAL D 312 -22.96 37.16 16.86
C VAL D 312 -22.93 36.10 17.95
N LEU D 313 -24.09 35.87 18.55
CA LEU D 313 -24.24 34.87 19.59
C LEU D 313 -24.23 33.45 19.00
N VAL D 314 -24.99 33.24 17.93
CA VAL D 314 -25.09 31.93 17.31
C VAL D 314 -23.74 31.44 16.77
N SER D 315 -23.01 32.33 16.10
CA SER D 315 -21.75 31.96 15.47
C SER D 315 -20.58 31.93 16.46
N ASN D 316 -20.58 32.86 17.42
CA ASN D 316 -19.46 33.01 18.34
C ASN D 316 -19.83 32.92 19.82
N SER D 317 -20.74 32.02 20.17
CA SER D 317 -21.15 31.85 21.55
C SER D 317 -19.98 31.43 22.44
N ASN D 318 -19.25 30.41 22.00
CA ASN D 318 -18.13 29.87 22.77
C ASN D 318 -17.06 30.91 23.07
N GLU D 319 -16.76 31.77 22.11
CA GLU D 319 -15.71 32.76 22.24
C GLU D 319 -16.06 33.89 23.21
N LEU D 320 -17.35 34.16 23.37
CA LEU D 320 -17.80 35.25 24.22
C LEU D 320 -17.56 35.02 25.71
N TYR D 321 -17.79 33.80 26.16
CA TYR D 321 -17.76 33.51 27.59
C TYR D 321 -16.47 32.83 28.05
N LYS D 322 -15.63 32.41 27.11
CA LYS D 322 -14.42 31.66 27.44
C LYS D 322 -13.40 32.51 28.20
N GLU D 323 -13.64 33.81 28.26
CA GLU D 323 -12.74 34.73 28.96
C GLU D 323 -12.90 34.66 30.47
N PHE D 324 -14.11 34.36 30.93
CA PHE D 324 -14.40 34.36 32.37
C PHE D 324 -15.20 33.12 32.80
N LEU D 325 -15.42 32.20 31.87
CA LEU D 325 -16.11 30.95 32.19
C LEU D 325 -15.32 29.75 31.70
N ASP D 326 -15.46 28.62 32.39
CA ASP D 326 -14.78 27.39 32.00
C ASP D 326 -15.62 26.61 30.98
N SER D 327 -15.02 25.57 30.41
CA SER D 327 -15.64 24.83 29.32
C SER D 327 -16.97 24.18 29.66
N HIS D 328 -17.11 23.69 30.89
CA HIS D 328 -18.30 22.95 31.29
C HIS D 328 -19.53 23.85 31.38
N LEU D 329 -19.36 25.06 31.91
CA LEU D 329 -20.47 25.99 32.04
C LEU D 329 -20.93 26.51 30.69
N ILE D 330 -19.98 26.74 29.80
CA ILE D 330 -20.28 27.15 28.43
C ILE D 330 -21.14 26.10 27.74
N THR D 331 -20.81 24.84 27.99
CA THR D 331 -21.59 23.72 27.48
C THR D 331 -23.01 23.75 28.06
N ILE D 332 -23.11 23.92 29.38
CA ILE D 332 -24.40 24.04 30.05
C ILE D 332 -25.16 25.28 29.55
N LEU D 333 -24.45 26.39 29.42
CA LEU D 333 -25.04 27.63 28.92
C LEU D 333 -25.55 27.47 27.50
N SER D 334 -24.77 26.79 26.66
CA SER D 334 -25.13 26.57 25.26
C SER D 334 -26.40 25.74 25.14
N VAL D 335 -26.56 24.77 26.03
CA VAL D 335 -27.73 23.90 26.01
C VAL D 335 -29.00 24.66 26.40
N VAL D 336 -28.92 25.40 27.50
CA VAL D 336 -30.09 26.12 27.99
C VAL D 336 -30.44 27.32 27.11
N MET D 337 -29.43 27.88 26.43
CA MET D 337 -29.68 28.99 25.51
C MET D 337 -30.48 28.53 24.30
N THR D 338 -30.06 27.42 23.71
CA THR D 338 -30.75 26.86 22.55
C THR D 338 -32.12 26.33 22.95
N ALA D 339 -32.23 25.83 24.18
CA ALA D 339 -33.49 25.34 24.70
C ALA D 339 -34.50 26.47 24.85
N VAL D 340 -34.05 27.59 25.41
CA VAL D 340 -34.90 28.76 25.58
C VAL D 340 -35.23 29.40 24.23
N ASN D 341 -34.23 29.48 23.36
CA ASN D 341 -34.41 30.02 22.02
C ASN D 341 -35.44 29.23 21.22
N PHE D 342 -35.55 27.94 21.54
CA PHE D 342 -36.52 27.07 20.89
C PHE D 342 -37.89 27.16 21.55
N LEU D 343 -37.91 27.16 22.87
CA LEU D 343 -39.16 27.19 23.62
C LEU D 343 -39.88 28.53 23.50
N MET D 344 -39.12 29.62 23.43
CA MET D 344 -39.70 30.95 23.34
C MET D 344 -40.26 31.27 21.95
N THR D 345 -40.10 30.33 21.03
CA THR D 345 -40.64 30.49 19.68
C THR D 345 -42.10 30.04 19.65
N PHE D 346 -42.46 29.13 20.55
CA PHE D 346 -43.83 28.62 20.65
C PHE D 346 -44.89 29.68 20.94
N PRO D 347 -44.64 30.61 21.89
CA PRO D 347 -45.69 31.60 22.13
C PRO D 347 -45.98 32.49 20.93
N ALA D 348 -45.02 32.60 20.01
CA ALA D 348 -45.19 33.43 18.82
C ALA D 348 -46.32 32.94 17.93
N ILE D 349 -46.57 31.62 17.97
CA ILE D 349 -47.62 31.02 17.15
C ILE D 349 -48.99 31.64 17.46
N TYR D 350 -49.21 31.94 18.72
CA TYR D 350 -50.48 32.51 19.16
C TYR D 350 -50.44 34.04 19.23
N ILE D 351 -49.31 34.58 19.63
CA ILE D 351 -49.16 36.03 19.81
C ILE D 351 -49.20 36.78 18.48
N VAL D 352 -48.54 36.24 17.45
CA VAL D 352 -48.51 36.86 16.12
C VAL D 352 -49.92 37.11 15.59
N GLU D 353 -50.81 36.15 15.79
CA GLU D 353 -52.18 36.26 15.30
C GLU D 353 -53.06 37.11 16.21
N LYS D 354 -52.80 37.07 17.50
CA LYS D 354 -53.65 37.76 18.46
C LYS D 354 -53.29 39.23 18.62
N LEU D 355 -51.99 39.53 18.63
CA LEU D 355 -51.53 40.90 18.85
C LEU D 355 -51.09 41.58 17.56
N GLY D 356 -50.84 40.79 16.52
CA GLY D 356 -50.35 41.32 15.26
C GLY D 356 -48.84 41.16 15.16
N ARG D 357 -48.26 41.68 14.09
CA ARG D 357 -46.82 41.58 13.88
C ARG D 357 -46.10 42.84 14.34
N LYS D 358 -46.65 44.00 13.98
CA LYS D 358 -46.05 45.28 14.33
C LYS D 358 -45.91 45.44 15.84
N THR D 359 -46.95 45.06 16.56
CA THR D 359 -46.94 45.12 18.02
C THR D 359 -45.85 44.21 18.59
N LEU D 360 -45.76 43.00 18.04
CA LEU D 360 -44.78 42.02 18.52
C LEU D 360 -43.35 42.45 18.21
N LEU D 361 -43.17 43.07 17.05
CA LEU D 361 -41.85 43.59 16.66
C LEU D 361 -41.42 44.71 17.59
N LEU D 362 -42.35 45.59 17.94
CA LEU D 362 -42.08 46.73 18.81
C LEU D 362 -41.66 46.27 20.21
N TRP D 363 -42.44 45.36 20.78
CA TRP D 363 -42.12 44.78 22.09
C TRP D 363 -40.80 44.03 22.05
N GLY D 364 -40.50 43.43 20.90
CA GLY D 364 -39.24 42.74 20.71
C GLY D 364 -38.06 43.69 20.80
N CYS D 365 -38.22 44.87 20.21
CA CYS D 365 -37.18 45.90 20.27
C CYS D 365 -36.94 46.37 21.69
N VAL D 366 -38.02 46.51 22.45
CA VAL D 366 -37.95 46.95 23.83
C VAL D 366 -37.13 45.96 24.67
N GLY D 367 -37.40 44.68 24.49
CA GLY D 367 -36.68 43.64 25.21
C GLY D 367 -35.19 43.62 24.91
N VAL D 368 -34.85 43.83 23.64
CA VAL D 368 -33.45 43.86 23.22
C VAL D 368 -32.75 45.08 23.80
N LEU D 369 -33.46 46.21 23.82
CA LEU D 369 -32.94 47.44 24.41
C LEU D 369 -32.71 47.27 25.91
N VAL D 370 -33.63 46.58 26.57
CA VAL D 370 -33.53 46.30 28.00
C VAL D 370 -32.34 45.38 28.28
N ALA D 371 -31.93 44.62 27.26
CA ALA D 371 -30.83 43.68 27.42
C ALA D 371 -29.46 44.34 27.30
N TYR D 372 -29.26 45.13 26.25
CA TYR D 372 -27.93 45.66 25.92
C TYR D 372 -27.53 46.91 26.70
N LEU D 373 -28.48 47.81 26.94
CA LEU D 373 -28.17 49.10 27.55
C LEU D 373 -27.60 48.99 28.98
N PRO D 374 -28.21 48.17 29.86
CA PRO D 374 -27.56 48.07 31.18
C PRO D 374 -26.21 47.37 31.10
N THR D 375 -26.07 46.46 30.15
CA THR D 375 -24.79 45.78 29.91
C THR D 375 -23.76 46.77 29.40
N ALA D 376 -24.22 47.76 28.65
CA ALA D 376 -23.35 48.78 28.08
C ALA D 376 -22.73 49.67 29.16
N ILE D 377 -23.58 50.25 30.01
CA ILE D 377 -23.10 51.16 31.05
C ILE D 377 -22.36 50.43 32.17
N ALA D 378 -22.72 49.17 32.41
CA ALA D 378 -22.06 48.38 33.43
C ALA D 378 -20.62 48.10 33.04
N ASN D 379 -20.39 47.86 31.74
CA ASN D 379 -19.05 47.66 31.22
C ASN D 379 -18.26 48.96 31.18
N GLU D 380 -18.98 50.07 30.98
CA GLU D 380 -18.35 51.38 30.92
C GLU D 380 -17.73 51.75 32.27
N ILE D 381 -18.38 51.28 33.34
CA ILE D 381 -17.82 51.44 34.68
C ILE D 381 -16.48 50.71 34.77
N ASN D 382 -16.51 49.42 34.50
CA ASN D 382 -15.30 48.62 34.40
C ASN D 382 -15.58 47.31 33.67
N ARG D 383 -14.73 46.98 32.70
CA ARG D 383 -14.90 45.77 31.91
C ARG D 383 -14.78 44.52 32.77
N ASN D 384 -13.83 44.53 33.69
CA ASN D 384 -13.61 43.41 34.60
C ASN D 384 -14.39 43.57 35.90
N SER D 385 -15.48 42.85 36.03
CA SER D 385 -16.33 42.93 37.21
C SER D 385 -17.11 41.63 37.43
N ASN D 386 -17.19 41.18 38.67
CA ASN D 386 -17.91 39.96 39.00
C ASN D 386 -19.41 40.13 38.80
N PHE D 387 -19.86 41.39 38.77
CA PHE D 387 -21.27 41.68 38.56
C PHE D 387 -21.61 41.81 37.08
N VAL D 388 -20.66 42.32 36.30
CA VAL D 388 -20.90 42.55 34.87
C VAL D 388 -20.85 41.23 34.08
N LYS D 389 -20.24 40.20 34.65
CA LYS D 389 -20.20 38.90 34.01
C LYS D 389 -21.52 38.16 34.21
N ILE D 390 -22.02 38.21 35.45
CA ILE D 390 -23.32 37.60 35.77
C ILE D 390 -24.43 38.35 35.05
N LEU D 391 -24.29 39.67 34.95
CA LEU D 391 -25.27 40.50 34.26
C LEU D 391 -25.32 40.15 32.78
N SER D 392 -24.16 39.91 32.20
CA SER D 392 -24.06 39.56 30.78
C SER D 392 -24.83 38.28 30.47
N ILE D 393 -24.69 37.30 31.35
CA ILE D 393 -25.41 36.04 31.21
C ILE D 393 -26.92 36.29 31.25
N VAL D 394 -27.36 37.09 32.22
CA VAL D 394 -28.77 37.44 32.34
C VAL D 394 -29.23 38.24 31.12
N ALA D 395 -28.39 39.15 30.65
CA ALA D 395 -28.70 39.99 29.51
C ALA D 395 -28.91 39.16 28.24
N THR D 396 -28.13 38.10 28.09
CA THR D 396 -28.25 37.22 26.92
C THR D 396 -29.60 36.53 26.89
N PHE D 397 -30.01 35.97 28.03
CA PHE D 397 -31.30 35.31 28.13
C PHE D 397 -32.42 36.29 27.85
N VAL D 398 -32.22 37.55 28.23
CA VAL D 398 -33.19 38.59 27.91
C VAL D 398 -33.23 38.83 26.40
N MET D 399 -32.04 38.89 25.79
CA MET D 399 -31.93 39.09 24.35
C MET D 399 -32.48 37.90 23.59
N ILE D 400 -32.17 36.69 24.06
CA ILE D 400 -32.62 35.47 23.41
C ILE D 400 -34.14 35.34 23.46
N ILE D 401 -34.71 35.52 24.65
CA ILE D 401 -36.16 35.46 24.82
C ILE D 401 -36.85 36.51 23.95
N SER D 402 -36.32 37.73 23.95
CA SER D 402 -36.90 38.83 23.18
C SER D 402 -36.87 38.56 21.68
N PHE D 403 -35.77 38.00 21.19
CA PHE D 403 -35.61 37.78 19.76
C PHE D 403 -36.40 36.55 19.29
N ALA D 404 -36.39 35.50 20.10
CA ALA D 404 -37.02 34.24 19.73
C ALA D 404 -38.54 34.36 19.62
N VAL D 405 -39.13 35.26 20.41
CA VAL D 405 -40.58 35.39 20.45
C VAL D 405 -41.09 36.34 19.37
N SER D 406 -40.24 37.24 18.91
CA SER D 406 -40.68 38.31 18.02
C SER D 406 -39.95 38.35 16.68
N TYR D 407 -38.79 39.02 16.66
CA TYR D 407 -38.09 39.33 15.42
C TYR D 407 -37.73 38.09 14.61
N GLY D 408 -37.34 37.03 15.29
CA GLY D 408 -37.00 35.78 14.65
C GLY D 408 -38.08 35.23 13.74
N PRO D 409 -39.24 34.85 14.32
CA PRO D 409 -40.36 34.31 13.54
C PRO D 409 -41.06 35.33 12.64
N VAL D 410 -41.33 36.53 13.15
CA VAL D 410 -42.16 37.50 12.43
C VAL D 410 -41.58 37.93 11.08
N LEU D 411 -40.28 38.22 11.03
CA LEU D 411 -39.65 38.73 9.82
C LEU D 411 -39.91 37.84 8.60
N TRP D 412 -39.64 36.55 8.74
CA TRP D 412 -39.80 35.61 7.64
C TRP D 412 -41.27 35.44 7.27
N ILE D 413 -42.15 35.65 8.25
CA ILE D 413 -43.59 35.67 8.01
C ILE D 413 -43.98 36.94 7.29
N TYR D 414 -43.40 38.06 7.73
CA TYR D 414 -43.75 39.38 7.22
C TYR D 414 -43.32 39.58 5.77
N LEU D 415 -42.17 39.01 5.41
CA LEU D 415 -41.59 39.23 4.08
C LEU D 415 -42.40 38.61 2.95
N HIS D 416 -43.32 37.73 3.30
CA HIS D 416 -44.17 37.09 2.29
C HIS D 416 -45.63 37.51 2.45
N GLU D 417 -45.82 38.70 3.01
CA GLU D 417 -47.16 39.25 3.22
C GLU D 417 -47.19 40.74 2.92
N MET D 418 -46.02 41.33 2.72
CA MET D 418 -45.89 42.78 2.60
C MET D 418 -45.65 43.25 1.17
N PHE D 419 -45.59 42.32 0.23
CA PHE D 419 -45.31 42.66 -1.15
C PHE D 419 -46.50 42.42 -2.07
N PRO D 420 -46.64 43.26 -3.11
CA PRO D 420 -47.66 43.06 -4.14
C PRO D 420 -47.36 41.80 -4.95
N SER D 421 -48.37 41.25 -5.62
CA SER D 421 -48.22 40.00 -6.36
C SER D 421 -47.24 40.14 -7.52
N GLU D 422 -47.13 41.35 -8.06
CA GLU D 422 -46.29 41.61 -9.22
C GLU D 422 -44.81 41.39 -8.94
N ILE D 423 -44.42 41.52 -7.67
CA ILE D 423 -43.05 41.31 -7.26
C ILE D 423 -42.98 40.50 -5.96
N LYS D 424 -44.02 39.71 -5.71
CA LYS D 424 -44.15 38.93 -4.47
C LYS D 424 -42.94 38.04 -4.20
N ASP D 425 -42.51 37.30 -5.22
CA ASP D 425 -41.43 36.33 -5.05
C ASP D 425 -40.06 36.98 -5.17
N SER D 426 -39.90 37.84 -6.17
CA SER D 426 -38.61 38.46 -6.46
C SER D 426 -38.12 39.39 -5.36
N ALA D 427 -39.01 40.23 -4.86
CA ALA D 427 -38.66 41.20 -3.83
C ALA D 427 -38.35 40.52 -2.50
N ALA D 428 -39.00 39.38 -2.26
CA ALA D 428 -38.80 38.64 -1.02
C ALA D 428 -37.41 38.02 -0.99
N SER D 429 -36.90 37.65 -2.16
CA SER D 429 -35.57 37.05 -2.26
C SER D 429 -34.48 38.10 -2.08
N LEU D 430 -34.74 39.30 -2.59
CA LEU D 430 -33.79 40.41 -2.44
C LEU D 430 -33.67 40.79 -0.97
N ALA D 431 -34.81 40.81 -0.27
CA ALA D 431 -34.84 41.11 1.16
C ALA D 431 -34.11 40.04 1.96
N SER D 432 -34.27 38.78 1.54
CA SER D 432 -33.60 37.67 2.19
C SER D 432 -32.10 37.73 1.94
N LEU D 433 -31.71 38.30 0.81
CA LEU D 433 -30.31 38.48 0.46
C LEU D 433 -29.67 39.53 1.35
N VAL D 434 -30.35 40.65 1.52
CA VAL D 434 -29.88 41.74 2.36
C VAL D 434 -29.66 41.28 3.79
N ASN D 435 -30.52 40.37 4.24
CA ASN D 435 -30.40 39.81 5.59
C ASN D 435 -29.06 39.12 5.82
N TRP D 436 -28.70 38.22 4.91
CA TRP D 436 -27.45 37.47 5.06
C TRP D 436 -26.24 38.33 4.74
N VAL D 437 -26.44 39.41 3.99
CA VAL D 437 -25.37 40.37 3.76
C VAL D 437 -25.04 41.10 5.06
N CYS D 438 -26.09 41.50 5.77
CA CYS D 438 -25.92 42.20 7.04
C CYS D 438 -25.34 41.29 8.13
N ALA D 439 -25.46 39.98 7.93
CA ALA D 439 -24.85 39.01 8.83
C ALA D 439 -23.34 39.14 8.79
N ILE D 440 -22.81 39.46 7.60
CA ILE D 440 -21.38 39.69 7.45
C ILE D 440 -21.00 41.05 8.01
N ILE D 441 -21.91 42.02 7.86
CA ILE D 441 -21.67 43.39 8.29
C ILE D 441 -21.62 43.50 9.82
N VAL D 442 -22.35 42.64 10.52
CA VAL D 442 -22.44 42.71 11.97
C VAL D 442 -21.48 41.77 12.68
N VAL D 443 -21.59 40.48 12.39
CA VAL D 443 -20.88 39.44 13.13
C VAL D 443 -19.35 39.63 13.17
N PHE D 444 -18.74 39.77 12.00
CA PHE D 444 -17.28 39.86 11.93
C PHE D 444 -16.70 41.12 12.60
N PRO D 445 -17.27 42.31 12.32
CA PRO D 445 -16.72 43.47 13.04
C PRO D 445 -16.99 43.42 14.55
N SER D 446 -18.14 42.85 14.94
CA SER D 446 -18.50 42.77 16.35
C SER D 446 -17.49 41.94 17.15
N ASP D 447 -16.98 40.88 16.55
CA ASP D 447 -16.00 40.01 17.19
C ASP D 447 -14.70 40.75 17.44
N ILE D 448 -14.39 41.71 16.58
CA ILE D 448 -13.18 42.52 16.72
C ILE D 448 -13.36 43.59 17.79
N ILE D 449 -14.55 44.19 17.81
CA ILE D 449 -14.85 45.29 18.73
C ILE D 449 -15.07 44.79 20.15
N ILE D 450 -15.71 43.63 20.29
CA ILE D 450 -16.06 43.09 21.61
C ILE D 450 -14.81 42.79 22.45
N LYS D 451 -13.67 42.60 21.78
CA LYS D 451 -12.43 42.32 22.48
C LYS D 451 -11.68 43.60 22.82
N LYS D 452 -11.96 44.66 22.06
CA LYS D 452 -11.32 45.95 22.29
C LYS D 452 -12.17 46.86 23.17
N SER D 453 -13.47 46.94 22.86
CA SER D 453 -14.36 47.80 23.61
C SER D 453 -15.80 47.27 23.58
N PRO D 454 -16.15 46.45 24.58
CA PRO D 454 -17.49 45.84 24.70
C PRO D 454 -18.59 46.89 24.83
N SER D 455 -18.30 47.97 25.53
CA SER D 455 -19.29 49.03 25.77
C SER D 455 -19.75 49.70 24.47
N ILE D 456 -18.83 49.87 23.54
CA ILE D 456 -19.14 50.51 22.25
C ILE D 456 -20.03 49.62 21.40
N LEU D 457 -19.79 48.30 21.44
CA LEU D 457 -20.62 47.37 20.69
C LEU D 457 -22.01 47.27 21.29
N PHE D 458 -22.09 47.36 22.62
CA PHE D 458 -23.36 47.26 23.32
C PHE D 458 -24.16 48.54 23.22
N ILE D 459 -23.48 49.66 23.00
CA ILE D 459 -24.18 50.94 22.90
C ILE D 459 -24.71 51.18 21.48
N VAL D 460 -24.06 50.61 20.48
CA VAL D 460 -24.54 50.75 19.10
C VAL D 460 -25.66 49.76 18.85
N PHE D 461 -25.69 48.67 19.62
CA PHE D 461 -26.79 47.73 19.56
C PHE D 461 -28.03 48.32 20.22
N SER D 462 -27.82 49.02 21.33
CA SER D 462 -28.91 49.67 22.05
C SER D 462 -29.52 50.79 21.20
N VAL D 463 -28.67 51.57 20.55
CA VAL D 463 -29.12 52.63 19.67
C VAL D 463 -29.88 52.05 18.47
N MET D 464 -29.33 50.98 17.90
CA MET D 464 -29.93 50.35 16.73
C MET D 464 -31.31 49.78 17.06
N SER D 465 -31.50 49.34 18.29
CA SER D 465 -32.79 48.80 18.72
C SER D 465 -33.85 49.89 18.73
N ILE D 466 -33.50 51.04 19.31
CA ILE D 466 -34.38 52.19 19.37
C ILE D 466 -34.71 52.71 17.97
N LEU D 467 -33.69 52.81 17.13
CA LEU D 467 -33.85 53.25 15.76
C LEU D 467 -34.77 52.31 14.99
N THR D 468 -34.65 51.02 15.27
CA THR D 468 -35.52 50.02 14.65
C THR D 468 -36.96 50.17 15.13
N PHE D 469 -37.12 50.40 16.43
CA PHE D 469 -38.43 50.63 17.04
C PHE D 469 -39.17 51.75 16.32
N PHE D 470 -38.54 52.91 16.24
CA PHE D 470 -39.14 54.08 15.60
C PHE D 470 -39.33 53.85 14.10
N PHE D 471 -38.42 53.09 13.50
CA PHE D 471 -38.54 52.73 12.09
C PHE D 471 -39.80 51.91 11.84
N ILE D 472 -40.00 50.88 12.65
CA ILE D 472 -41.16 50.03 12.55
C ILE D 472 -42.45 50.79 12.87
N PHE D 473 -42.40 51.58 13.93
CA PHE D 473 -43.57 52.29 14.42
C PHE D 473 -44.14 53.30 13.42
N PHE D 474 -43.25 53.95 12.66
CA PHE D 474 -43.67 55.02 11.77
C PHE D 474 -43.78 54.61 10.31
N PHE D 475 -43.09 53.53 9.93
CA PHE D 475 -43.02 53.15 8.52
C PHE D 475 -43.64 51.78 8.24
N ILE D 476 -43.47 50.85 9.17
CA ILE D 476 -43.98 49.49 8.98
C ILE D 476 -45.46 49.37 9.32
N LYS D 477 -46.25 48.87 8.38
CA LYS D 477 -47.68 48.69 8.58
C LYS D 477 -48.01 47.25 8.99
N GLU D 478 -49.26 47.03 9.40
CA GLU D 478 -49.69 45.71 9.82
C GLU D 478 -50.18 44.89 8.62
N THR D 479 -49.78 43.62 8.57
CA THR D 479 -50.19 42.73 7.49
C THR D 479 -51.08 41.60 8.00
N LYS D 480 -51.69 41.80 9.16
CA LYS D 480 -52.51 40.78 9.80
C LYS D 480 -53.76 40.42 9.00
N GLY D 481 -53.90 39.13 8.70
CA GLY D 481 -55.10 38.61 8.06
C GLY D 481 -55.31 39.06 6.62
N GLY D 482 -54.28 39.67 6.03
CA GLY D 482 -54.38 40.13 4.66
C GLY D 482 -54.52 39.00 3.66
N GLU D 483 -55.32 39.22 2.63
CA GLU D 483 -55.50 38.23 1.57
C GLU D 483 -54.19 38.00 0.83
N ILE D 484 -54.09 36.89 0.10
CA ILE D 484 -52.84 36.54 -0.56
C ILE D 484 -52.50 37.57 -1.65
N GLY D 485 -51.22 37.90 -1.73
CA GLY D 485 -50.73 38.79 -2.77
C GLY D 485 -51.08 40.26 -2.63
N THR D 486 -51.57 40.68 -1.46
CA THR D 486 -51.84 42.09 -1.23
C THR D 486 -50.89 42.66 -0.19
N SER D 487 -50.64 43.96 -0.27
CA SER D 487 -49.77 44.64 0.68
C SER D 487 -50.53 45.80 1.34
N PRO D 488 -50.29 46.02 2.64
CA PRO D 488 -50.94 47.14 3.33
C PRO D 488 -50.35 48.48 2.92
N TYR D 489 -49.20 48.44 2.25
CA TYR D 489 -48.51 49.65 1.84
C TYR D 489 -49.06 50.19 0.52
N ILE D 490 -49.44 49.27 -0.37
CA ILE D 490 -49.94 49.63 -1.69
C ILE D 490 -51.18 48.80 -2.07
N THR D 491 -52.19 49.45 -2.65
CA THR D 491 -53.44 48.78 -3.00
C THR D 491 -53.59 48.57 -4.51
N MET D 492 -54.45 47.61 -4.88
CA MET D 492 -54.69 47.30 -6.29
C MET D 492 -55.07 48.55 -7.07
N GLU D 493 -56.05 49.28 -6.56
CA GLU D 493 -56.49 50.51 -7.23
C GLU D 493 -55.26 51.30 -7.66
N GLU D 494 -54.37 51.56 -6.70
CA GLU D 494 -53.10 52.23 -6.97
C GLU D 494 -52.20 51.38 -7.86
N ARG D 495 -52.16 50.07 -7.61
CA ARG D 495 -51.33 49.17 -8.40
C ARG D 495 -51.71 49.16 -9.88
N GLN D 496 -53.01 49.04 -10.14
CA GLN D 496 -53.51 48.96 -11.52
C GLN D 496 -53.12 50.21 -12.29
N LYS D 497 -53.05 51.32 -11.56
CA LYS D 497 -52.70 52.62 -12.14
C LYS D 497 -51.26 52.70 -12.58
N HIS D 498 -50.34 52.38 -11.66
CA HIS D 498 -48.91 52.54 -11.89
C HIS D 498 -48.44 51.81 -13.14
N MET D 499 -48.93 50.59 -13.34
CA MET D 499 -48.61 49.84 -14.53
C MET D 499 -49.74 49.97 -15.55
C2 BGC E . 32.02 -34.60 -12.32
C3 BGC E . 33.15 -33.96 -11.52
C4 BGC E . 34.24 -33.54 -12.54
C5 BGC E . 33.61 -32.47 -13.48
C6 BGC E . 34.71 -32.15 -14.51
C1 BGC E . 31.50 -33.45 -13.22
O1 BGC E . 30.53 -34.09 -13.97
O2 BGC E . 31.03 -34.96 -11.42
O3 BGC E . 33.77 -34.87 -10.68
O4 BGC E . 35.27 -32.90 -11.85
O5 BGC E . 32.49 -33.04 -14.14
O6 BGC E . 34.15 -31.28 -15.46
C1 BNG F . 47.70 -24.91 -12.81
C2 BNG F . 49.16 -25.29 -12.89
C3 BNG F . 50.02 -24.03 -12.86
C4 BNG F . 49.51 -23.03 -13.88
C5 BNG F . 48.01 -22.85 -13.72
C6 BNG F . 47.51 -21.86 -14.75
C1' BNG F . 45.55 -25.84 -12.61
C2' BNG F . 44.86 -27.15 -12.32
C3' BNG F . 44.13 -27.63 -13.55
C4' BNG F . 43.27 -28.83 -13.19
C5' BNG F . 42.12 -28.95 -14.17
C6' BNG F . 42.52 -29.83 -15.33
C7' BNG F . 41.42 -30.84 -15.59
C8' BNG F . 40.77 -30.56 -16.92
C9' BNG F . 39.70 -31.60 -17.18
O1 BNG F . 46.92 -26.07 -12.86
O2 BNG F . 49.49 -26.10 -11.79
O3 BNG F . 51.35 -24.37 -13.16
O4 BNG F . 50.16 -21.81 -13.69
O5 BNG F . 47.37 -24.09 -13.91
O6 BNG F . 46.29 -21.31 -14.31
C1 BNG G . 51.28 -41.13 -17.50
C2 BNG G . 52.29 -41.85 -18.37
C3 BNG G . 53.22 -42.67 -17.52
C4 BNG G . 53.79 -41.80 -16.41
C5 BNG G . 52.66 -41.10 -15.69
C6 BNG G . 53.24 -40.23 -14.58
C1' BNG G . 49.37 -39.77 -17.62
C2' BNG G . 48.34 -39.28 -18.61
C3' BNG G . 47.27 -40.33 -18.79
C4' BNG G . 45.91 -39.65 -18.77
C5' BNG G . 44.85 -40.65 -18.37
C6' BNG G . 44.05 -40.09 -17.22
C7' BNG G . 44.96 -39.83 -16.04
C8' BNG G . 44.15 -39.77 -14.77
C9' BNG G . 43.55 -41.14 -14.50
O1 BNG G . 50.43 -40.37 -18.32
O2 BNG G . 51.61 -42.71 -19.27
O3 BNG G . 54.28 -43.16 -18.31
O4 BNG G . 54.51 -42.61 -15.50
O5 BNG G . 51.96 -40.29 -16.60
O6 BNG G . 53.34 -41.00 -13.40
C1 BNG H . 46.60 -7.96 4.30
C2 BNG H . 46.71 -9.25 3.52
C3 BNG H . 47.40 -10.30 4.35
C4 BNG H . 48.70 -9.76 4.90
C5 BNG H . 48.39 -8.47 5.64
C6 BNG H . 49.65 -7.94 6.28
C1' BNG H . 44.63 -6.80 3.64
C2' BNG H . 44.31 -5.47 4.28
C3' BNG H . 43.34 -5.68 5.42
C4' BNG H . 42.16 -6.50 4.96
C5' BNG H . 41.32 -6.89 6.15
C6' BNG H . 40.20 -7.83 5.72
C7' BNG H . 39.62 -8.51 6.94
C8' BNG H . 38.11 -8.49 6.86
C9' BNG H . 37.54 -9.47 7.87
O1 BNG H . 46.03 -6.96 3.50
O2 BNG H . 45.43 -9.73 3.17
O3 BNG H . 47.68 -11.43 3.54
O4 BNG H . 49.27 -10.69 5.78
O5 BNG H . 47.87 -7.53 4.74
O6 BNG H . 50.17 -8.91 7.17
C1 BNG I . 46.80 -27.24 16.31
C2 BNG I . 46.59 -25.83 16.82
C3 BNG I . 47.80 -24.98 16.49
C4 BNG I . 49.06 -25.68 16.94
C5 BNG I . 49.05 -27.08 16.39
C6 BNG I . 50.34 -27.78 16.75
C1' BNG I . 45.78 -29.32 15.98
C2' BNG I . 44.65 -30.22 16.44
C3' BNG I . 43.33 -29.63 16.01
C4' BNG I . 43.29 -29.50 14.50
C5' BNG I . 41.92 -28.99 14.11
C6' BNG I . 41.89 -28.67 12.64
C7' BNG I . 40.50 -28.19 12.28
C8' BNG I . 40.46 -27.82 10.82
C9' BNG I . 39.03 -27.60 10.40
O1 BNG I . 45.69 -28.06 16.61
O2 BNG I . 45.45 -25.27 16.20
O3 BNG I . 47.70 -23.73 17.14
O4 BNG I . 50.18 -25.00 16.43
O5 BNG I . 47.96 -27.79 16.91
O6 BNG I . 51.06 -28.02 15.54
C2 BGC J . 23.48 -5.67 28.34
C3 BGC J . 24.86 -6.07 27.80
C4 BGC J . 25.82 -6.05 29.01
C5 BGC J . 25.34 -7.11 30.03
C6 BGC J . 26.31 -7.04 31.21
C1 BGC J . 23.13 -6.79 29.36
O1 BGC J . 21.91 -6.35 29.85
O2 BGC J . 22.60 -5.73 27.27
O3 BGC J . 25.35 -5.14 26.90
O4 BGC J . 27.08 -6.48 28.57
O5 BGC J . 24.03 -6.79 30.44
O6 BGC J . 25.99 -8.06 32.10
C1 BNG K . 38.66 5.55 37.28
C2 BNG K . 39.19 6.52 38.31
C3 BNG K . 40.13 7.50 37.67
C4 BNG K . 41.17 6.77 36.85
C5 BNG K . 40.46 5.82 35.90
C6 BNG K . 41.49 5.13 35.04
C1' BNG K . 36.87 4.05 37.04
C2' BNG K . 35.83 3.30 37.84
C3' BNG K . 34.54 3.30 37.06
C4' BNG K . 33.58 2.28 37.63
C5' BNG K . 32.30 2.32 36.81
C6' BNG K . 32.61 1.96 35.38
C7' BNG K . 32.04 3.06 34.49
C8' BNG K . 32.66 2.98 33.11
C9' BNG K . 32.91 4.37 32.57
O1 BNG K . 37.82 4.61 37.90
O2 BNG K . 38.12 7.20 38.91
O3 BNG K . 40.78 8.27 38.66
O4 BNG K . 41.93 7.69 36.11
O5 BNG K . 39.73 4.88 36.64
O6 BNG K . 42.26 6.10 34.37
C1 BNG L . 40.26 -10.92 32.88
C2 BNG L . 41.34 -9.98 33.39
C3 BNG L . 42.60 -10.75 33.72
C4 BNG L . 42.25 -11.91 34.62
C5 BNG L . 41.17 -12.73 33.96
C6 BNG L . 40.87 -13.93 34.82
C1' BNG L . 38.81 -9.76 31.39
C2' BNG L . 37.32 -9.64 31.15
C3' BNG L . 36.63 -9.07 32.37
C4' BNG L . 35.22 -8.67 32.00
C5' BNG L . 34.40 -8.54 33.27
C6' BNG L . 33.58 -7.28 33.20
C7' BNG L . 32.54 -7.32 34.30
C8' BNG L . 31.66 -6.10 34.19
C9' BNG L . 30.45 -6.28 35.08
O1 BNG L . 39.06 -10.21 32.71
O2 BNG L . 41.66 -9.02 32.41
O3 BNG L . 43.52 -9.92 34.39
O4 BNG L . 43.39 -12.71 34.85
O5 BNG L . 40.02 -11.95 33.82
O6 BNG L . 39.87 -14.72 34.21
C2 BGC M . -17.64 5.42 -26.51
C3 BGC M . -16.62 5.55 -25.38
C4 BGC M . -15.22 5.60 -26.03
C5 BGC M . -15.15 6.85 -26.94
C6 BGC M . -13.75 6.81 -27.59
C1 BGC M . -17.45 6.69 -27.37
O1 BGC M . -18.31 6.47 -28.42
O2 BGC M . -18.90 5.44 -25.95
O3 BGC M . -16.62 4.42 -24.56
O4 BGC M . -14.27 5.81 -25.03
O5 BGC M . -16.15 6.75 -27.93
O6 BGC M . -13.60 7.98 -28.32
C1 BNG N . -0.60 -6.88 -25.84
C2 BNG N . 0.33 -7.88 -26.49
C3 BNG N . 0.57 -9.05 -25.54
C4 BNG N . 0.94 -8.55 -24.16
C5 BNG N . -0.05 -7.50 -23.71
C6 BNG N . 0.34 -7.02 -22.34
C1' BNG N . -2.13 -5.30 -26.69
C2' BNG N . -2.45 -4.59 -27.98
C3' BNG N . -3.83 -5.00 -28.43
C4' BNG N . -4.47 -3.90 -29.25
C5' BNG N . -5.92 -3.77 -28.86
C6' BNG N . -6.05 -2.78 -27.71
C7' BNG N . -7.11 -3.26 -26.74
C8' BNG N . -6.64 -4.55 -26.10
C9' BNG N . -7.66 -4.99 -25.06
O1 BNG N . -0.81 -5.79 -26.71
O2 BNG N . -0.24 -8.37 -27.68
O3 BNG N . 1.61 -9.84 -26.04
O4 BNG N . 0.91 -9.63 -23.26
O5 BNG N . -0.05 -6.42 -24.63
O6 BNG N . -0.28 -7.84 -21.37
C1 BNG O . -0.82 9.11 -19.74
C2 BNG O . 0.40 8.39 -19.23
C3 BNG O . 1.49 9.39 -18.90
C4 BNG O . 1.71 10.32 -20.08
C5 BNG O . 0.38 10.89 -20.53
C6 BNG O . 0.60 11.81 -21.71
C1' BNG O . -3.02 8.80 -20.48
C2' BNG O . -3.72 7.86 -21.44
C3' BNG O . -5.09 8.42 -21.79
C4' BNG O . -5.93 7.34 -22.43
C5' BNG O . -5.36 6.98 -23.78
C6' BNG O . -6.21 5.89 -24.40
C7' BNG O . -6.29 6.09 -25.91
C8' BNG O . -7.39 5.22 -26.47
C9' BNG O . -7.61 5.56 -27.93
O1 BNG O . -1.83 8.19 -20.04
O2 BNG O . 0.07 7.67 -18.06
O3 BNG O . 2.69 8.72 -18.62
O4 BNG O . 2.56 11.37 -19.70
O5 BNG O . -0.48 9.84 -20.90
O6 BNG O . 0.53 13.15 -21.28
C1 BNG P . -29.83 30.45 -15.74
C2 BNG P . -28.32 30.40 -15.86
C3 BNG P . -27.70 30.72 -14.52
C4 BNG P . -28.27 32.01 -13.98
C5 BNG P . -29.78 31.91 -13.99
C6 BNG P . -30.37 33.20 -13.44
C1' BNG P . -30.18 31.15 -17.97
C2' BNG P . -31.47 31.89 -18.29
C3' BNG P . -31.82 31.68 -19.74
C4' BNG P . -32.31 30.27 -19.95
C5' BNG P . -33.79 30.20 -19.65
C6' BNG P . -34.26 28.76 -19.74
C7' BNG P . -35.75 28.70 -19.48
C8' BNG P . -36.18 27.25 -19.43
C9' BNG P . -37.67 27.18 -19.15
O1 BNG P . -30.42 30.17 -16.99
O2 BNG P . -27.92 29.12 -16.28
O3 BNG P . -26.30 30.85 -14.66
O4 BNG P . -27.82 32.21 -12.66
O5 BNG P . -30.24 31.72 -15.31
O6 BNG P . -30.08 33.30 -12.06
C1 BNG Q . -14.16 5.94 6.81
C2 BNG Q . -12.72 5.65 7.16
C3 BNG Q . -12.12 6.83 7.88
C4 BNG Q . -12.36 8.10 7.10
C5 BNG Q . -13.84 8.21 6.80
C6 BNG Q . -14.10 9.49 6.03
C1' BNG Q . -16.10 4.75 6.14
C2' BNG Q . -16.64 4.47 4.75
C3' BNG Q . -16.27 5.62 3.83
C4' BNG Q . -17.08 5.56 2.56
C5' BNG Q . -16.80 6.81 1.76
C6' BNG Q . -17.64 6.81 0.49
C7' BNG Q . -17.36 8.09 -0.28
C8' BNG Q . -18.04 8.02 -1.63
C9' BNG Q . -19.53 8.02 -1.45
O1 BNG Q . -14.70 4.86 6.09
O2 BNG Q . -12.67 4.50 7.99
O3 BNG Q . -10.73 6.63 8.03
O4 BNG Q . -11.94 9.21 7.86
O5 BNG Q . -14.24 7.11 6.03
O6 BNG Q . -13.09 9.65 5.05
C2 BGC R . -32.60 34.31 12.13
C3 BGC R . -31.31 33.48 12.14
C4 BGC R . -31.00 33.14 13.62
C5 BGC R . -32.18 32.28 14.16
C6 BGC R . -31.84 32.01 15.64
C1 BGC R . -33.67 33.36 12.73
O1 BGC R . -34.79 34.16 12.75
O2 BGC R . -32.92 34.58 10.81
O3 BGC R . -30.23 34.21 11.69
O4 BGC R . -29.88 32.33 13.67
O5 BGC R . -33.37 33.03 14.07
O6 BGC R . -32.92 31.34 16.20
C1 BNG S . -19.56 40.09 27.37
C2 BNG S . -19.37 40.95 28.59
C3 BNG S . -18.16 41.83 28.39
C4 BNG S . -16.97 41.00 27.98
C5 BNG S . -17.37 40.12 26.80
C6 BNG S . -16.17 39.29 26.38
C1' BNG S . -21.50 39.18 26.40
C2' BNG S . -22.91 38.91 26.85
C3' BNG S . -23.85 39.90 26.19
C4' BNG S . -23.79 39.69 24.69
C5' BNG S . -25.20 39.54 24.16
C6' BNG S . -25.25 38.43 23.13
C7' BNG S . -24.20 38.68 22.06
C8' BNG S . -24.59 39.86 21.21
C9' BNG S . -23.34 40.66 20.89
O1 BNG S . -20.69 39.27 27.55
O2 BNG S . -20.52 41.74 28.79
O3 BNG S . -17.87 42.51 29.59
O4 BNG S . -15.91 41.83 27.60
O5 BNG S . -18.43 39.28 27.18
O6 BNG S . -16.63 38.16 25.65
C1 BNG T . -20.92 24.08 21.54
C2 BNG T . -19.97 24.37 22.68
C3 BNG T . -19.50 23.07 23.30
C4 BNG T . -20.69 22.19 23.62
C5 BNG T . -21.58 22.07 22.41
C6 BNG T . -22.78 21.21 22.74
C1' BNG T . -22.23 25.14 19.89
C2' BNG T . -22.68 26.51 19.42
C3' BNG T . -24.17 26.66 19.65
C4' BNG T . -24.48 28.10 19.97
C5' BNG T . -25.98 28.28 19.98
C6' BNG T . -26.33 29.64 20.54
C7' BNG T . -27.82 29.86 20.43
C8' BNG T . -28.14 31.30 20.77
C9' BNG T . -29.59 31.60 20.44
O1 BNG T . -21.37 25.30 21.00
O2 BNG T . -18.85 25.08 22.18
O3 BNG T . -18.79 23.35 24.48
O4 BNG T . -20.24 20.91 24.00
O5 BNG T . -22.03 23.35 22.04
O6 BNG T . -22.47 19.86 22.48
C1 BNG U . -3.88 26.40 -2.21
C2 BNG U . -3.24 26.37 -0.84
C3 BNG U . -2.28 25.21 -0.74
C4 BNG U . -2.96 23.94 -1.20
C5 BNG U . -3.55 24.17 -2.57
C6 BNG U . -4.19 22.88 -3.07
C1' BNG U . -4.96 28.04 -3.52
C2' BNG U . -6.22 28.89 -3.55
C3' BNG U . -7.41 28.01 -3.84
C4' BNG U . -8.20 27.75 -2.57
C5' BNG U . -8.82 26.39 -2.65
C6' BNG U . -10.22 26.43 -2.05
C7' BNG U . -11.14 27.21 -2.96
C8' BNG U . -12.58 26.95 -2.56
C9' BNG U . -13.50 27.78 -3.43
O1 BNG U . -4.84 27.43 -2.25
O2 BNG U . -2.54 27.57 -0.62
O3 BNG U . -1.84 25.06 0.59
O4 BNG U . -2.03 22.88 -1.25
O5 BNG U . -4.53 25.17 -2.47
O6 BNG U . -5.24 22.51 -2.21
#